data_3SR6
#
_entry.id   3SR6
#
_cell.length_a   133.046
_cell.length_b   73.236
_cell.length_c   138.023
_cell.angle_alpha   90.00
_cell.angle_beta   96.80
_cell.angle_gamma   90.00
#
_symmetry.space_group_name_H-M   'P 1 21 1'
#
loop_
_entity.id
_entity.type
_entity.pdbx_description
1 polymer 'Xanthine dehydrogenase/oxidase'
2 polymer 'Xanthine dehydrogenase/oxidase'
3 polymer 'Xanthine dehydrogenase/oxidase'
4 non-polymer 'FE2/S2 (INORGANIC) CLUSTER'
5 non-polymer 'FLAVIN-ADENINE DINUCLEOTIDE'
6 non-polymer 'PHOSPHONIC ACIDMONO-(2-AMINO-5,6-DIMERCAPTO-4-OXO-3,7,8A,9,10,10A-HEXAHYDRO-4H-8-OXA-1,3,9,10-TETRAAZA-ANTHRACEN-7-YLMETHYL)ESTER'
7 non-polymer [arsenothionito(2-)-kappa~2~O,S](oxo)molybdenum
8 water water
#
loop_
_entity_poly.entity_id
_entity_poly.type
_entity_poly.pdbx_seq_one_letter_code
_entity_poly.pdbx_strand_id
1 'polypeptide(L)'
;TADELVFFVNGKKVVEKNADPETTLLAYLRRKLGLRGTKLGCGEGGCGACTVMLSKYDRLQDKIIHFSANACLAPICTLH
HVAVTTVEGIGSTKTRLHPVQERIAKSHGSQCGFCTPGIVMSMYTLLRNQPEPTVEEIEDAFQGNLCRCTGYRPILQGFR
TFAK
;
A,J
2 'polypeptide(L)'
;PKQLRFEGERVTWIQASTLKELLDLKAQHPEAKLVVGNTEIGIEMKFKNQLFPMIICPAWIPELNAVEHGPEGISFGAAC
ALSSVEKTLLEAVAKLPTQKTEVFRGVLEQLRWFAGKQVKSVASLGGNIITASPISDLNPVFMASGTKLTIVSRGTRRTV
PMDHTFFPSYRKTLLGPEEILLSIEIPYSREDEFFSAFKQASRREDDIAKVTCGMRVLFQPGSMQVKELALCYGGMADRT
ISALKTTQKQLSKFWNEKLLQDVCAGLAEELSLSPDAPGGMIEFRRTLTLSFFFKFYLTVLKKLG
;
B,K
3 'polypeptide(L)'
;DTVGRPLPHLAAAMQASGEAVYCDDIPRYENELFLRLVTSTRAHAKIKSIDVSEAQKVPGFVCFLSADDIPGSNETGLFN
DETVFAKDTVTCVGHIIGAVVADTPEHAERAAHVVKVTYEDLPAIITIEDAIKNNSFYGSELKIEKGDLKKGFSEADNVV
SGELYIGGQDHFYLETHCTIAIPKGEEGEMELFVSTQNAMKTQSFVAKMLGVPVNRILVRVKRMGGGFGGKETRSTLVSV
AVALAAYKTGHPVRCMLDRNEDMLITGGRHPFLARYKVGFMKTGTIVALEVDHYSNAGNSRDLSHSIMERALFHMDNCYK
IPNIRGTGRLCKTNLSSNTAFRGFGGPQALFIAENWMSEVAVTCGLPAEEVRWKNMYKEGDLTHFNQRLEGFSVPRCWDE
CLKSSQYYARKSEVDKFNKENCWKKRGLCIIPTKFGISFTVPFLNQAGALIHVYTDGSVLVSHGGTEMGQGLHTKMVQVA
SKALKIPISKIYISETSTNTVPNSSPTAASVSTDIYGQAVYEACQTILKRLEPFKKKNPDGSWEDWVMAAYQDRVSLSTT
GFYRTPNLGYSFETNSGNAFHYFTYGVACSEVEIDCLTGDHKNLRTDIVMDVGSSLNPAIDIGQVEGAFVQGLGLFTLEE
LHYSPEGSLHTRGPSTYKIPAFGSIPTEFRVSLLRDCPNKKAIYASKAVGEPPLFLGASVFFAIKDAIRAARAQHTNNNT
KELFRLDSPATPEKIRNACVDKFTT
;
C,L
#
loop_
_chem_comp.id
_chem_comp.type
_chem_comp.name
_chem_comp.formula
FAD non-polymer 'FLAVIN-ADENINE DINUCLEOTIDE' 'C27 H33 N9 O15 P2'
FES non-polymer 'FE2/S2 (INORGANIC) CLUSTER' 'Fe2 S2'
MTE non-polymer 'PHOSPHONIC ACIDMONO-(2-AMINO-5,6-DIMERCAPTO-4-OXO-3,7,8A,9,10,10A-HEXAHYDRO-4H-8-OXA-1,3,9,10-TETRAAZA-ANTHRACEN-7-YLMETHYL)ESTER' 'C10 H14 N5 O6 P S2'
RMO non-polymer [arsenothionito(2-)-kappa~2~O,S](oxo)molybdenum 'As H Mo O3 S'
#
# COMPACT_ATOMS: atom_id res chain seq x y z
N THR A 1 -26.63 -28.02 -1.83
CA THR A 1 -26.47 -29.17 -0.88
C THR A 1 -25.07 -29.85 -0.96
N ALA A 2 -24.04 -29.13 -0.50
CA ALA A 2 -22.65 -29.60 -0.53
C ALA A 2 -22.09 -29.92 0.84
N ASP A 3 -21.17 -30.89 0.89
CA ASP A 3 -20.52 -31.27 2.13
C ASP A 3 -19.47 -30.23 2.52
N GLU A 4 -19.16 -30.15 3.81
CA GLU A 4 -18.08 -29.31 4.31
C GLU A 4 -16.76 -30.03 4.22
N LEU A 5 -15.73 -29.31 3.79
CA LEU A 5 -14.35 -29.82 3.80
C LEU A 5 -13.67 -29.35 5.06
N VAL A 6 -13.11 -30.29 5.80
CA VAL A 6 -12.45 -29.96 7.05
C VAL A 6 -11.00 -30.45 6.99
N PHE A 7 -10.06 -29.53 7.13
CA PHE A 7 -8.66 -29.91 7.27
C PHE A 7 -7.96 -29.01 8.26
N PHE A 8 -6.66 -29.22 8.46
CA PHE A 8 -5.92 -28.42 9.41
C PHE A 8 -4.74 -27.81 8.68
N VAL A 9 -4.39 -26.59 9.06
CA VAL A 9 -3.20 -25.93 8.57
C VAL A 9 -2.49 -25.38 9.81
N ASN A 10 -1.24 -25.82 10.02
CA ASN A 10 -0.38 -25.40 11.11
C ASN A 10 -1.00 -25.52 12.49
N GLY A 11 -1.76 -26.60 12.66
CA GLY A 11 -2.39 -26.93 13.93
C GLY A 11 -3.77 -26.32 14.07
N LYS A 12 -4.25 -25.62 13.02
CA LYS A 12 -5.46 -24.83 13.12
C LYS A 12 -6.55 -25.32 12.14
N LYS A 13 -7.76 -25.44 12.65
CA LYS A 13 -8.88 -26.03 11.89
C LYS A 13 -9.37 -25.11 10.78
N VAL A 14 -9.47 -25.66 9.58
CA VAL A 14 -10.11 -24.97 8.45
C VAL A 14 -11.38 -25.72 8.08
N VAL A 15 -12.51 -25.04 8.18
CA VAL A 15 -13.78 -25.56 7.71
C VAL A 15 -14.17 -24.78 6.47
N GLU A 16 -14.16 -25.43 5.31
CA GLU A 16 -14.57 -24.80 4.06
C GLU A 16 -15.97 -25.32 3.69
N LYS A 17 -16.95 -24.44 3.60
CA LYS A 17 -18.31 -24.86 3.41
C LYS A 17 -18.73 -24.84 1.93
N ASN A 18 -17.89 -24.23 1.10
CA ASN A 18 -18.14 -24.19 -0.33
C ASN A 18 -16.92 -24.49 -1.18
N ALA A 19 -16.25 -25.60 -0.87
CA ALA A 19 -15.05 -26.03 -1.59
C ALA A 19 -15.30 -26.19 -3.08
N ASP A 20 -14.44 -25.53 -3.87
CA ASP A 20 -14.38 -25.72 -5.31
C ASP A 20 -13.33 -26.78 -5.64
N PRO A 21 -13.75 -27.87 -6.32
CA PRO A 21 -12.90 -28.98 -6.75
C PRO A 21 -11.60 -28.58 -7.47
N GLU A 22 -11.63 -27.44 -8.17
CA GLU A 22 -10.51 -26.93 -8.94
C GLU A 22 -9.48 -26.16 -8.11
N THR A 23 -9.74 -25.97 -6.81
CA THR A 23 -8.86 -25.17 -5.96
C THR A 23 -7.66 -25.99 -5.46
N THR A 24 -6.47 -25.55 -5.84
CA THR A 24 -5.24 -26.16 -5.39
C THR A 24 -4.97 -25.74 -3.94
N LEU A 25 -4.18 -26.52 -3.20
CA LEU A 25 -3.81 -26.15 -1.84
C LEU A 25 -2.93 -24.88 -1.80
N LEU A 26 -2.06 -24.71 -2.79
CA LEU A 26 -1.29 -23.49 -2.93
C LEU A 26 -2.16 -22.24 -2.99
N ALA A 27 -3.12 -22.21 -3.91
CA ALA A 27 -4.00 -21.07 -4.03
C ALA A 27 -4.68 -20.77 -2.70
N TYR A 28 -5.06 -21.84 -2.01
CA TYR A 28 -5.81 -21.77 -0.75
C TYR A 28 -4.95 -21.18 0.37
N LEU A 29 -3.75 -21.71 0.54
CA LEU A 29 -2.81 -21.17 1.53
C LEU A 29 -2.55 -19.69 1.33
N ARG A 30 -2.28 -19.29 0.08
CA ARG A 30 -1.81 -17.96 -0.22
C ARG A 30 -2.93 -16.94 -0.24
N ARG A 31 -4.00 -17.27 -0.97
CA ARG A 31 -5.00 -16.29 -1.31
C ARG A 31 -6.28 -16.41 -0.47
N LYS A 32 -6.42 -17.49 0.29
CA LYS A 32 -7.55 -17.65 1.18
C LYS A 32 -7.09 -17.47 2.62
N LEU A 33 -6.01 -18.17 2.99
CA LEU A 33 -5.56 -18.16 4.36
C LEU A 33 -4.42 -17.16 4.61
N GLY A 34 -3.97 -16.52 3.54
CA GLY A 34 -2.99 -15.46 3.64
C GLY A 34 -1.63 -15.94 4.14
N LEU A 35 -1.31 -17.22 3.96
CA LEU A 35 -0.02 -17.77 4.37
C LEU A 35 0.92 -17.82 3.17
N ARG A 36 1.76 -16.80 3.02
CA ARG A 36 2.51 -16.63 1.76
C ARG A 36 3.96 -17.14 1.77
N GLY A 37 4.36 -17.80 2.84
CA GLY A 37 5.63 -18.54 2.84
C GLY A 37 5.77 -19.62 1.75
N THR A 38 4.67 -20.31 1.43
CA THR A 38 4.61 -21.35 0.41
C THR A 38 4.51 -20.65 -0.96
N LYS A 39 5.38 -21.03 -1.90
CA LYS A 39 5.58 -20.22 -3.14
C LYS A 39 5.19 -20.94 -4.43
N LEU A 40 4.86 -20.16 -5.44
CA LEU A 40 4.62 -20.71 -6.78
C LEU A 40 5.91 -20.60 -7.57
N GLY A 41 6.44 -21.70 -8.07
CA GLY A 41 7.68 -21.61 -8.88
C GLY A 41 7.48 -22.09 -10.31
N CYS A 42 6.49 -22.97 -10.53
CA CYS A 42 6.21 -23.58 -11.80
C CYS A 42 4.74 -24.04 -11.93
N GLY A 43 4.17 -24.59 -10.86
CA GLY A 43 2.80 -25.09 -10.92
C GLY A 43 2.67 -26.41 -11.67
N GLU A 44 3.79 -27.11 -11.85
CA GLU A 44 3.76 -28.39 -12.54
C GLU A 44 4.53 -29.49 -11.82
N GLY A 45 4.86 -29.25 -10.55
CA GLY A 45 5.45 -30.28 -9.68
C GLY A 45 6.95 -30.47 -9.83
N GLY A 46 7.59 -29.64 -10.65
CA GLY A 46 9.01 -29.78 -10.97
C GLY A 46 10.03 -29.17 -10.03
N CYS A 47 9.64 -28.10 -9.33
CA CYS A 47 10.59 -27.20 -8.66
C CYS A 47 10.58 -27.26 -7.14
N GLY A 48 9.44 -27.68 -6.56
CA GLY A 48 9.30 -27.83 -5.12
C GLY A 48 9.15 -26.58 -4.27
N ALA A 49 8.99 -25.43 -4.88
CA ALA A 49 8.87 -24.15 -4.14
C ALA A 49 7.64 -24.14 -3.26
N CYS A 50 6.67 -25.00 -3.62
CA CYS A 50 5.37 -25.10 -2.94
C CYS A 50 5.31 -26.32 -1.99
N THR A 51 6.44 -26.89 -1.65
CA THR A 51 6.46 -28.10 -0.86
C THR A 51 5.89 -27.76 0.49
N VAL A 52 5.05 -28.65 1.00
CA VAL A 52 4.50 -28.52 2.34
C VAL A 52 4.64 -29.91 2.90
N MET A 53 4.36 -30.08 4.18
CA MET A 53 4.21 -31.42 4.72
C MET A 53 2.74 -31.74 4.91
N LEU A 54 2.39 -33.00 4.72
CA LEU A 54 1.07 -33.48 5.01
C LEU A 54 1.14 -34.60 6.05
N SER A 55 0.11 -34.65 6.89
CA SER A 55 0.01 -35.66 7.96
C SER A 55 -1.40 -36.19 7.99
N LYS A 56 -1.52 -37.51 8.09
CA LYS A 56 -2.82 -38.12 8.34
C LYS A 56 -2.67 -39.37 9.18
N TYR A 57 -3.73 -39.73 9.88
CA TYR A 57 -3.81 -41.06 10.48
C TYR A 57 -4.12 -42.04 9.35
N ASP A 58 -3.24 -43.02 9.12
CA ASP A 58 -3.51 -44.03 8.10
C ASP A 58 -4.39 -45.17 8.61
N ARG A 59 -5.64 -45.18 8.17
CA ARG A 59 -6.66 -46.18 8.55
C ARG A 59 -6.27 -47.64 8.24
N LEU A 60 -5.38 -47.84 7.26
CA LEU A 60 -4.71 -49.12 7.06
C LEU A 60 -3.57 -49.28 8.08
N GLN A 61 -2.46 -48.59 7.81
CA GLN A 61 -1.20 -48.81 8.53
C GLN A 61 -1.22 -48.76 10.06
N ASP A 62 -2.34 -48.32 10.67
CA ASP A 62 -2.31 -47.75 12.02
C ASP A 62 -1.74 -46.35 11.82
N LYS A 63 -0.89 -45.88 12.74
CA LYS A 63 0.07 -44.79 12.47
C LYS A 63 -0.48 -43.42 12.03
N ILE A 64 0.18 -42.38 12.50
CA ILE A 64 0.14 -41.10 11.83
C ILE A 64 1.31 -41.15 10.85
N ILE A 65 1.04 -40.83 9.59
CA ILE A 65 2.10 -40.74 8.56
C ILE A 65 2.38 -39.28 8.16
N HIS A 66 3.66 -38.98 7.94
CA HIS A 66 4.09 -37.66 7.48
C HIS A 66 4.72 -37.77 6.11
N PHE A 67 4.38 -36.87 5.21
CA PHE A 67 4.98 -36.86 3.88
C PHE A 67 4.92 -35.48 3.24
N SER A 68 5.89 -35.19 2.37
CA SER A 68 5.92 -33.95 1.64
C SER A 68 4.98 -34.07 0.45
N ALA A 69 4.45 -32.93 -0.01
CA ALA A 69 3.59 -32.87 -1.18
C ALA A 69 3.79 -31.52 -1.85
N ASN A 70 3.53 -31.45 -3.15
CA ASN A 70 3.45 -30.19 -3.86
C ASN A 70 2.10 -29.49 -3.71
N ALA A 71 2.08 -28.34 -3.03
CA ALA A 71 0.82 -27.62 -2.81
C ALA A 71 0.16 -27.15 -4.09
N CYS A 72 0.97 -26.90 -5.13
CA CYS A 72 0.48 -26.47 -6.43
C CYS A 72 -0.41 -27.48 -7.16
N LEU A 73 -0.26 -28.77 -6.83
CA LEU A 73 -0.96 -29.85 -7.52
C LEU A 73 -1.95 -30.59 -6.65
N ALA A 74 -1.90 -30.32 -5.35
CA ALA A 74 -2.80 -30.98 -4.38
C ALA A 74 -4.16 -30.30 -4.40
N PRO A 75 -5.20 -31.01 -4.87
CA PRO A 75 -6.53 -30.41 -4.74
C PRO A 75 -6.94 -30.35 -3.24
N ILE A 76 -7.51 -29.23 -2.79
CA ILE A 76 -7.98 -29.14 -1.38
C ILE A 76 -8.94 -30.30 -1.06
N CYS A 77 -9.74 -30.67 -2.07
CA CYS A 77 -10.77 -31.73 -1.97
C CYS A 77 -10.23 -33.14 -1.74
N THR A 78 -8.92 -33.29 -1.72
CA THR A 78 -8.22 -34.53 -1.33
C THR A 78 -7.79 -34.50 0.13
N LEU A 79 -7.87 -33.33 0.75
CA LEU A 79 -7.25 -33.10 2.08
C LEU A 79 -8.21 -33.20 3.29
N HIS A 80 -9.42 -33.69 3.06
CA HIS A 80 -10.40 -33.80 4.14
C HIS A 80 -9.81 -34.66 5.24
N HIS A 81 -9.72 -34.10 6.45
CA HIS A 81 -9.07 -34.74 7.62
C HIS A 81 -7.55 -34.90 7.52
N VAL A 82 -6.92 -34.06 6.69
CA VAL A 82 -5.47 -34.03 6.58
C VAL A 82 -4.93 -32.76 7.25
N ALA A 83 -3.81 -32.89 7.95
CA ALA A 83 -3.10 -31.78 8.58
C ALA A 83 -1.96 -31.26 7.71
N VAL A 84 -2.05 -29.98 7.34
CA VAL A 84 -1.04 -29.34 6.49
C VAL A 84 -0.10 -28.60 7.42
N THR A 85 1.18 -28.71 7.13
CA THR A 85 2.24 -27.93 7.81
C THR A 85 3.00 -27.18 6.71
N THR A 86 3.08 -25.86 6.83
CA THR A 86 3.86 -25.02 5.93
C THR A 86 5.09 -24.48 6.70
N VAL A 87 5.95 -23.74 6.00
CA VAL A 87 7.18 -23.13 6.59
C VAL A 87 6.88 -22.31 7.89
N GLU A 88 5.74 -21.60 7.89
CA GLU A 88 5.35 -20.83 9.07
C GLU A 88 4.88 -21.70 10.24
N GLY A 89 4.61 -22.97 9.96
CA GLY A 89 4.19 -23.91 10.98
C GLY A 89 5.32 -24.39 11.87
N ILE A 90 6.57 -24.23 11.44
CA ILE A 90 7.69 -24.90 12.13
C ILE A 90 8.57 -24.00 12.99
N GLY A 91 8.52 -22.69 12.72
CA GLY A 91 9.38 -21.71 13.38
C GLY A 91 9.36 -20.36 12.67
N SER A 92 9.82 -19.32 13.37
CA SER A 92 9.90 -17.95 12.83
C SER A 92 10.92 -17.11 13.57
N THR A 93 11.32 -16.00 12.95
CA THR A 93 12.24 -15.03 13.55
C THR A 93 11.57 -14.28 14.68
N LYS A 94 10.24 -14.23 14.66
CA LYS A 94 9.44 -13.60 15.71
C LYS A 94 9.49 -14.41 16.99
N THR A 95 9.40 -15.72 16.84
CA THR A 95 9.37 -16.63 17.98
C THR A 95 10.74 -17.32 18.09
N ARG A 96 10.90 -18.44 17.38
CA ARG A 96 12.14 -19.19 17.30
C ARG A 96 12.19 -19.96 16.00
N LEU A 97 13.36 -19.96 15.38
CA LEU A 97 13.58 -20.75 14.16
C LEU A 97 13.77 -22.23 14.50
N HIS A 98 13.19 -23.10 13.67
CA HIS A 98 13.48 -24.51 13.72
C HIS A 98 14.97 -24.70 13.35
N PRO A 99 15.65 -25.68 13.96
CA PRO A 99 17.04 -26.03 13.55
C PRO A 99 17.26 -26.13 12.01
N VAL A 100 16.28 -26.62 11.26
CA VAL A 100 16.36 -26.63 9.80
C VAL A 100 16.50 -25.22 9.20
N GLN A 101 15.68 -24.30 9.69
CA GLN A 101 15.67 -22.93 9.20
C GLN A 101 16.98 -22.21 9.59
N GLU A 102 17.33 -22.31 10.86
CA GLU A 102 18.62 -21.77 11.34
C GLU A 102 19.84 -22.25 10.51
N ARG A 103 19.91 -23.56 10.27
CA ARG A 103 21.10 -24.12 9.63
C ARG A 103 21.20 -23.74 8.14
N ILE A 104 20.08 -23.74 7.40
CA ILE A 104 20.13 -23.26 6.01
C ILE A 104 20.53 -21.76 5.91
N ALA A 105 20.09 -20.96 6.89
CA ALA A 105 20.39 -19.51 6.94
C ALA A 105 21.87 -19.20 7.24
N LYS A 106 22.39 -19.86 8.27
CA LYS A 106 23.78 -19.66 8.70
C LYS A 106 24.85 -20.28 7.76
N SER A 107 24.45 -21.31 7.03
CA SER A 107 25.37 -22.06 6.19
C SER A 107 25.49 -21.44 4.80
N HIS A 108 24.83 -20.29 4.62
CA HIS A 108 24.78 -19.54 3.36
C HIS A 108 24.03 -20.30 2.27
N GLY A 109 23.00 -21.05 2.69
CA GLY A 109 22.19 -21.88 1.79
C GLY A 109 20.99 -21.16 1.20
N SER A 110 21.00 -19.84 1.35
CA SER A 110 19.87 -19.02 0.92
C SER A 110 20.42 -17.76 0.30
N GLN A 111 20.21 -17.56 -1.00
CA GLN A 111 20.61 -16.32 -1.64
C GLN A 111 19.39 -15.45 -1.89
N CYS A 112 18.65 -15.64 -2.97
CA CYS A 112 17.42 -14.89 -3.15
C CYS A 112 16.35 -15.30 -2.18
N GLY A 113 16.42 -16.56 -1.73
CA GLY A 113 15.56 -17.11 -0.72
C GLY A 113 14.26 -17.67 -1.25
N PHE A 114 14.06 -17.70 -2.56
CA PHE A 114 12.69 -18.04 -3.05
C PHE A 114 12.41 -19.55 -2.97
N CYS A 115 13.46 -20.36 -3.02
CA CYS A 115 13.35 -21.80 -2.95
C CYS A 115 13.41 -22.35 -1.54
N THR A 116 13.82 -21.49 -0.61
CA THR A 116 14.20 -21.89 0.77
C THR A 116 13.09 -22.51 1.61
N PRO A 117 11.88 -21.92 1.63
CA PRO A 117 10.76 -22.60 2.32
C PRO A 117 10.50 -24.04 1.86
N GLY A 118 10.37 -24.25 0.52
CA GLY A 118 10.30 -25.57 -0.10
C GLY A 118 11.43 -26.55 0.29
N ILE A 119 12.66 -26.08 0.27
CA ILE A 119 13.80 -26.90 0.70
C ILE A 119 13.75 -27.20 2.21
N VAL A 120 13.40 -26.17 2.99
CA VAL A 120 13.20 -26.30 4.45
C VAL A 120 12.15 -27.37 4.76
N MET A 121 11.05 -27.36 4.00
CA MET A 121 9.93 -28.28 4.18
C MET A 121 10.22 -29.75 3.78
N SER A 122 11.13 -29.95 2.82
CA SER A 122 11.64 -31.26 2.40
C SER A 122 12.54 -31.83 3.48
N MET A 123 13.46 -31.01 4.00
CA MET A 123 14.35 -31.43 5.07
C MET A 123 13.58 -31.77 6.35
N TYR A 124 12.69 -30.84 6.71
CA TYR A 124 11.80 -31.00 7.84
C TYR A 124 11.06 -32.34 7.81
N THR A 125 10.48 -32.65 6.64
CA THR A 125 9.72 -33.87 6.43
C THR A 125 10.63 -35.11 6.60
N LEU A 126 11.83 -35.05 6.01
CA LEU A 126 12.79 -36.10 6.20
C LEU A 126 13.02 -36.34 7.69
N LEU A 127 13.38 -35.29 8.43
CA LEU A 127 13.62 -35.39 9.87
C LEU A 127 12.42 -35.85 10.71
N ARG A 128 11.21 -35.54 10.27
CA ARG A 128 10.06 -35.96 11.03
C ARG A 128 9.82 -37.47 10.93
N ASN A 129 10.37 -38.06 9.87
CA ASN A 129 10.24 -39.49 9.57
C ASN A 129 11.46 -40.24 10.10
N GLN A 130 12.61 -39.61 9.97
CA GLN A 130 13.87 -40.19 10.38
C GLN A 130 14.70 -39.12 11.10
N PRO A 131 14.60 -39.06 12.44
CA PRO A 131 15.31 -38.06 13.24
C PRO A 131 16.83 -38.17 13.15
N GLU A 132 17.33 -39.34 12.76
CA GLU A 132 18.77 -39.54 12.57
C GLU A 132 19.06 -40.11 11.17
N PRO A 133 19.01 -39.26 10.13
CA PRO A 133 19.21 -39.79 8.78
C PRO A 133 20.67 -40.03 8.43
N THR A 134 20.93 -40.78 7.37
CA THR A 134 22.27 -40.89 6.81
C THR A 134 22.51 -39.72 5.87
N VAL A 135 23.77 -39.51 5.50
CA VAL A 135 24.17 -38.50 4.54
C VAL A 135 23.49 -38.79 3.20
N GLU A 136 23.33 -40.08 2.89
CA GLU A 136 22.73 -40.48 1.63
C GLU A 136 21.24 -40.18 1.54
N GLU A 137 20.50 -40.46 2.62
CA GLU A 137 19.09 -40.08 2.74
C GLU A 137 18.90 -38.58 2.52
N ILE A 138 19.79 -37.80 3.15
CA ILE A 138 19.81 -36.32 3.02
C ILE A 138 19.97 -35.76 1.59
N GLU A 139 20.91 -36.26 0.78
CA GLU A 139 21.02 -35.75 -0.60
C GLU A 139 19.86 -36.17 -1.48
N ASP A 140 19.26 -37.31 -1.16
CA ASP A 140 18.22 -37.84 -2.01
C ASP A 140 16.85 -37.27 -1.67
N ALA A 141 16.77 -36.53 -0.57
CA ALA A 141 15.51 -35.92 -0.12
C ALA A 141 15.09 -34.73 -0.97
N PHE A 142 15.98 -34.26 -1.84
CA PHE A 142 15.79 -32.98 -2.53
C PHE A 142 15.69 -33.07 -4.05
N GLN A 143 15.40 -34.25 -4.56
CA GLN A 143 15.29 -34.43 -5.99
C GLN A 143 14.16 -33.60 -6.56
N GLY A 144 13.28 -33.16 -5.65
CA GLY A 144 12.12 -32.40 -6.04
C GLY A 144 12.25 -30.91 -5.81
N ASN A 145 13.43 -30.45 -5.37
CA ASN A 145 13.64 -29.01 -5.13
C ASN A 145 14.76 -28.36 -5.98
N LEU A 146 14.44 -27.26 -6.63
CA LEU A 146 15.41 -26.58 -7.48
C LEU A 146 15.83 -25.27 -6.86
N CYS A 147 17.11 -24.98 -6.96
CA CYS A 147 17.63 -23.70 -6.56
C CYS A 147 18.51 -23.20 -7.67
N ARG A 148 18.31 -21.93 -8.03
CA ARG A 148 19.01 -21.33 -9.15
C ARG A 148 20.15 -20.46 -8.70
N CYS A 149 20.21 -20.13 -7.42
CA CYS A 149 21.24 -19.20 -6.96
C CYS A 149 22.51 -19.84 -6.37
N THR A 150 22.37 -20.96 -5.65
CA THR A 150 23.41 -21.36 -4.71
C THR A 150 24.44 -22.36 -5.23
N GLY A 151 24.06 -23.08 -6.30
CA GLY A 151 24.75 -24.30 -6.68
C GLY A 151 24.77 -25.40 -5.64
N TYR A 152 23.85 -25.35 -4.69
CA TYR A 152 23.45 -26.48 -3.82
C TYR A 152 24.44 -26.92 -2.73
N ARG A 153 25.72 -26.84 -3.00
CA ARG A 153 26.80 -27.27 -2.08
C ARG A 153 26.59 -26.77 -0.62
N PRO A 154 26.35 -25.43 -0.40
CA PRO A 154 26.13 -24.93 0.97
C PRO A 154 24.91 -25.54 1.68
N ILE A 155 23.83 -25.79 0.94
CA ILE A 155 22.61 -26.40 1.50
C ILE A 155 22.91 -27.79 2.07
N LEU A 156 23.60 -28.61 1.27
CA LEU A 156 23.95 -29.97 1.69
C LEU A 156 25.02 -29.97 2.79
N GLN A 157 25.92 -29.00 2.75
CA GLN A 157 26.89 -28.86 3.82
C GLN A 157 26.21 -28.51 5.16
N GLY A 158 25.27 -27.55 5.11
CA GLY A 158 24.43 -27.21 6.26
C GLY A 158 23.62 -28.36 6.81
N PHE A 159 22.90 -29.07 5.94
CA PHE A 159 22.03 -30.15 6.40
C PHE A 159 22.78 -31.44 6.79
N ARG A 160 23.99 -31.59 6.26
CA ARG A 160 24.87 -32.74 6.53
C ARG A 160 25.11 -32.92 8.03
N THR A 161 25.08 -31.79 8.73
CA THR A 161 25.18 -31.74 10.20
C THR A 161 24.04 -32.49 10.97
N PHE A 162 22.96 -32.87 10.27
CA PHE A 162 21.88 -33.68 10.86
C PHE A 162 22.16 -35.21 10.82
N ALA A 163 23.17 -35.62 10.07
CA ALA A 163 23.39 -37.04 9.79
C ALA A 163 24.12 -37.82 10.89
N LYS A 164 23.97 -39.15 10.84
CA LYS A 164 24.75 -40.17 11.63
C LYS A 164 24.23 -40.33 13.07
N PRO B 1 -16.10 -43.34 7.64
CA PRO B 1 -16.02 -42.46 6.47
C PRO B 1 -17.26 -42.57 5.58
N LYS B 2 -17.78 -41.43 5.12
CA LYS B 2 -18.91 -41.42 4.20
C LYS B 2 -18.57 -40.61 2.95
N GLN B 3 -19.24 -40.96 1.85
CA GLN B 3 -19.11 -40.21 0.59
C GLN B 3 -19.30 -38.70 0.77
N LEU B 4 -18.41 -37.92 0.15
CA LEU B 4 -18.49 -36.47 0.24
C LEU B 4 -18.75 -35.86 -1.12
N ARG B 5 -19.48 -34.76 -1.14
CA ARG B 5 -19.78 -34.11 -2.40
C ARG B 5 -19.36 -32.66 -2.37
N PHE B 6 -18.51 -32.28 -3.31
CA PHE B 6 -18.09 -30.90 -3.45
C PHE B 6 -18.55 -30.34 -4.80
N GLU B 7 -19.00 -29.10 -4.79
CA GLU B 7 -19.53 -28.49 -6.00
C GLU B 7 -18.89 -27.11 -6.24
N GLY B 8 -18.33 -26.92 -7.44
CA GLY B 8 -17.69 -25.66 -7.77
C GLY B 8 -18.45 -24.98 -8.88
N GLU B 9 -17.83 -23.94 -9.46
CA GLU B 9 -18.36 -23.26 -10.63
C GLU B 9 -18.52 -24.20 -11.82
N ARG B 10 -17.61 -25.16 -11.95
CA ARG B 10 -17.57 -25.96 -13.17
C ARG B 10 -17.51 -27.45 -12.91
N VAL B 11 -17.13 -27.83 -11.70
CA VAL B 11 -16.76 -29.21 -11.44
C VAL B 11 -17.48 -29.70 -10.21
N THR B 12 -17.94 -30.95 -10.27
CA THR B 12 -18.53 -31.62 -9.14
C THR B 12 -17.58 -32.73 -8.77
N TRP B 13 -17.19 -32.78 -7.50
CA TRP B 13 -16.24 -33.77 -7.02
C TRP B 13 -16.93 -34.69 -6.02
N ILE B 14 -16.80 -36.00 -6.23
CA ILE B 14 -17.27 -36.99 -5.27
C ILE B 14 -16.10 -37.80 -4.67
N GLN B 15 -16.00 -37.76 -3.36
CA GLN B 15 -15.03 -38.57 -2.67
C GLN B 15 -15.69 -39.90 -2.27
N ALA B 16 -15.44 -40.94 -3.07
CA ALA B 16 -15.98 -42.29 -2.79
C ALA B 16 -15.33 -42.93 -1.57
N SER B 17 -16.13 -43.47 -0.67
CA SER B 17 -15.58 -44.09 0.55
C SER B 17 -15.42 -45.61 0.42
N THR B 18 -15.88 -46.15 -0.70
CA THR B 18 -16.15 -47.57 -0.82
C THR B 18 -16.12 -48.04 -2.28
N LEU B 19 -15.57 -49.22 -2.52
CA LEU B 19 -15.50 -49.77 -3.88
C LEU B 19 -16.87 -49.79 -4.59
N LYS B 20 -17.89 -50.22 -3.86
CA LYS B 20 -19.25 -50.27 -4.38
C LYS B 20 -19.81 -48.93 -4.88
N GLU B 21 -19.59 -47.88 -4.08
CA GLU B 21 -19.88 -46.50 -4.46
C GLU B 21 -19.17 -46.12 -5.74
N LEU B 22 -17.85 -46.36 -5.77
CA LEU B 22 -17.02 -46.06 -6.93
C LEU B 22 -17.57 -46.70 -8.21
N LEU B 23 -17.96 -47.97 -8.12
CA LEU B 23 -18.42 -48.70 -9.30
C LEU B 23 -19.84 -48.32 -9.70
N ASP B 24 -20.67 -48.01 -8.72
CA ASP B 24 -21.99 -47.44 -8.97
C ASP B 24 -21.89 -46.08 -9.61
N LEU B 25 -21.07 -45.20 -9.02
CA LEU B 25 -20.87 -43.87 -9.60
C LEU B 25 -20.32 -43.94 -11.01
N LYS B 26 -19.35 -44.83 -11.22
CA LYS B 26 -18.72 -44.96 -12.52
C LYS B 26 -19.72 -45.45 -13.57
N ALA B 27 -20.68 -46.28 -13.16
CA ALA B 27 -21.66 -46.81 -14.12
C ALA B 27 -22.77 -45.81 -14.42
N GLN B 28 -23.10 -44.98 -13.43
CA GLN B 28 -24.02 -43.86 -13.63
C GLN B 28 -23.42 -42.73 -14.50
N HIS B 29 -22.11 -42.51 -14.37
CA HIS B 29 -21.43 -41.42 -15.09
C HIS B 29 -20.13 -41.92 -15.72
N PRO B 30 -20.22 -42.68 -16.83
CA PRO B 30 -19.04 -43.24 -17.49
C PRO B 30 -17.98 -42.22 -17.93
N GLU B 31 -18.38 -40.96 -18.14
CA GLU B 31 -17.47 -39.88 -18.53
C GLU B 31 -16.74 -39.21 -17.33
N ALA B 32 -17.05 -39.68 -16.12
CA ALA B 32 -16.43 -39.16 -14.89
C ALA B 32 -14.93 -39.46 -14.84
N LYS B 33 -14.17 -38.49 -14.33
CA LYS B 33 -12.74 -38.65 -14.25
C LYS B 33 -12.30 -39.08 -12.86
N LEU B 34 -11.57 -40.20 -12.80
CA LEU B 34 -10.92 -40.62 -11.58
C LEU B 34 -9.72 -39.73 -11.35
N VAL B 35 -9.60 -39.21 -10.13
CA VAL B 35 -8.41 -38.45 -9.74
C VAL B 35 -7.93 -39.05 -8.44
N VAL B 36 -6.64 -39.31 -8.36
CA VAL B 36 -6.04 -39.80 -7.12
C VAL B 36 -5.07 -38.72 -6.68
N GLY B 37 -3.83 -38.74 -7.17
CA GLY B 37 -2.85 -37.74 -6.81
C GLY B 37 -2.96 -36.42 -7.57
N ASN B 38 -3.71 -36.43 -8.67
CA ASN B 38 -3.87 -35.22 -9.52
C ASN B 38 -2.55 -34.70 -10.12
N THR B 39 -1.49 -35.51 -10.16
CA THR B 39 -0.23 -35.06 -10.70
C THR B 39 -0.22 -35.05 -12.23
N GLU B 40 -1.27 -35.62 -12.83
CA GLU B 40 -1.45 -35.62 -14.28
C GLU B 40 -2.71 -34.84 -14.66
N ILE B 41 -3.82 -35.12 -13.97
CA ILE B 41 -5.07 -34.39 -14.18
C ILE B 41 -4.90 -32.87 -13.95
N GLY B 42 -4.15 -32.50 -12.91
CA GLY B 42 -3.86 -31.10 -12.61
C GLY B 42 -3.09 -30.40 -13.73
N ILE B 43 -2.16 -31.12 -14.35
CA ILE B 43 -1.42 -30.67 -15.53
C ILE B 43 -2.33 -30.57 -16.74
N GLU B 44 -3.22 -31.55 -16.91
CA GLU B 44 -4.18 -31.57 -18.01
C GLU B 44 -5.19 -30.43 -17.93
N MET B 45 -5.72 -30.18 -16.74
CA MET B 45 -6.65 -29.09 -16.54
C MET B 45 -5.98 -27.71 -16.62
N LYS B 46 -4.77 -27.57 -16.09
CA LYS B 46 -4.10 -26.28 -16.12
C LYS B 46 -3.46 -25.92 -17.46
N PHE B 47 -2.75 -26.87 -18.06
CA PHE B 47 -1.92 -26.61 -19.21
C PHE B 47 -2.50 -27.06 -20.55
N LYS B 48 -3.30 -28.14 -20.55
CA LYS B 48 -3.87 -28.64 -21.80
C LYS B 48 -5.34 -28.28 -21.87
N ASN B 49 -5.75 -27.48 -20.89
CA ASN B 49 -7.07 -26.85 -20.84
C ASN B 49 -8.26 -27.80 -21.02
N GLN B 50 -8.09 -29.00 -20.47
CA GLN B 50 -9.14 -29.98 -20.33
C GLN B 50 -10.06 -29.59 -19.19
N LEU B 51 -11.35 -29.90 -19.34
CA LEU B 51 -12.29 -29.74 -18.24
C LEU B 51 -13.09 -31.02 -18.06
N PHE B 52 -13.07 -31.55 -16.85
CA PHE B 52 -13.81 -32.76 -16.50
C PHE B 52 -14.89 -32.36 -15.49
N PRO B 53 -16.14 -32.16 -15.98
CA PRO B 53 -17.22 -31.59 -15.15
C PRO B 53 -17.56 -32.45 -13.93
N MET B 54 -17.11 -33.69 -13.97
CA MET B 54 -17.41 -34.65 -12.93
C MET B 54 -16.17 -35.47 -12.63
N ILE B 55 -15.76 -35.43 -11.35
CA ILE B 55 -14.58 -36.13 -10.88
C ILE B 55 -14.91 -37.03 -9.70
N ILE B 56 -14.32 -38.23 -9.68
CA ILE B 56 -14.44 -39.10 -8.52
C ILE B 56 -13.04 -39.36 -7.95
N CYS B 57 -12.94 -39.27 -6.64
CA CYS B 57 -11.69 -39.58 -5.96
C CYS B 57 -11.84 -40.83 -5.13
N PRO B 58 -11.16 -41.92 -5.56
CA PRO B 58 -11.26 -43.21 -4.89
C PRO B 58 -10.16 -43.49 -3.86
N ALA B 59 -9.39 -42.47 -3.48
CA ALA B 59 -8.19 -42.65 -2.64
C ALA B 59 -8.46 -43.27 -1.26
N TRP B 60 -9.67 -43.12 -0.76
CA TRP B 60 -10.07 -43.64 0.55
C TRP B 60 -10.34 -45.16 0.58
N ILE B 61 -10.77 -45.68 -0.57
CA ILE B 61 -11.22 -47.08 -0.75
C ILE B 61 -10.10 -48.05 -0.36
N PRO B 62 -10.37 -48.98 0.58
CA PRO B 62 -9.33 -49.87 1.10
C PRO B 62 -8.68 -50.83 0.06
N GLU B 63 -9.50 -51.37 -0.84
CA GLU B 63 -9.06 -52.24 -1.94
C GLU B 63 -8.01 -51.61 -2.85
N LEU B 64 -8.16 -50.32 -3.13
CA LEU B 64 -7.27 -49.56 -4.01
C LEU B 64 -5.95 -49.17 -3.36
N ASN B 65 -5.77 -49.52 -2.08
CA ASN B 65 -4.54 -49.23 -1.33
C ASN B 65 -3.87 -50.46 -0.75
N ALA B 66 -4.44 -51.63 -1.02
CA ALA B 66 -3.98 -52.89 -0.43
C ALA B 66 -2.69 -53.41 -1.06
N VAL B 67 -1.73 -53.75 -0.19
CA VAL B 67 -0.49 -54.39 -0.60
C VAL B 67 -0.43 -55.87 -0.17
N GLU B 68 -0.42 -56.76 -1.15
CA GLU B 68 -0.61 -58.21 -0.93
C GLU B 68 0.55 -59.05 -1.45
N HIS B 69 0.97 -60.02 -0.66
CA HIS B 69 2.00 -60.94 -1.09
C HIS B 69 1.37 -62.29 -1.45
N GLY B 70 1.44 -62.64 -2.74
CA GLY B 70 0.88 -63.89 -3.27
C GLY B 70 1.94 -64.85 -3.75
N PRO B 71 1.53 -65.99 -4.35
CA PRO B 71 2.55 -66.96 -4.79
C PRO B 71 3.29 -66.48 -6.06
N GLU B 72 2.57 -65.70 -6.88
CA GLU B 72 3.02 -65.22 -8.19
C GLU B 72 3.86 -63.93 -8.14
N GLY B 73 3.62 -63.10 -7.13
CA GLY B 73 4.29 -61.80 -7.01
C GLY B 73 3.61 -60.91 -5.99
N ILE B 74 3.91 -59.61 -6.05
CA ILE B 74 3.35 -58.62 -5.13
C ILE B 74 2.32 -57.75 -5.82
N SER B 75 1.11 -57.72 -5.25
CA SER B 75 0.02 -56.93 -5.80
C SER B 75 -0.10 -55.62 -5.00
N PHE B 76 -0.46 -54.55 -5.72
CA PHE B 76 -0.56 -53.20 -5.20
C PHE B 76 -1.85 -52.65 -5.74
N GLY B 77 -2.72 -52.18 -4.83
CA GLY B 77 -3.90 -51.41 -5.23
C GLY B 77 -3.50 -50.28 -6.16
N ALA B 78 -4.41 -49.89 -7.06
CA ALA B 78 -4.08 -48.91 -8.10
C ALA B 78 -3.80 -47.51 -7.55
N ALA B 79 -4.28 -47.23 -6.33
CA ALA B 79 -4.07 -45.93 -5.68
C ALA B 79 -2.82 -45.85 -4.80
N CYS B 80 -2.03 -46.91 -4.77
CA CYS B 80 -0.81 -46.91 -3.97
C CYS B 80 0.18 -45.89 -4.57
N ALA B 81 0.71 -45.06 -3.68
CA ALA B 81 1.69 -44.05 -3.99
C ALA B 81 2.97 -44.73 -4.44
N LEU B 82 3.67 -44.07 -5.36
CA LEU B 82 4.90 -44.59 -5.89
C LEU B 82 5.95 -44.82 -4.80
N SER B 83 5.96 -43.95 -3.79
CA SER B 83 6.83 -44.12 -2.63
C SER B 83 6.55 -45.44 -1.89
N SER B 84 5.28 -45.85 -1.85
CA SER B 84 4.88 -47.08 -1.12
C SER B 84 5.28 -48.30 -1.90
N VAL B 85 5.05 -48.27 -3.21
CA VAL B 85 5.54 -49.29 -4.12
C VAL B 85 7.07 -49.44 -3.99
N GLU B 86 7.77 -48.31 -3.97
CA GLU B 86 9.22 -48.32 -3.87
C GLU B 86 9.71 -48.87 -2.53
N LYS B 87 9.03 -48.51 -1.45
CA LYS B 87 9.39 -49.01 -0.11
C LYS B 87 9.19 -50.53 -0.01
N THR B 88 8.03 -51.00 -0.45
CA THR B 88 7.70 -52.42 -0.53
C THR B 88 8.69 -53.22 -1.36
N LEU B 89 9.05 -52.70 -2.54
CA LEU B 89 9.97 -53.38 -3.44
C LEU B 89 11.41 -53.35 -2.94
N LEU B 90 11.78 -52.28 -2.24
CA LEU B 90 13.08 -52.28 -1.58
C LEU B 90 13.16 -53.35 -0.48
N GLU B 91 12.09 -53.49 0.30
CA GLU B 91 12.02 -54.48 1.36
C GLU B 91 12.02 -55.92 0.78
N ALA B 92 11.27 -56.15 -0.30
CA ALA B 92 11.29 -57.42 -1.02
C ALA B 92 12.69 -57.79 -1.54
N VAL B 93 13.35 -56.84 -2.20
CA VAL B 93 14.69 -57.02 -2.73
C VAL B 93 15.74 -57.36 -1.65
N ALA B 94 15.61 -56.78 -0.46
CA ALA B 94 16.57 -57.01 0.61
C ALA B 94 16.38 -58.40 1.25
N LYS B 95 15.14 -58.91 1.17
CA LYS B 95 14.74 -60.13 1.87
C LYS B 95 14.85 -61.38 0.99
N LEU B 96 14.44 -61.26 -0.28
CA LEU B 96 14.34 -62.41 -1.16
C LEU B 96 15.68 -62.77 -1.84
N PRO B 97 15.78 -63.98 -2.41
CA PRO B 97 16.95 -64.32 -3.21
C PRO B 97 17.00 -63.48 -4.49
N THR B 98 18.19 -63.07 -4.89
CA THR B 98 18.36 -62.27 -6.11
C THR B 98 17.54 -62.84 -7.29
N GLN B 99 17.50 -64.16 -7.42
CA GLN B 99 16.84 -64.78 -8.57
C GLN B 99 15.32 -64.49 -8.67
N LYS B 100 14.72 -64.06 -7.58
CA LYS B 100 13.28 -63.86 -7.53
C LYS B 100 12.90 -62.39 -7.71
N THR B 101 13.90 -61.49 -7.70
CA THR B 101 13.63 -60.05 -7.69
C THR B 101 14.15 -59.26 -8.91
N GLU B 102 14.21 -59.93 -10.07
CA GLU B 102 14.73 -59.31 -11.30
C GLU B 102 13.82 -58.18 -11.79
N VAL B 103 12.52 -58.41 -11.77
CA VAL B 103 11.54 -57.40 -12.16
C VAL B 103 11.47 -56.29 -11.11
N PHE B 104 11.40 -56.65 -9.82
CA PHE B 104 11.36 -55.66 -8.74
C PHE B 104 12.50 -54.66 -8.85
N ARG B 105 13.69 -55.16 -9.15
CA ARG B 105 14.89 -54.31 -9.28
C ARG B 105 14.85 -53.45 -10.55
N GLY B 106 14.14 -53.95 -11.56
CA GLY B 106 13.86 -53.19 -12.77
C GLY B 106 12.89 -52.05 -12.50
N VAL B 107 11.85 -52.33 -11.72
CA VAL B 107 10.93 -51.29 -11.28
C VAL B 107 11.68 -50.20 -10.51
N LEU B 108 12.53 -50.62 -9.59
CA LEU B 108 13.25 -49.70 -8.73
C LEU B 108 14.25 -48.83 -9.48
N GLU B 109 14.83 -49.38 -10.55
CA GLU B 109 15.78 -48.64 -11.40
C GLU B 109 15.09 -47.52 -12.15
N GLN B 110 13.87 -47.78 -12.59
CA GLN B 110 13.06 -46.75 -13.28
C GLN B 110 12.58 -45.67 -12.32
N LEU B 111 12.38 -46.07 -11.06
CA LEU B 111 12.00 -45.16 -9.98
C LEU B 111 13.15 -44.32 -9.38
N ARG B 112 14.40 -44.70 -9.69
CA ARG B 112 15.61 -44.06 -9.14
C ARG B 112 15.77 -42.56 -9.39
N TRP B 113 15.75 -42.14 -10.65
CA TRP B 113 15.83 -40.71 -10.94
C TRP B 113 14.52 -40.24 -11.54
N PHE B 114 13.44 -40.77 -10.99
CA PHE B 114 12.07 -40.39 -11.29
C PHE B 114 11.93 -39.07 -10.53
N ALA B 115 10.76 -38.46 -10.53
CA ALA B 115 10.43 -37.30 -9.68
C ALA B 115 10.98 -37.26 -8.21
N GLY B 116 10.84 -36.12 -7.54
CA GLY B 116 11.22 -35.99 -6.12
C GLY B 116 10.25 -36.61 -5.13
N LYS B 117 10.56 -36.56 -3.84
CA LYS B 117 9.73 -37.23 -2.83
C LYS B 117 8.30 -36.72 -2.80
N GLN B 118 8.10 -35.44 -3.11
CA GLN B 118 6.82 -34.74 -3.06
C GLN B 118 5.84 -35.32 -4.07
N VAL B 119 6.36 -35.69 -5.24
CA VAL B 119 5.57 -36.27 -6.31
C VAL B 119 5.33 -37.76 -6.07
N LYS B 120 6.38 -38.48 -5.69
CA LYS B 120 6.27 -39.91 -5.47
C LYS B 120 5.37 -40.25 -4.27
N SER B 121 5.20 -39.30 -3.35
CA SER B 121 4.35 -39.50 -2.18
C SER B 121 2.88 -39.42 -2.51
N VAL B 122 2.53 -38.84 -3.66
CA VAL B 122 1.11 -38.71 -4.02
C VAL B 122 0.74 -39.31 -5.38
N ALA B 123 1.73 -39.41 -6.28
CA ALA B 123 1.55 -40.05 -7.60
C ALA B 123 1.21 -41.53 -7.40
N SER B 124 0.12 -41.96 -8.00
CA SER B 124 -0.30 -43.34 -7.87
C SER B 124 0.25 -44.22 -9.01
N LEU B 125 0.37 -45.50 -8.69
CA LEU B 125 0.74 -46.53 -9.65
C LEU B 125 -0.26 -46.63 -10.80
N GLY B 126 -1.54 -46.69 -10.47
CA GLY B 126 -2.58 -46.93 -11.45
C GLY B 126 -2.68 -45.72 -12.32
N GLY B 127 -2.47 -44.56 -11.71
CA GLY B 127 -2.49 -43.29 -12.43
C GLY B 127 -1.44 -43.18 -13.51
N ASN B 128 -0.20 -43.61 -13.19
CA ASN B 128 0.87 -43.68 -14.19
C ASN B 128 0.55 -44.61 -15.37
N ILE B 129 0.17 -45.85 -15.06
CA ILE B 129 -0.33 -46.82 -16.06
C ILE B 129 -1.46 -46.28 -16.93
N ILE B 130 -2.53 -45.76 -16.35
CA ILE B 130 -3.69 -45.34 -17.16
C ILE B 130 -3.48 -43.99 -17.87
N THR B 131 -2.57 -43.15 -17.34
CA THR B 131 -2.11 -41.98 -18.07
C THR B 131 -1.68 -42.40 -19.50
N ALA B 132 -0.87 -43.44 -19.58
CA ALA B 132 -0.49 -44.07 -20.85
C ALA B 132 0.32 -43.09 -21.70
N SER B 133 1.30 -42.48 -21.04
CA SER B 133 2.19 -41.54 -21.69
C SER B 133 3.10 -42.39 -22.57
N PRO B 134 3.39 -41.91 -23.80
CA PRO B 134 4.38 -42.58 -24.64
C PRO B 134 5.75 -42.75 -23.97
N ILE B 135 6.08 -41.84 -23.05
CA ILE B 135 7.37 -41.85 -22.34
C ILE B 135 7.32 -42.28 -20.85
N SER B 136 6.19 -42.83 -20.41
CA SER B 136 6.10 -43.51 -19.10
C SER B 136 7.29 -44.44 -18.91
N ASP B 137 7.94 -44.36 -17.74
CA ASP B 137 9.10 -45.18 -17.42
C ASP B 137 8.66 -46.51 -16.82
N LEU B 138 7.37 -46.60 -16.45
CA LEU B 138 6.83 -47.82 -15.83
C LEU B 138 6.13 -48.80 -16.77
N ASN B 139 5.38 -48.29 -17.74
CA ASN B 139 4.65 -49.18 -18.65
C ASN B 139 5.51 -50.12 -19.52
N PRO B 140 6.71 -49.66 -19.97
CA PRO B 140 7.66 -50.61 -20.58
C PRO B 140 8.05 -51.81 -19.69
N VAL B 141 8.46 -51.54 -18.45
CA VAL B 141 8.74 -52.58 -17.46
C VAL B 141 7.53 -53.53 -17.20
N PHE B 142 6.34 -52.96 -17.05
CA PHE B 142 5.16 -53.75 -16.79
C PHE B 142 4.80 -54.60 -18.00
N MET B 143 4.95 -54.01 -19.19
CA MET B 143 4.72 -54.74 -20.43
C MET B 143 5.71 -55.87 -20.61
N ALA B 144 7.00 -55.59 -20.44
CA ALA B 144 8.04 -56.61 -20.58
C ALA B 144 7.88 -57.77 -19.62
N SER B 145 7.42 -57.51 -18.40
CA SER B 145 7.32 -58.55 -17.38
C SER B 145 5.98 -59.28 -17.40
N GLY B 146 5.01 -58.77 -18.16
CA GLY B 146 3.65 -59.29 -18.15
C GLY B 146 2.98 -59.08 -16.80
N THR B 147 3.18 -57.89 -16.24
CA THR B 147 2.52 -57.49 -15.01
C THR B 147 0.98 -57.62 -15.17
N LYS B 148 0.34 -58.22 -14.16
CA LYS B 148 -1.09 -58.56 -14.26
C LYS B 148 -1.98 -57.48 -13.69
N LEU B 149 -2.96 -57.07 -14.47
CA LEU B 149 -3.84 -55.97 -14.12
C LEU B 149 -5.24 -56.48 -13.80
N THR B 150 -5.75 -56.10 -12.63
CA THR B 150 -7.13 -56.44 -12.29
C THR B 150 -8.03 -55.23 -12.55
N ILE B 151 -9.05 -55.46 -13.36
CA ILE B 151 -9.86 -54.39 -13.89
C ILE B 151 -11.31 -54.72 -13.62
N VAL B 152 -12.00 -53.77 -12.97
CA VAL B 152 -13.34 -54.00 -12.41
C VAL B 152 -14.29 -52.89 -12.85
N SER B 153 -15.55 -53.29 -13.03
CA SER B 153 -16.69 -52.36 -13.09
C SER B 153 -17.87 -52.99 -12.32
N ARG B 154 -19.06 -52.39 -12.39
CA ARG B 154 -20.20 -52.97 -11.69
C ARG B 154 -20.55 -54.29 -12.32
N GLY B 155 -20.42 -55.37 -11.54
CA GLY B 155 -20.57 -56.75 -12.04
C GLY B 155 -19.23 -57.34 -12.46
N THR B 156 -18.68 -56.77 -13.52
CA THR B 156 -17.51 -57.31 -14.20
C THR B 156 -16.22 -57.26 -13.37
N ARG B 157 -15.45 -58.34 -13.45
CA ARG B 157 -14.09 -58.42 -12.92
C ARG B 157 -13.28 -59.27 -13.87
N ARG B 158 -12.09 -58.80 -14.23
CA ARG B 158 -11.19 -59.52 -15.14
C ARG B 158 -9.74 -59.16 -14.88
N THR B 159 -8.89 -60.18 -14.85
CA THR B 159 -7.43 -60.01 -14.78
C THR B 159 -6.77 -60.27 -16.14
N VAL B 160 -5.87 -59.38 -16.56
CA VAL B 160 -5.14 -59.54 -17.80
C VAL B 160 -3.67 -59.20 -17.63
N PRO B 161 -2.77 -59.97 -18.26
CA PRO B 161 -1.37 -59.55 -18.28
C PRO B 161 -1.22 -58.35 -19.22
N MET B 162 -0.37 -57.40 -18.84
CA MET B 162 -0.09 -56.27 -19.72
C MET B 162 0.72 -56.73 -20.94
N ASP B 163 0.20 -56.43 -22.13
CA ASP B 163 0.90 -56.76 -23.36
C ASP B 163 0.75 -55.63 -24.34
N HIS B 164 1.21 -55.84 -25.57
CA HIS B 164 1.20 -54.78 -26.56
C HIS B 164 -0.19 -54.22 -26.79
N THR B 165 -1.21 -55.09 -26.72
CA THR B 165 -2.61 -54.72 -27.03
C THR B 165 -3.27 -53.79 -26.02
N PHE B 166 -2.67 -53.63 -24.83
CA PHE B 166 -3.20 -52.77 -23.77
C PHE B 166 -3.19 -51.27 -24.09
N PHE B 167 -2.25 -50.84 -24.93
CA PHE B 167 -2.14 -49.45 -25.37
C PHE B 167 -2.39 -49.38 -26.87
N PRO B 168 -3.68 -49.34 -27.29
CA PRO B 168 -4.04 -49.38 -28.73
C PRO B 168 -3.68 -48.13 -29.56
N SER B 169 -3.83 -46.96 -28.96
CA SER B 169 -3.50 -45.70 -29.62
C SER B 169 -3.05 -44.66 -28.59
N TYR B 170 -2.75 -43.44 -29.04
CA TYR B 170 -2.19 -42.39 -28.20
C TYR B 170 -3.03 -42.12 -26.95
N ARG B 171 -2.40 -42.22 -25.78
CA ARG B 171 -2.99 -41.90 -24.47
C ARG B 171 -4.21 -42.77 -24.12
N LYS B 172 -4.35 -43.90 -24.80
CA LYS B 172 -5.51 -44.76 -24.65
C LYS B 172 -5.11 -46.12 -24.09
N THR B 173 -5.99 -46.71 -23.27
CA THR B 173 -5.79 -48.07 -22.73
C THR B 173 -6.96 -48.99 -23.08
N LEU B 174 -6.83 -50.26 -22.73
CA LEU B 174 -7.88 -51.23 -22.99
C LEU B 174 -8.91 -51.36 -21.84
N LEU B 175 -9.36 -50.23 -21.30
CA LEU B 175 -10.44 -50.26 -20.31
C LEU B 175 -11.72 -49.77 -20.98
N GLY B 176 -12.85 -50.34 -20.58
CA GLY B 176 -14.15 -49.86 -21.06
C GLY B 176 -14.49 -48.49 -20.48
N PRO B 177 -15.63 -47.90 -20.89
CA PRO B 177 -16.01 -46.58 -20.38
C PRO B 177 -16.30 -46.59 -18.86
N GLU B 178 -16.73 -47.74 -18.35
CA GLU B 178 -17.20 -47.85 -16.99
C GLU B 178 -16.20 -48.56 -16.09
N GLU B 179 -15.01 -48.86 -16.61
CA GLU B 179 -14.05 -49.67 -15.88
C GLU B 179 -13.05 -48.84 -15.09
N ILE B 180 -12.57 -49.41 -13.98
CA ILE B 180 -11.47 -48.83 -13.23
C ILE B 180 -10.39 -49.91 -12.98
N LEU B 181 -9.12 -49.50 -12.99
CA LEU B 181 -8.04 -50.40 -12.64
C LEU B 181 -8.00 -50.59 -11.11
N LEU B 182 -8.22 -51.82 -10.66
CA LEU B 182 -8.23 -52.10 -9.24
C LEU B 182 -6.83 -52.35 -8.67
N SER B 183 -6.10 -53.27 -9.27
CA SER B 183 -4.79 -53.63 -8.75
C SER B 183 -3.88 -54.15 -9.84
N ILE B 184 -2.60 -54.27 -9.48
CA ILE B 184 -1.47 -54.51 -10.36
C ILE B 184 -0.57 -55.47 -9.60
N GLU B 185 -0.29 -56.64 -10.19
CA GLU B 185 0.60 -57.62 -9.57
C GLU B 185 1.93 -57.70 -10.30
N ILE B 186 2.99 -57.29 -9.62
CA ILE B 186 4.32 -57.23 -10.20
C ILE B 186 4.93 -58.60 -9.92
N PRO B 187 5.32 -59.33 -10.99
CA PRO B 187 5.62 -60.74 -10.81
C PRO B 187 6.98 -61.02 -10.17
N TYR B 188 7.06 -62.18 -9.51
CA TYR B 188 8.34 -62.75 -9.08
C TYR B 188 9.11 -63.22 -10.31
N SER B 189 10.43 -63.18 -10.18
CA SER B 189 11.32 -63.71 -11.18
C SER B 189 11.44 -65.24 -11.03
N ARG B 190 11.42 -65.95 -12.16
CA ARG B 190 11.60 -67.41 -12.18
C ARG B 190 13.08 -67.77 -12.34
N GLU B 191 13.41 -69.04 -12.13
CA GLU B 191 14.73 -69.57 -12.43
C GLU B 191 14.96 -69.40 -13.93
N ASP B 192 16.19 -69.04 -14.31
CA ASP B 192 16.61 -68.81 -15.71
C ASP B 192 15.92 -67.61 -16.36
N GLU B 193 15.26 -66.79 -15.53
CA GLU B 193 14.60 -65.55 -15.97
C GLU B 193 15.42 -64.33 -15.55
N PHE B 194 15.71 -63.46 -16.51
CA PHE B 194 16.51 -62.26 -16.27
C PHE B 194 15.81 -61.00 -16.82
N PHE B 195 16.07 -59.86 -16.20
CA PHE B 195 15.38 -58.63 -16.52
C PHE B 195 16.27 -57.40 -16.38
N SER B 196 16.13 -56.46 -17.32
CA SER B 196 16.69 -55.12 -17.20
C SER B 196 15.71 -54.00 -17.58
N ALA B 197 16.02 -52.79 -17.13
CA ALA B 197 15.24 -51.59 -17.38
C ALA B 197 16.21 -50.42 -17.50
N PHE B 198 16.05 -49.65 -18.58
CA PHE B 198 16.95 -48.54 -18.87
C PHE B 198 16.13 -47.32 -19.25
N LYS B 199 16.72 -46.14 -19.10
CA LYS B 199 16.07 -44.91 -19.57
C LYS B 199 17.00 -43.78 -19.98
N GLN B 200 16.56 -43.04 -21.00
CA GLN B 200 17.12 -41.74 -21.38
C GLN B 200 17.03 -40.80 -20.18
N ALA B 201 18.14 -40.15 -19.85
CA ALA B 201 18.19 -39.35 -18.63
C ALA B 201 17.88 -37.91 -18.95
N SER B 202 16.65 -37.65 -19.42
CA SER B 202 16.31 -36.35 -19.99
C SER B 202 15.22 -36.45 -21.05
N ARG B 203 14.05 -35.89 -20.78
CA ARG B 203 13.10 -35.59 -21.87
C ARG B 203 13.22 -34.13 -22.35
N ARG B 204 12.76 -33.88 -23.56
CA ARG B 204 12.86 -32.60 -24.21
C ARG B 204 11.46 -32.10 -24.68
N GLU B 205 10.52 -33.02 -24.87
CA GLU B 205 9.11 -32.72 -25.11
C GLU B 205 8.33 -33.30 -23.93
N ASP B 206 7.11 -32.79 -23.70
CA ASP B 206 6.33 -33.21 -22.53
C ASP B 206 6.01 -34.72 -22.48
N ASP B 207 5.67 -35.33 -23.61
CA ASP B 207 5.27 -36.73 -23.59
C ASP B 207 5.66 -37.61 -24.79
N ILE B 208 6.69 -37.21 -25.53
CA ILE B 208 7.24 -38.05 -26.62
C ILE B 208 8.77 -38.04 -26.61
N ALA B 209 9.35 -38.97 -27.35
CA ALA B 209 10.77 -38.96 -27.73
C ALA B 209 11.78 -39.05 -26.60
N LYS B 210 11.37 -39.67 -25.48
CA LYS B 210 12.32 -40.04 -24.46
C LYS B 210 12.38 -41.55 -24.38
N VAL B 211 13.52 -42.12 -24.77
CA VAL B 211 13.66 -43.57 -24.80
C VAL B 211 13.75 -44.19 -23.39
N THR B 212 12.84 -45.14 -23.14
CA THR B 212 12.76 -45.91 -21.92
C THR B 212 12.31 -47.36 -22.27
N CYS B 213 12.88 -48.34 -21.57
CA CYS B 213 12.67 -49.73 -21.93
C CYS B 213 12.60 -50.71 -20.74
N GLY B 214 11.96 -51.86 -20.98
CA GLY B 214 11.97 -52.99 -20.07
C GLY B 214 12.31 -54.22 -20.89
N MET B 215 13.26 -55.02 -20.42
CA MET B 215 13.77 -56.17 -21.17
C MET B 215 13.78 -57.47 -20.36
N ARG B 216 13.11 -58.50 -20.88
CA ARG B 216 13.07 -59.79 -20.21
C ARG B 216 13.54 -60.93 -21.11
N VAL B 217 14.35 -61.83 -20.57
CA VAL B 217 14.68 -63.08 -21.23
C VAL B 217 14.41 -64.26 -20.28
N LEU B 218 13.71 -65.28 -20.80
CA LEU B 218 13.59 -66.55 -20.10
C LEU B 218 14.26 -67.65 -20.92
N PHE B 219 15.19 -68.37 -20.30
CA PHE B 219 15.94 -69.44 -20.95
C PHE B 219 15.33 -70.83 -20.66
N GLN B 220 15.64 -71.81 -21.49
CA GLN B 220 15.26 -73.20 -21.19
C GLN B 220 16.10 -73.63 -19.98
N PRO B 221 15.53 -74.47 -19.10
CA PRO B 221 16.19 -74.82 -17.83
C PRO B 221 17.69 -75.11 -17.92
N GLY B 222 18.49 -74.33 -17.18
CA GLY B 222 19.95 -74.50 -17.11
C GLY B 222 20.77 -74.12 -18.33
N SER B 223 20.12 -73.55 -19.35
CA SER B 223 20.76 -73.30 -20.64
C SER B 223 20.95 -71.81 -20.94
N MET B 224 21.38 -71.52 -22.18
CA MET B 224 21.42 -70.17 -22.74
C MET B 224 20.59 -70.15 -24.00
N GLN B 225 19.60 -71.04 -24.06
CA GLN B 225 18.70 -71.09 -25.21
C GLN B 225 17.42 -70.34 -24.88
N VAL B 226 17.14 -69.32 -25.67
CA VAL B 226 16.01 -68.43 -25.46
C VAL B 226 14.70 -69.23 -25.47
N LYS B 227 13.88 -69.05 -24.43
CA LYS B 227 12.53 -69.58 -24.40
C LYS B 227 11.49 -68.47 -24.63
N GLU B 228 11.71 -67.33 -23.98
CA GLU B 228 10.88 -66.14 -24.12
C GLU B 228 11.80 -64.92 -24.17
N LEU B 229 11.42 -63.93 -24.98
CA LEU B 229 12.14 -62.66 -25.03
C LEU B 229 11.16 -61.49 -25.25
N ALA B 230 11.25 -60.47 -24.41
CA ALA B 230 10.35 -59.33 -24.49
C ALA B 230 11.18 -58.07 -24.39
N LEU B 231 11.13 -57.26 -25.44
CA LEU B 231 11.79 -55.96 -25.47
C LEU B 231 10.72 -54.89 -25.71
N CYS B 232 10.44 -54.12 -24.67
CA CYS B 232 9.40 -53.10 -24.69
C CYS B 232 9.96 -51.69 -24.56
N TYR B 233 9.44 -50.78 -25.37
CA TYR B 233 10.00 -49.43 -25.52
C TYR B 233 8.96 -48.33 -25.43
N GLY B 234 9.26 -47.37 -24.56
CA GLY B 234 8.70 -46.03 -24.63
C GLY B 234 9.61 -45.06 -25.39
N GLY B 235 9.04 -43.98 -25.92
CA GLY B 235 9.82 -42.89 -26.56
C GLY B 235 10.08 -43.05 -28.06
N MET B 236 9.50 -44.10 -28.62
CA MET B 236 9.80 -44.57 -29.97
C MET B 236 8.56 -44.57 -30.88
N ALA B 237 7.40 -44.22 -30.31
CA ALA B 237 6.15 -44.13 -31.05
C ALA B 237 5.24 -43.28 -30.19
N ASP B 238 3.97 -43.14 -30.56
CA ASP B 238 2.98 -42.43 -29.73
C ASP B 238 2.38 -43.31 -28.62
N ARG B 239 3.06 -44.40 -28.29
CA ARG B 239 2.62 -45.34 -27.25
C ARG B 239 3.78 -46.23 -26.91
N THR B 240 3.67 -46.92 -25.77
CA THR B 240 4.57 -48.03 -25.40
C THR B 240 4.31 -49.17 -26.37
N ILE B 241 5.40 -49.69 -26.92
CA ILE B 241 5.38 -50.70 -27.98
C ILE B 241 6.33 -51.83 -27.60
N SER B 242 6.04 -53.02 -28.15
CA SER B 242 6.88 -54.21 -27.98
C SER B 242 7.56 -54.60 -29.30
N ALA B 243 8.87 -54.86 -29.29
CA ALA B 243 9.54 -55.32 -30.50
C ALA B 243 9.29 -56.82 -30.80
N LEU B 244 8.05 -57.17 -31.15
CA LEU B 244 7.59 -58.57 -31.24
C LEU B 244 8.16 -59.36 -32.44
N LYS B 245 8.15 -58.73 -33.61
CA LYS B 245 8.80 -59.21 -34.84
C LYS B 245 10.27 -59.58 -34.62
N THR B 246 11.04 -58.69 -33.98
CA THR B 246 12.44 -58.98 -33.61
C THR B 246 12.63 -60.13 -32.61
N THR B 247 11.86 -60.13 -31.53
CA THR B 247 12.09 -61.12 -30.46
C THR B 247 11.54 -62.52 -30.79
N GLN B 248 10.49 -62.56 -31.60
CA GLN B 248 9.90 -63.82 -32.04
C GLN B 248 10.90 -64.63 -32.86
N LYS B 249 11.75 -63.92 -33.61
CA LYS B 249 12.80 -64.53 -34.42
C LYS B 249 13.92 -65.17 -33.59
N GLN B 250 14.01 -64.79 -32.32
CA GLN B 250 15.10 -65.27 -31.47
C GLN B 250 14.72 -66.45 -30.60
N LEU B 251 13.47 -66.89 -30.72
CA LEU B 251 12.98 -68.02 -29.93
C LEU B 251 13.73 -69.33 -30.27
N SER B 252 14.20 -69.99 -29.21
CA SER B 252 15.11 -71.15 -29.25
C SER B 252 16.48 -70.95 -29.93
N LYS B 253 16.96 -69.71 -29.96
CA LYS B 253 18.34 -69.37 -30.35
C LYS B 253 19.21 -69.26 -29.11
N PHE B 254 20.52 -69.23 -29.28
CA PHE B 254 21.41 -69.13 -28.14
C PHE B 254 21.92 -67.70 -27.90
N TRP B 255 22.12 -67.38 -26.63
CA TRP B 255 22.62 -66.08 -26.22
C TRP B 255 24.09 -65.93 -26.58
N ASN B 256 24.34 -65.63 -27.85
CA ASN B 256 25.71 -65.39 -28.32
C ASN B 256 25.84 -64.12 -29.19
N GLU B 257 27.03 -63.90 -29.72
CA GLU B 257 27.32 -62.77 -30.61
C GLU B 257 26.36 -62.70 -31.80
N LYS B 258 25.97 -63.85 -32.32
CA LYS B 258 25.06 -63.93 -33.45
C LYS B 258 23.65 -63.41 -33.09
N LEU B 259 23.18 -63.76 -31.90
CA LEU B 259 21.94 -63.19 -31.38
C LEU B 259 22.03 -61.66 -31.23
N LEU B 260 23.11 -61.17 -30.61
CA LEU B 260 23.34 -59.74 -30.47
C LEU B 260 23.08 -59.05 -31.80
N GLN B 261 23.76 -59.50 -32.85
CA GLN B 261 23.70 -58.82 -34.17
C GLN B 261 22.32 -58.92 -34.83
N ASP B 262 21.65 -60.05 -34.63
CA ASP B 262 20.32 -60.28 -35.20
C ASP B 262 19.26 -59.40 -34.54
N VAL B 263 19.39 -59.21 -33.22
CA VAL B 263 18.46 -58.35 -32.47
C VAL B 263 18.65 -56.87 -32.87
N CYS B 264 19.89 -56.43 -32.90
CA CYS B 264 20.21 -55.07 -33.32
C CYS B 264 19.68 -54.72 -34.71
N ALA B 265 19.76 -55.67 -35.64
CA ALA B 265 19.26 -55.48 -37.01
C ALA B 265 17.72 -55.45 -37.07
N GLY B 266 17.10 -56.31 -36.26
CA GLY B 266 15.66 -56.35 -36.08
C GLY B 266 15.13 -55.06 -35.49
N LEU B 267 15.80 -54.60 -34.43
CA LEU B 267 15.47 -53.35 -33.72
C LEU B 267 15.59 -52.13 -34.61
N ALA B 268 16.73 -51.99 -35.27
CA ALA B 268 17.01 -50.89 -36.19
C ALA B 268 15.95 -50.78 -37.27
N GLU B 269 15.36 -51.90 -37.64
CA GLU B 269 14.34 -51.93 -38.69
C GLU B 269 12.92 -51.77 -38.14
N GLU B 270 12.59 -52.58 -37.13
CA GLU B 270 11.24 -52.60 -36.54
C GLU B 270 10.88 -51.27 -35.87
N LEU B 271 11.87 -50.65 -35.25
CA LEU B 271 11.65 -49.41 -34.51
C LEU B 271 12.17 -48.17 -35.25
N SER B 272 12.40 -48.30 -36.56
CA SER B 272 12.95 -47.18 -37.32
C SER B 272 12.02 -45.98 -37.33
N LEU B 273 12.60 -44.80 -37.18
CA LEU B 273 11.86 -43.57 -37.17
C LEU B 273 12.06 -42.84 -38.48
N SER B 274 10.99 -42.24 -38.99
CA SER B 274 11.09 -41.34 -40.14
C SER B 274 11.90 -40.11 -39.73
N PRO B 275 12.53 -39.43 -40.71
CA PRO B 275 13.47 -38.34 -40.40
C PRO B 275 12.81 -37.18 -39.69
N ASP B 276 11.50 -37.07 -39.82
CA ASP B 276 10.73 -36.00 -39.20
C ASP B 276 9.72 -36.58 -38.23
N ALA B 277 10.07 -37.70 -37.60
CA ALA B 277 9.24 -38.27 -36.56
C ALA B 277 9.08 -37.21 -35.49
N PRO B 278 7.89 -37.10 -34.86
CA PRO B 278 7.69 -36.13 -33.78
C PRO B 278 8.73 -36.32 -32.68
N GLY B 279 9.36 -35.22 -32.27
CA GLY B 279 10.31 -35.28 -31.19
C GLY B 279 11.76 -35.26 -31.58
N GLY B 280 12.05 -35.47 -32.86
CA GLY B 280 13.42 -35.45 -33.36
C GLY B 280 14.38 -36.43 -32.67
N MET B 281 15.64 -36.04 -32.53
CA MET B 281 16.67 -36.87 -31.90
C MET B 281 16.71 -38.27 -32.50
N ILE B 282 16.57 -38.34 -33.82
CA ILE B 282 16.31 -39.57 -34.57
C ILE B 282 17.47 -40.55 -34.50
N GLU B 283 18.69 -40.07 -34.75
CA GLU B 283 19.89 -40.90 -34.63
C GLU B 283 20.11 -41.40 -33.21
N PHE B 284 20.07 -40.49 -32.24
CA PHE B 284 20.30 -40.76 -30.81
C PHE B 284 19.35 -41.84 -30.29
N ARG B 285 18.08 -41.69 -30.63
CA ARG B 285 17.02 -42.62 -30.18
C ARG B 285 17.23 -44.05 -30.69
N ARG B 286 17.49 -44.16 -32.00
CA ARG B 286 17.98 -45.39 -32.62
C ARG B 286 19.19 -46.00 -31.90
N THR B 287 20.22 -45.18 -31.68
CA THR B 287 21.41 -45.64 -30.99
C THR B 287 21.05 -46.14 -29.58
N LEU B 288 20.06 -45.52 -28.94
CA LEU B 288 19.73 -45.91 -27.57
C LEU B 288 19.03 -47.25 -27.54
N THR B 289 18.11 -47.49 -28.48
CA THR B 289 17.41 -48.78 -28.54
C THR B 289 18.40 -49.93 -28.68
N LEU B 290 19.45 -49.72 -29.48
CA LEU B 290 20.51 -50.72 -29.66
C LEU B 290 21.52 -50.81 -28.51
N SER B 291 21.85 -49.67 -27.91
CA SER B 291 22.83 -49.61 -26.84
C SER B 291 22.28 -50.17 -25.57
N PHE B 292 20.99 -49.93 -25.33
CA PHE B 292 20.30 -50.47 -24.18
C PHE B 292 20.21 -51.97 -24.30
N PHE B 293 19.85 -52.49 -25.47
CA PHE B 293 19.86 -53.95 -25.65
C PHE B 293 21.26 -54.53 -25.43
N PHE B 294 22.28 -53.86 -25.91
CA PHE B 294 23.65 -54.33 -25.67
C PHE B 294 23.89 -54.39 -24.18
N LYS B 295 23.47 -53.35 -23.45
CA LYS B 295 23.59 -53.35 -21.99
C LYS B 295 22.93 -54.59 -21.33
N PHE B 296 21.68 -54.84 -21.71
CA PHE B 296 20.95 -56.05 -21.34
C PHE B 296 21.70 -57.33 -21.75
N TYR B 297 22.14 -57.40 -23.01
CA TYR B 297 22.90 -58.55 -23.52
C TYR B 297 24.10 -58.91 -22.63
N LEU B 298 24.93 -57.92 -22.31
CA LEU B 298 26.11 -58.13 -21.45
C LEU B 298 25.78 -58.43 -20.00
N THR B 299 24.74 -57.79 -19.47
CA THR B 299 24.29 -58.05 -18.09
C THR B 299 23.78 -59.49 -17.93
N VAL B 300 23.02 -59.97 -18.91
CA VAL B 300 22.52 -61.35 -18.95
C VAL B 300 23.68 -62.34 -18.97
N LEU B 301 24.65 -62.11 -19.84
CA LEU B 301 25.86 -62.93 -19.84
C LEU B 301 26.57 -63.01 -18.47
N LYS B 302 26.65 -61.88 -17.75
CA LYS B 302 27.28 -61.87 -16.43
C LYS B 302 26.44 -62.63 -15.39
N LYS B 303 25.11 -62.58 -15.54
CA LYS B 303 24.18 -63.34 -14.71
C LYS B 303 24.18 -64.83 -15.07
N LEU B 304 24.72 -65.16 -16.24
CA LEU B 304 24.98 -66.55 -16.64
C LEU B 304 26.47 -66.92 -16.48
N GLY B 305 27.26 -66.64 -17.53
CA GLY B 305 28.68 -67.01 -17.62
C GLY B 305 29.56 -66.15 -16.76
N ASP C 1 33.44 -3.68 12.66
CA ASP C 1 33.97 -3.67 11.26
C ASP C 1 33.98 -5.09 10.68
N THR C 2 33.05 -5.33 9.75
CA THR C 2 32.76 -6.67 9.25
C THR C 2 33.21 -6.90 7.81
N VAL C 3 33.77 -5.86 7.18
CA VAL C 3 34.31 -5.95 5.82
C VAL C 3 35.46 -6.98 5.81
N GLY C 4 35.34 -7.95 4.89
CA GLY C 4 36.23 -9.11 4.85
C GLY C 4 35.76 -10.25 5.71
N ARG C 5 34.64 -10.09 6.42
CA ARG C 5 34.08 -11.15 7.25
C ARG C 5 32.88 -11.85 6.57
N PRO C 6 32.74 -13.19 6.76
CA PRO C 6 31.70 -14.06 6.20
C PRO C 6 30.29 -13.91 6.81
N LEU C 7 29.78 -12.66 6.79
CA LEU C 7 28.51 -12.30 7.38
C LEU C 7 27.35 -12.82 6.51
N PRO C 8 26.44 -13.65 7.08
CA PRO C 8 25.33 -14.16 6.27
C PRO C 8 24.42 -13.05 5.72
N HIS C 9 23.88 -13.30 4.54
CA HIS C 9 22.85 -12.47 3.91
C HIS C 9 21.90 -11.99 4.98
N LEU C 10 21.69 -10.67 5.03
CA LEU C 10 20.86 -10.04 6.05
C LEU C 10 19.45 -10.58 6.14
N ALA C 11 18.91 -10.99 5.00
CA ALA C 11 17.54 -11.49 4.95
C ALA C 11 17.44 -13.00 5.08
N ALA C 12 18.56 -13.70 5.30
CA ALA C 12 18.57 -15.16 5.08
C ALA C 12 17.64 -15.96 6.04
N ALA C 13 17.64 -15.57 7.31
CA ALA C 13 16.76 -16.08 8.35
C ALA C 13 15.26 -15.86 8.05
N MET C 14 14.90 -14.67 7.57
CA MET C 14 13.55 -14.40 7.15
C MET C 14 13.17 -15.14 5.86
N GLN C 15 14.11 -15.43 5.00
CA GLN C 15 13.83 -16.23 3.79
C GLN C 15 13.55 -17.70 4.15
N ALA C 16 14.29 -18.19 5.14
CA ALA C 16 14.14 -19.54 5.71
C ALA C 16 12.86 -19.77 6.50
N SER C 17 12.32 -18.70 7.08
CA SER C 17 11.04 -18.78 7.79
C SER C 17 9.82 -18.42 6.90
N GLY C 18 10.07 -18.03 5.64
CA GLY C 18 9.02 -17.54 4.75
C GLY C 18 8.43 -16.20 5.11
N GLU C 19 9.21 -15.36 5.79
CA GLU C 19 8.76 -14.07 6.30
C GLU C 19 9.22 -12.93 5.40
N ALA C 20 10.16 -13.23 4.53
CA ALA C 20 10.63 -12.23 3.59
C ALA C 20 9.57 -12.08 2.52
N VAL C 21 9.27 -10.83 2.17
CA VAL C 21 8.22 -10.52 1.20
C VAL C 21 8.80 -10.30 -0.20
N TYR C 22 8.23 -11.06 -1.15
CA TYR C 22 8.41 -10.93 -2.60
C TYR C 22 7.12 -10.32 -3.15
N CYS C 23 7.19 -9.88 -4.39
CA CYS C 23 6.14 -9.06 -4.94
C CYS C 23 4.75 -9.64 -4.71
N ASP C 24 4.53 -10.92 -5.04
CA ASP C 24 3.18 -11.52 -4.96
C ASP C 24 2.77 -11.83 -3.52
N ASP C 25 3.73 -11.81 -2.59
CA ASP C 25 3.41 -11.92 -1.15
C ASP C 25 2.76 -10.65 -0.55
N ILE C 26 2.93 -9.48 -1.17
CA ILE C 26 2.27 -8.27 -0.69
C ILE C 26 0.75 -8.53 -0.67
N PRO C 27 0.01 -8.10 0.38
CA PRO C 27 -1.44 -8.42 0.48
C PRO C 27 -2.25 -7.68 -0.58
N ARG C 28 -3.35 -8.27 -1.04
CA ARG C 28 -4.18 -7.64 -2.06
C ARG C 28 -5.05 -6.57 -1.41
N TYR C 29 -5.30 -5.50 -2.13
CA TYR C 29 -6.29 -4.54 -1.73
C TYR C 29 -7.64 -5.16 -1.96
N GLU C 30 -8.62 -4.80 -1.15
CA GLU C 30 -9.99 -5.32 -1.32
C GLU C 30 -10.53 -5.26 -2.76
N ASN C 31 -10.13 -4.23 -3.52
CA ASN C 31 -10.63 -4.00 -4.89
C ASN C 31 -9.62 -4.37 -5.97
N GLU C 32 -8.53 -5.04 -5.58
CA GLU C 32 -7.47 -5.42 -6.51
C GLU C 32 -7.85 -6.50 -7.53
N LEU C 33 -7.56 -6.20 -8.80
CA LEU C 33 -7.80 -7.10 -9.93
C LEU C 33 -6.53 -7.82 -10.39
N PHE C 34 -6.71 -8.80 -11.29
CA PHE C 34 -5.64 -9.67 -11.78
C PHE C 34 -5.61 -9.61 -13.27
N LEU C 35 -4.40 -9.58 -13.81
CA LEU C 35 -4.24 -9.46 -15.26
C LEU C 35 -3.57 -10.74 -15.79
N ARG C 36 -3.98 -11.17 -16.97
CA ARG C 36 -3.31 -12.24 -17.70
C ARG C 36 -3.09 -11.75 -19.13
N LEU C 37 -1.85 -11.82 -19.60
CA LEU C 37 -1.49 -11.51 -21.00
C LEU C 37 -2.08 -12.45 -22.06
N VAL C 38 -2.56 -11.86 -23.14
CA VAL C 38 -2.98 -12.63 -24.30
C VAL C 38 -1.86 -12.55 -25.33
N THR C 39 -1.42 -13.73 -25.77
CA THR C 39 -0.15 -13.91 -26.47
C THR C 39 -0.24 -14.62 -27.85
N SER C 40 0.62 -14.22 -28.81
CA SER C 40 0.62 -14.82 -30.16
C SER C 40 0.95 -16.32 -30.21
N THR C 41 0.28 -17.06 -31.08
CA THR C 41 0.63 -18.47 -31.25
C THR C 41 1.30 -18.69 -32.59
N ARG C 42 1.48 -17.61 -33.36
CA ARG C 42 2.20 -17.64 -34.64
C ARG C 42 3.51 -16.87 -34.57
N ALA C 43 4.53 -17.37 -35.25
CA ALA C 43 5.82 -16.67 -35.37
C ALA C 43 5.77 -15.37 -36.18
N HIS C 44 4.99 -15.35 -37.26
CA HIS C 44 4.86 -14.14 -38.07
C HIS C 44 3.51 -14.18 -38.80
N ALA C 45 2.61 -13.27 -38.44
CA ALA C 45 1.28 -13.26 -39.02
C ALA C 45 0.66 -11.89 -38.86
N LYS C 46 -0.33 -11.63 -39.69
CA LYS C 46 -1.22 -10.49 -39.58
C LYS C 46 -2.39 -10.88 -38.64
N ILE C 47 -2.74 -10.00 -37.70
CA ILE C 47 -3.91 -10.24 -36.85
C ILE C 47 -5.20 -9.86 -37.59
N LYS C 48 -6.06 -10.85 -37.82
CA LYS C 48 -7.24 -10.72 -38.66
C LYS C 48 -8.49 -10.42 -37.81
N SER C 49 -8.49 -10.87 -36.56
CA SER C 49 -9.52 -10.56 -35.58
C SER C 49 -9.18 -11.08 -34.18
N ILE C 50 -9.69 -10.38 -33.18
CA ILE C 50 -9.65 -10.85 -31.79
C ILE C 50 -11.08 -10.96 -31.27
N ASP C 51 -11.46 -12.15 -30.85
CA ASP C 51 -12.83 -12.39 -30.39
C ASP C 51 -12.88 -12.67 -28.88
N VAL C 52 -13.62 -11.85 -28.14
CA VAL C 52 -13.68 -11.95 -26.66
C VAL C 52 -15.02 -12.39 -26.08
N SER C 53 -15.97 -12.83 -26.93
CA SER C 53 -17.33 -13.19 -26.49
C SER C 53 -17.38 -14.28 -25.42
N GLU C 54 -16.58 -15.33 -25.63
CA GLU C 54 -16.53 -16.42 -24.69
C GLU C 54 -15.79 -16.04 -23.40
N ALA C 55 -14.85 -15.11 -23.51
CA ALA C 55 -14.12 -14.60 -22.34
C ALA C 55 -15.04 -13.75 -21.45
N GLN C 56 -15.88 -12.94 -22.09
CA GLN C 56 -16.87 -12.11 -21.38
C GLN C 56 -17.85 -12.93 -20.55
N LYS C 57 -17.91 -14.24 -20.80
CA LYS C 57 -18.83 -15.14 -20.09
C LYS C 57 -18.17 -15.79 -18.89
N VAL C 58 -16.85 -15.65 -18.76
CA VAL C 58 -16.15 -16.17 -17.58
C VAL C 58 -16.57 -15.29 -16.39
N PRO C 59 -16.98 -15.93 -15.28
CA PRO C 59 -17.33 -15.15 -14.09
C PRO C 59 -16.13 -14.33 -13.63
N GLY C 60 -16.36 -13.08 -13.24
CA GLY C 60 -15.27 -12.23 -12.76
C GLY C 60 -14.57 -11.47 -13.85
N PHE C 61 -14.96 -11.72 -15.10
CA PHE C 61 -14.36 -11.00 -16.21
C PHE C 61 -14.63 -9.52 -16.01
N VAL C 62 -13.59 -8.69 -16.16
CA VAL C 62 -13.72 -7.26 -16.02
C VAL C 62 -13.65 -6.60 -17.40
N CYS C 63 -12.55 -6.86 -18.12
CA CYS C 63 -12.34 -6.27 -19.45
C CYS C 63 -11.16 -6.92 -20.21
N PHE C 64 -11.13 -6.66 -21.51
CA PHE C 64 -10.03 -7.01 -22.37
C PHE C 64 -9.30 -5.74 -22.76
N LEU C 65 -7.97 -5.80 -22.71
CA LEU C 65 -7.15 -4.63 -23.04
C LEU C 65 -6.36 -4.87 -24.31
N SER C 66 -6.19 -3.82 -25.11
CA SER C 66 -5.46 -3.88 -26.36
C SER C 66 -4.89 -2.51 -26.67
N ALA C 67 -4.21 -2.40 -27.81
CA ALA C 67 -3.51 -1.18 -28.23
C ALA C 67 -4.39 0.06 -28.28
N ASP C 68 -5.70 -0.13 -28.42
CA ASP C 68 -6.62 0.97 -28.57
C ASP C 68 -7.09 1.55 -27.23
N ASP C 69 -6.80 0.89 -26.11
CA ASP C 69 -7.08 1.47 -24.78
C ASP C 69 -5.91 2.32 -24.22
N ILE C 70 -4.78 2.31 -24.92
CA ILE C 70 -3.59 3.05 -24.49
C ILE C 70 -3.75 4.57 -24.67
N PRO C 71 -3.60 5.34 -23.56
CA PRO C 71 -3.74 6.79 -23.60
C PRO C 71 -2.54 7.59 -24.11
N GLY C 72 -1.35 7.03 -24.00
CA GLY C 72 -0.15 7.75 -24.40
C GLY C 72 0.47 7.19 -25.66
N SER C 73 1.28 6.18 -25.49
CA SER C 73 2.06 5.65 -26.59
C SER C 73 2.13 4.12 -26.53
N ASN C 74 1.82 3.49 -27.68
CA ASN C 74 2.02 2.06 -27.89
C ASN C 74 3.47 1.71 -28.26
N GLU C 75 4.33 2.71 -28.38
CA GLU C 75 5.71 2.48 -28.82
C GLU C 75 6.60 2.31 -27.61
N THR C 76 7.32 1.19 -27.55
CA THR C 76 8.09 0.86 -26.35
C THR C 76 9.40 0.13 -26.65
N GLY C 77 10.06 -0.30 -25.58
CA GLY C 77 11.33 -1.02 -25.67
C GLY C 77 12.48 -0.08 -25.58
N LEU C 78 13.69 -0.62 -25.47
CA LEU C 78 14.89 0.18 -25.24
C LEU C 78 15.21 1.08 -26.44
N PHE C 79 14.95 0.57 -27.65
CA PHE C 79 15.19 1.31 -28.89
C PHE C 79 13.90 1.67 -29.62
N ASN C 80 12.79 1.68 -28.90
CA ASN C 80 11.50 2.18 -29.44
C ASN C 80 10.99 1.40 -30.66
N ASP C 81 11.32 0.11 -30.69
CA ASP C 81 11.05 -0.73 -31.83
C ASP C 81 10.11 -1.87 -31.40
N GLU C 82 9.56 -1.78 -30.20
CA GLU C 82 8.53 -2.70 -29.73
C GLU C 82 7.15 -2.04 -29.61
N THR C 83 6.12 -2.86 -29.50
CA THR C 83 4.82 -2.37 -29.10
C THR C 83 4.55 -2.86 -27.68
N VAL C 84 3.65 -2.19 -26.98
CA VAL C 84 3.12 -2.65 -25.70
C VAL C 84 2.17 -3.78 -26.02
N PHE C 85 1.32 -3.53 -27.01
CA PHE C 85 0.38 -4.51 -27.51
C PHE C 85 0.45 -4.47 -29.04
N ALA C 86 0.59 -5.65 -29.64
CA ALA C 86 0.62 -5.81 -31.09
C ALA C 86 -0.70 -5.37 -31.69
N LYS C 87 -0.66 -4.68 -32.83
CA LYS C 87 -1.90 -4.14 -33.43
C LYS C 87 -2.26 -4.80 -34.76
N ASP C 88 -1.34 -4.76 -35.72
CA ASP C 88 -1.65 -5.28 -37.06
C ASP C 88 -1.06 -6.68 -37.27
N THR C 89 0.19 -6.84 -36.85
CA THR C 89 0.94 -8.09 -37.05
C THR C 89 1.65 -8.52 -35.77
N VAL C 90 1.74 -9.82 -35.57
CA VAL C 90 2.57 -10.39 -34.52
C VAL C 90 3.88 -10.89 -35.16
N THR C 91 4.96 -10.83 -34.40
CA THR C 91 6.26 -11.15 -34.97
C THR C 91 7.08 -12.20 -34.20
N CYS C 92 6.45 -12.90 -33.25
CA CYS C 92 6.97 -14.11 -32.60
C CYS C 92 5.86 -14.84 -31.89
N VAL C 93 6.05 -16.12 -31.59
CA VAL C 93 5.16 -16.85 -30.68
C VAL C 93 4.93 -16.15 -29.29
N GLY C 94 5.95 -15.75 -28.55
CA GLY C 94 5.53 -15.02 -27.32
C GLY C 94 4.77 -13.68 -27.38
N HIS C 95 4.46 -13.19 -28.57
CA HIS C 95 4.12 -11.76 -28.78
C HIS C 95 2.82 -11.29 -28.13
N ILE C 96 2.92 -10.27 -27.27
CA ILE C 96 1.77 -9.81 -26.48
C ILE C 96 0.75 -9.06 -27.34
N ILE C 97 -0.46 -9.59 -27.42
CA ILE C 97 -1.55 -8.98 -28.21
C ILE C 97 -2.42 -8.09 -27.32
N GLY C 98 -2.77 -8.63 -26.15
CA GLY C 98 -3.61 -7.92 -25.21
C GLY C 98 -3.52 -8.51 -23.82
N ALA C 99 -4.55 -8.24 -23.02
CA ALA C 99 -4.59 -8.74 -21.66
C ALA C 99 -6.05 -8.79 -21.21
N VAL C 100 -6.37 -9.85 -20.48
CA VAL C 100 -7.61 -9.96 -19.76
C VAL C 100 -7.46 -9.50 -18.29
N VAL C 101 -8.46 -8.79 -17.81
CA VAL C 101 -8.52 -8.33 -16.44
C VAL C 101 -9.69 -9.04 -15.78
N ALA C 102 -9.43 -9.68 -14.65
CA ALA C 102 -10.50 -10.34 -13.91
C ALA C 102 -10.38 -10.16 -12.40
N ASP C 103 -11.33 -10.74 -11.67
CA ASP C 103 -11.41 -10.56 -10.22
C ASP C 103 -10.55 -11.54 -9.43
N THR C 104 -10.19 -12.68 -10.05
CA THR C 104 -9.21 -13.57 -9.43
C THR C 104 -8.16 -14.02 -10.47
N PRO C 105 -6.99 -14.50 -10.01
CA PRO C 105 -6.09 -14.98 -11.07
C PRO C 105 -6.61 -16.24 -11.81
N GLU C 106 -7.50 -17.01 -11.18
CA GLU C 106 -8.03 -18.20 -11.79
C GLU C 106 -9.00 -17.84 -12.92
N HIS C 107 -9.79 -16.78 -12.71
CA HIS C 107 -10.74 -16.30 -13.73
C HIS C 107 -10.00 -15.63 -14.89
N ALA C 108 -8.93 -14.91 -14.56
CA ALA C 108 -8.13 -14.24 -15.59
C ALA C 108 -7.48 -15.25 -16.52
N GLU C 109 -6.95 -16.32 -15.94
CA GLU C 109 -6.45 -17.49 -16.67
C GLU C 109 -7.50 -18.15 -17.57
N ARG C 110 -8.70 -18.42 -17.03
CA ARG C 110 -9.78 -19.06 -17.82
C ARG C 110 -10.24 -18.18 -18.99
N ALA C 111 -10.36 -16.89 -18.73
CA ALA C 111 -10.84 -15.94 -19.72
C ALA C 111 -9.82 -15.77 -20.84
N ALA C 112 -8.54 -15.74 -20.49
CA ALA C 112 -7.44 -15.55 -21.46
C ALA C 112 -7.32 -16.73 -22.42
N HIS C 113 -7.51 -17.96 -21.91
CA HIS C 113 -7.44 -19.16 -22.75
C HIS C 113 -8.54 -19.16 -23.83
N VAL C 114 -9.64 -18.51 -23.51
CA VAL C 114 -10.82 -18.56 -24.35
C VAL C 114 -10.93 -17.37 -25.33
N VAL C 115 -9.97 -16.45 -25.27
CA VAL C 115 -9.82 -15.40 -26.27
C VAL C 115 -9.28 -15.99 -27.58
N LYS C 116 -10.07 -15.86 -28.64
CA LYS C 116 -9.74 -16.50 -29.90
C LYS C 116 -9.17 -15.46 -30.85
N VAL C 117 -7.98 -15.72 -31.37
CA VAL C 117 -7.39 -14.84 -32.36
C VAL C 117 -7.34 -15.50 -33.74
N THR C 118 -7.49 -14.68 -34.77
CA THR C 118 -7.45 -15.16 -36.15
C THR C 118 -6.26 -14.52 -36.85
N TYR C 119 -5.52 -15.34 -37.57
CA TYR C 119 -4.29 -14.92 -38.19
C TYR C 119 -4.27 -15.21 -39.69
N GLU C 120 -3.46 -14.44 -40.42
CA GLU C 120 -2.98 -14.81 -41.75
C GLU C 120 -1.44 -14.83 -41.67
N ASP C 121 -0.87 -16.02 -41.86
CA ASP C 121 0.59 -16.23 -41.78
C ASP C 121 1.41 -15.44 -42.79
N LEU C 122 2.58 -15.00 -42.33
CA LEU C 122 3.58 -14.35 -43.15
C LEU C 122 4.91 -15.14 -43.07
N PRO C 123 5.78 -15.01 -44.10
CA PRO C 123 7.14 -15.57 -44.11
C PRO C 123 7.95 -15.34 -42.82
N ALA C 124 8.29 -16.43 -42.12
CA ALA C 124 9.00 -16.32 -40.85
C ALA C 124 10.47 -16.73 -40.92
N ILE C 125 11.32 -16.03 -40.16
CA ILE C 125 12.76 -16.29 -40.04
C ILE C 125 13.04 -16.65 -38.59
N ILE C 126 13.59 -17.83 -38.36
CA ILE C 126 13.66 -18.41 -37.02
C ILE C 126 15.07 -18.76 -36.57
N THR C 127 15.87 -19.35 -37.45
CA THR C 127 17.24 -19.75 -37.11
C THR C 127 18.23 -18.67 -37.57
N ILE C 128 19.44 -18.70 -37.01
CA ILE C 128 20.53 -17.81 -37.46
C ILE C 128 20.85 -18.04 -38.95
N GLU C 129 20.83 -19.30 -39.37
CA GLU C 129 21.08 -19.69 -40.75
C GLU C 129 19.97 -19.14 -41.69
N ASP C 130 18.71 -19.15 -41.26
CA ASP C 130 17.61 -18.46 -41.98
C ASP C 130 17.89 -16.96 -42.14
N ALA C 131 18.36 -16.33 -41.04
CA ALA C 131 18.60 -14.88 -41.00
C ALA C 131 19.81 -14.44 -41.85
N ILE C 132 20.89 -15.22 -41.81
CA ILE C 132 22.04 -14.96 -42.70
C ILE C 132 21.62 -15.03 -44.19
N LYS C 133 20.95 -16.12 -44.57
CA LYS C 133 20.39 -16.30 -45.91
C LYS C 133 19.43 -15.20 -46.39
N ASN C 134 18.74 -14.55 -45.46
CA ASN C 134 17.75 -13.55 -45.82
C ASN C 134 18.25 -12.12 -45.61
N ASN C 135 19.51 -12.01 -45.21
CA ASN C 135 20.10 -10.76 -44.69
C ASN C 135 19.23 -9.98 -43.69
N SER C 136 18.71 -10.70 -42.70
CA SER C 136 17.85 -10.15 -41.66
C SER C 136 18.66 -9.83 -40.40
N PHE C 137 19.19 -8.61 -40.33
CA PHE C 137 19.99 -8.14 -39.18
C PHE C 137 19.52 -6.81 -38.63
N TYR C 138 19.79 -6.55 -37.36
CA TYR C 138 19.69 -5.22 -36.79
C TYR C 138 21.03 -4.56 -36.92
N GLY C 139 21.01 -3.38 -37.53
CA GLY C 139 22.18 -2.56 -37.66
C GLY C 139 23.18 -3.19 -38.58
N SER C 140 24.44 -2.81 -38.40
CA SER C 140 25.47 -3.27 -39.29
C SER C 140 26.53 -4.00 -38.48
N GLU C 141 27.52 -4.53 -39.19
CA GLU C 141 28.54 -5.32 -38.57
C GLU C 141 29.35 -4.56 -37.51
N LEU C 142 29.50 -5.16 -36.34
CA LEU C 142 30.47 -4.70 -35.32
C LEU C 142 31.83 -5.35 -35.56
N LYS C 143 32.93 -4.69 -35.21
CA LYS C 143 34.26 -5.17 -35.56
C LYS C 143 35.38 -4.63 -34.68
N ILE C 144 36.28 -5.51 -34.25
CA ILE C 144 37.54 -5.09 -33.62
C ILE C 144 38.65 -5.80 -34.39
N GLU C 145 39.63 -5.03 -34.82
CA GLU C 145 40.70 -5.58 -35.62
C GLU C 145 42.04 -4.98 -35.22
N LYS C 146 43.01 -5.85 -34.98
CA LYS C 146 44.36 -5.46 -34.58
C LYS C 146 45.40 -6.27 -35.38
N GLY C 147 46.47 -5.60 -35.82
CA GLY C 147 47.58 -6.26 -36.53
C GLY C 147 47.31 -6.48 -38.01
N ASP C 148 47.99 -7.47 -38.58
CA ASP C 148 47.90 -7.77 -40.01
C ASP C 148 47.55 -9.26 -40.22
N LEU C 149 46.35 -9.51 -40.74
CA LEU C 149 45.81 -10.87 -40.86
C LEU C 149 46.28 -11.67 -42.07
N LYS C 150 46.25 -11.06 -43.25
CA LYS C 150 47.14 -11.51 -44.32
C LYS C 150 48.49 -11.18 -43.71
N LYS C 151 49.41 -12.15 -43.69
CA LYS C 151 50.72 -11.95 -43.08
C LYS C 151 50.80 -12.80 -41.85
N GLY C 152 49.84 -12.64 -40.93
CA GLY C 152 49.74 -13.52 -39.78
C GLY C 152 49.45 -14.92 -40.27
N PHE C 153 48.49 -15.03 -41.20
CA PHE C 153 48.16 -16.32 -41.84
C PHE C 153 49.26 -16.87 -42.76
N SER C 154 49.99 -15.97 -43.41
CA SER C 154 51.17 -16.33 -44.21
C SER C 154 52.27 -16.96 -43.37
N GLU C 155 52.44 -16.47 -42.15
CA GLU C 155 53.53 -16.88 -41.27
C GLU C 155 53.20 -18.22 -40.58
N ALA C 156 51.91 -18.54 -40.49
CA ALA C 156 51.41 -19.72 -39.76
C ALA C 156 51.77 -21.06 -40.42
N ASP C 157 52.14 -22.03 -39.59
CA ASP C 157 52.39 -23.41 -40.04
C ASP C 157 51.08 -24.08 -40.38
N ASN C 158 50.18 -24.05 -39.41
CA ASN C 158 48.86 -24.67 -39.52
C ASN C 158 47.72 -23.66 -39.44
N VAL C 159 46.61 -23.98 -40.11
CA VAL C 159 45.40 -23.16 -40.13
C VAL C 159 44.18 -24.07 -39.99
N VAL C 160 43.44 -23.92 -38.88
CA VAL C 160 42.20 -24.65 -38.65
C VAL C 160 40.99 -23.73 -38.83
N SER C 161 40.05 -24.14 -39.67
CA SER C 161 38.79 -23.42 -39.73
C SER C 161 37.65 -24.32 -39.30
N GLY C 162 36.50 -23.72 -39.00
CA GLY C 162 35.35 -24.42 -38.45
C GLY C 162 34.12 -23.53 -38.20
N GLU C 163 33.04 -24.18 -37.77
CA GLU C 163 31.83 -23.53 -37.33
C GLU C 163 31.41 -24.10 -35.96
N LEU C 164 30.78 -23.26 -35.13
CA LEU C 164 30.44 -23.64 -33.76
C LEU C 164 29.11 -22.97 -33.41
N TYR C 165 28.28 -23.71 -32.68
CA TYR C 165 27.01 -23.20 -32.19
C TYR C 165 26.91 -23.36 -30.68
N ILE C 166 26.28 -22.38 -30.04
CA ILE C 166 26.00 -22.40 -28.61
C ILE C 166 24.56 -21.91 -28.42
N GLY C 167 23.73 -22.82 -27.90
CA GLY C 167 22.29 -22.58 -27.67
C GLY C 167 22.08 -21.53 -26.60
N GLY C 168 20.84 -21.05 -26.50
CA GLY C 168 20.47 -20.00 -25.55
C GLY C 168 20.22 -20.62 -24.20
N GLN C 169 19.56 -19.88 -23.32
CA GLN C 169 19.37 -20.29 -21.95
C GLN C 169 18.19 -19.53 -21.36
N ASP C 170 17.36 -20.24 -20.62
CA ASP C 170 16.27 -19.61 -19.89
C ASP C 170 16.80 -19.26 -18.52
N HIS C 171 16.51 -18.03 -18.09
CA HIS C 171 17.00 -17.51 -16.83
C HIS C 171 16.63 -18.38 -15.64
N PHE C 172 15.39 -18.81 -15.60
CA PHE C 172 14.83 -19.72 -14.58
C PHE C 172 15.06 -19.25 -13.13
N TYR C 173 14.85 -17.93 -12.94
CA TYR C 173 14.72 -17.34 -11.64
C TYR C 173 13.53 -18.05 -11.01
N LEU C 174 13.68 -18.46 -9.77
CA LEU C 174 12.56 -19.14 -9.12
C LEU C 174 11.33 -18.26 -9.01
N GLU C 175 11.52 -16.96 -8.76
CA GLU C 175 10.42 -16.01 -8.82
C GLU C 175 10.33 -15.46 -10.24
N THR C 176 9.20 -15.72 -10.88
CA THR C 176 8.90 -15.18 -12.20
C THR C 176 8.57 -13.66 -12.16
N HIS C 177 8.44 -13.04 -13.33
CA HIS C 177 8.03 -11.65 -13.40
C HIS C 177 6.72 -11.37 -12.67
N CYS C 178 6.71 -10.23 -11.99
CA CYS C 178 5.59 -9.82 -11.15
C CYS C 178 5.53 -8.28 -11.02
N THR C 179 4.32 -7.72 -11.13
CA THR C 179 4.06 -6.29 -10.92
C THR C 179 2.73 -6.10 -10.20
N ILE C 180 2.74 -5.22 -9.21
CA ILE C 180 1.52 -4.62 -8.70
C ILE C 180 1.55 -3.13 -9.05
N ALA C 181 0.48 -2.66 -9.66
CA ALA C 181 0.32 -1.24 -10.00
C ALA C 181 -0.87 -0.71 -9.21
N ILE C 182 -0.61 0.33 -8.42
CA ILE C 182 -1.67 1.03 -7.65
C ILE C 182 -1.95 2.44 -8.17
N PRO C 183 -3.13 2.62 -8.80
CA PRO C 183 -3.47 3.97 -9.25
C PRO C 183 -4.03 4.82 -8.09
N LYS C 184 -3.53 6.03 -7.94
CA LYS C 184 -3.97 6.91 -6.86
C LYS C 184 -5.28 7.69 -7.16
N GLY C 185 -5.60 7.87 -8.43
CA GLY C 185 -6.83 8.59 -8.82
C GLY C 185 -6.68 10.10 -8.89
N GLU C 186 -5.45 10.57 -8.61
CA GLU C 186 -5.00 11.96 -8.61
C GLU C 186 -3.82 12.15 -9.55
N GLU C 187 -3.94 13.15 -10.44
CA GLU C 187 -2.90 13.60 -11.38
C GLU C 187 -2.07 12.55 -12.15
N GLY C 188 -2.67 11.41 -12.47
CA GLY C 188 -1.94 10.31 -13.10
C GLY C 188 -0.92 9.64 -12.20
N GLU C 189 -1.01 9.88 -10.90
CA GLU C 189 -0.11 9.25 -9.96
C GLU C 189 -0.36 7.74 -9.90
N MET C 190 0.72 7.00 -10.02
CA MET C 190 0.72 5.56 -9.88
C MET C 190 1.93 5.07 -9.06
N GLU C 191 1.65 4.10 -8.18
CA GLU C 191 2.72 3.46 -7.40
C GLU C 191 2.83 1.96 -7.78
N LEU C 192 4.05 1.53 -8.09
CA LEU C 192 4.29 0.15 -8.57
C LEU C 192 5.25 -0.64 -7.70
N PHE C 193 4.84 -1.87 -7.40
CA PHE C 193 5.72 -2.84 -6.77
C PHE C 193 6.10 -3.84 -7.82
N VAL C 194 7.41 -3.96 -8.06
CA VAL C 194 7.98 -4.68 -9.20
C VAL C 194 9.18 -5.57 -8.84
N SER C 195 9.17 -6.79 -9.38
CA SER C 195 10.33 -7.65 -9.42
C SER C 195 11.14 -7.23 -10.66
N THR C 196 11.91 -6.16 -10.51
CA THR C 196 12.76 -5.68 -11.60
C THR C 196 14.18 -5.28 -11.11
N GLN C 197 15.16 -5.36 -12.01
CA GLN C 197 16.51 -4.84 -11.75
C GLN C 197 16.64 -3.42 -12.30
N ASN C 198 15.59 -2.92 -12.94
CA ASN C 198 15.64 -1.63 -13.61
C ASN C 198 14.38 -0.81 -13.30
N ALA C 199 14.32 -0.32 -12.06
CA ALA C 199 13.25 0.61 -11.62
C ALA C 199 13.11 1.89 -12.50
N MET C 200 14.24 2.43 -12.93
CA MET C 200 14.22 3.61 -13.80
C MET C 200 13.46 3.40 -15.13
N LYS C 201 13.77 2.32 -15.86
CA LYS C 201 13.14 2.09 -17.16
C LYS C 201 11.71 1.69 -16.99
N THR C 202 11.40 0.97 -15.92
CA THR C 202 9.99 0.68 -15.55
C THR C 202 9.19 2.00 -15.45
N GLN C 203 9.73 2.90 -14.66
CA GLN C 203 9.17 4.23 -14.41
C GLN C 203 8.97 5.00 -15.72
N SER C 204 10.01 5.07 -16.55
CA SER C 204 9.97 5.70 -17.88
C SER C 204 8.95 5.06 -18.82
N PHE C 205 8.96 3.74 -18.92
CA PHE C 205 8.15 3.07 -19.91
C PHE C 205 6.69 3.20 -19.52
N VAL C 206 6.41 3.12 -18.21
CA VAL C 206 5.04 3.28 -17.70
C VAL C 206 4.56 4.71 -17.96
N ALA C 207 5.38 5.68 -17.60
CA ALA C 207 5.05 7.08 -17.87
C ALA C 207 4.81 7.30 -19.37
N LYS C 208 5.63 6.71 -20.22
CA LYS C 208 5.50 6.89 -21.66
C LYS C 208 4.20 6.31 -22.19
N MET C 209 3.81 5.16 -21.67
CA MET C 209 2.63 4.51 -22.15
C MET C 209 1.39 5.31 -21.73
N LEU C 210 1.44 5.86 -20.53
CA LEU C 210 0.34 6.60 -19.98
C LEU C 210 0.26 8.03 -20.49
N GLY C 211 1.31 8.53 -21.18
CA GLY C 211 1.35 9.94 -21.59
C GLY C 211 1.34 10.92 -20.41
N VAL C 212 2.21 10.65 -19.45
CA VAL C 212 2.18 11.32 -18.17
C VAL C 212 3.65 11.58 -17.81
N PRO C 213 3.97 12.69 -17.11
CA PRO C 213 5.38 12.92 -16.71
C PRO C 213 5.94 11.81 -15.79
N VAL C 214 7.26 11.62 -15.85
CA VAL C 214 7.93 10.58 -15.06
C VAL C 214 7.75 10.80 -13.55
N ASN C 215 7.67 12.05 -13.11
CA ASN C 215 7.45 12.36 -11.68
C ASN C 215 6.17 11.83 -11.00
N ARG C 216 5.20 11.33 -11.80
CA ARG C 216 3.94 10.81 -11.28
C ARG C 216 4.08 9.35 -10.88
N ILE C 217 5.11 8.71 -11.41
CA ILE C 217 5.28 7.27 -11.30
C ILE C 217 6.36 6.95 -10.25
N LEU C 218 5.94 6.16 -9.24
CA LEU C 218 6.82 5.69 -8.18
C LEU C 218 6.98 4.21 -8.35
N VAL C 219 8.22 3.74 -8.56
CA VAL C 219 8.53 2.32 -8.69
C VAL C 219 9.35 1.90 -7.47
N ARG C 220 8.87 0.83 -6.82
CA ARG C 220 9.47 0.27 -5.60
C ARG C 220 9.83 -1.21 -5.77
N VAL C 221 11.04 -1.56 -5.34
CA VAL C 221 11.55 -2.93 -5.40
C VAL C 221 12.18 -3.28 -4.06
N LYS C 222 11.62 -4.26 -3.36
CA LYS C 222 12.18 -4.70 -2.10
C LYS C 222 13.28 -5.73 -2.34
N ARG C 223 12.94 -6.74 -3.13
CA ARG C 223 13.82 -7.87 -3.50
C ARG C 223 13.19 -8.66 -4.66
N MET C 224 14.04 -9.36 -5.43
CA MET C 224 13.62 -10.28 -6.47
C MET C 224 14.00 -11.66 -6.02
N GLY C 225 13.15 -12.64 -6.33
CA GLY C 225 13.59 -14.05 -6.24
C GLY C 225 14.44 -14.46 -7.44
N GLY C 226 15.59 -13.80 -7.61
CA GLY C 226 16.46 -13.99 -8.78
C GLY C 226 16.12 -13.05 -9.91
N GLY C 227 17.14 -12.77 -10.72
CA GLY C 227 17.06 -11.79 -11.78
C GLY C 227 17.91 -12.29 -12.91
N PHE C 228 19.21 -12.45 -12.63
CA PHE C 228 20.21 -13.02 -13.58
C PHE C 228 20.28 -12.31 -14.94
N GLY C 229 19.86 -11.07 -14.97
CA GLY C 229 19.82 -10.35 -16.22
C GLY C 229 18.43 -10.30 -16.81
N GLY C 230 17.61 -11.31 -16.48
CA GLY C 230 16.25 -11.46 -17.04
C GLY C 230 15.24 -10.39 -16.70
N LYS C 231 15.56 -9.57 -15.70
CA LYS C 231 14.63 -8.54 -15.23
C LYS C 231 15.20 -7.14 -15.40
N GLU C 232 16.21 -7.03 -16.24
CA GLU C 232 16.95 -5.78 -16.43
C GLU C 232 16.16 -4.90 -17.38
N THR C 233 15.50 -5.52 -18.37
CA THR C 233 14.62 -4.76 -19.26
C THR C 233 13.29 -5.44 -19.51
N ARG C 234 13.28 -6.76 -19.47
CA ARG C 234 12.09 -7.51 -19.96
C ARG C 234 10.88 -7.47 -19.01
N SER C 235 11.12 -7.09 -17.76
CA SER C 235 10.09 -6.93 -16.72
C SER C 235 8.98 -5.99 -17.14
N THR C 236 9.35 -5.00 -17.96
CA THR C 236 8.44 -3.93 -18.40
C THR C 236 7.30 -4.45 -19.30
N LEU C 237 7.48 -5.66 -19.85
CA LEU C 237 6.45 -6.32 -20.64
C LEU C 237 5.23 -6.56 -19.77
N VAL C 238 5.47 -6.91 -18.51
CA VAL C 238 4.39 -7.15 -17.59
C VAL C 238 3.97 -5.82 -16.93
N SER C 239 4.95 -5.06 -16.47
CA SER C 239 4.73 -3.78 -15.75
C SER C 239 3.82 -2.78 -16.47
N VAL C 240 4.06 -2.59 -17.78
CA VAL C 240 3.30 -1.63 -18.55
C VAL C 240 1.87 -2.15 -18.81
N ALA C 241 1.74 -3.46 -19.00
CA ALA C 241 0.44 -4.08 -19.17
C ALA C 241 -0.39 -3.81 -17.92
N VAL C 242 0.24 -3.99 -16.77
CA VAL C 242 -0.44 -3.89 -15.48
C VAL C 242 -0.69 -2.43 -15.09
N ALA C 243 0.23 -1.52 -15.45
CA ALA C 243 -0.02 -0.08 -15.33
C ALA C 243 -1.24 0.31 -16.15
N LEU C 244 -1.30 -0.12 -17.41
CA LEU C 244 -2.51 0.13 -18.23
C LEU C 244 -3.83 -0.35 -17.59
N ALA C 245 -3.91 -1.59 -17.13
CA ALA C 245 -5.13 -2.08 -16.52
C ALA C 245 -5.50 -1.24 -15.31
N ALA C 246 -4.49 -0.82 -14.53
CA ALA C 246 -4.68 0.07 -13.39
C ALA C 246 -5.26 1.43 -13.80
N TYR C 247 -4.70 2.02 -14.85
CA TYR C 247 -5.17 3.28 -15.37
C TYR C 247 -6.65 3.18 -15.84
N LYS C 248 -6.95 2.09 -16.53
CA LYS C 248 -8.23 1.92 -17.21
C LYS C 248 -9.35 1.60 -16.22
N THR C 249 -9.06 0.77 -15.22
CA THR C 249 -10.10 0.35 -14.28
C THR C 249 -10.18 1.27 -13.08
N GLY C 250 -9.04 1.85 -12.69
CA GLY C 250 -9.06 2.72 -11.55
C GLY C 250 -8.87 1.90 -10.28
N HIS C 251 -8.64 0.60 -10.44
CA HIS C 251 -8.36 -0.29 -9.33
C HIS C 251 -6.86 -0.67 -9.31
N PRO C 252 -6.37 -1.13 -8.15
CA PRO C 252 -5.07 -1.79 -8.14
C PRO C 252 -5.14 -3.06 -8.99
N VAL C 253 -4.06 -3.34 -9.74
CA VAL C 253 -3.96 -4.55 -10.52
C VAL C 253 -2.56 -5.20 -10.33
N ARG C 254 -2.56 -6.53 -10.31
CA ARG C 254 -1.33 -7.32 -10.31
C ARG C 254 -1.36 -8.48 -11.30
N CYS C 255 -0.15 -8.93 -11.58
CA CYS C 255 0.09 -10.07 -12.42
C CYS C 255 1.40 -10.70 -12.00
N MET C 256 1.42 -12.00 -11.81
CA MET C 256 2.68 -12.76 -11.73
C MET C 256 2.61 -13.85 -12.81
N LEU C 257 3.64 -13.93 -13.67
CA LEU C 257 3.66 -14.92 -14.75
C LEU C 257 3.79 -16.34 -14.25
N ASP C 258 3.01 -17.23 -14.85
CA ASP C 258 3.18 -18.66 -14.63
C ASP C 258 4.45 -19.03 -15.38
N ARG C 259 5.18 -20.04 -14.91
CA ARG C 259 6.44 -20.46 -15.54
C ARG C 259 6.41 -20.52 -17.08
N ASN C 260 5.37 -21.16 -17.63
CA ASN C 260 5.27 -21.39 -19.06
C ASN C 260 5.11 -20.12 -19.89
N GLU C 261 4.40 -19.13 -19.34
CA GLU C 261 4.29 -17.79 -19.95
C GLU C 261 5.65 -17.08 -19.90
N ASP C 262 6.28 -17.15 -18.74
CA ASP C 262 7.55 -16.47 -18.53
C ASP C 262 8.61 -16.90 -19.52
N MET C 263 8.71 -18.22 -19.75
CA MET C 263 9.70 -18.85 -20.62
C MET C 263 9.48 -18.51 -22.07
N LEU C 264 8.22 -18.42 -22.48
CA LEU C 264 7.87 -18.16 -23.85
C LEU C 264 8.05 -16.70 -24.14
N ILE C 265 7.71 -15.87 -23.17
CA ILE C 265 7.51 -14.44 -23.42
C ILE C 265 8.71 -13.55 -23.20
N THR C 266 9.51 -13.85 -22.18
CA THR C 266 10.43 -12.83 -21.65
C THR C 266 11.84 -12.88 -22.20
N GLY C 267 12.14 -13.85 -23.05
CA GLY C 267 13.41 -13.87 -23.70
C GLY C 267 14.47 -14.47 -22.78
N GLY C 268 15.56 -14.91 -23.38
CA GLY C 268 16.65 -15.53 -22.64
C GLY C 268 17.98 -15.12 -23.19
N ARG C 269 18.98 -15.96 -22.95
CA ARG C 269 20.32 -15.74 -23.41
C ARG C 269 20.42 -15.92 -24.93
N HIS C 270 21.24 -15.08 -25.56
CA HIS C 270 21.48 -15.18 -27.03
C HIS C 270 22.20 -16.44 -27.48
N PRO C 271 21.52 -17.24 -28.32
CA PRO C 271 22.24 -18.27 -29.09
C PRO C 271 23.33 -17.60 -29.97
N PHE C 272 24.52 -18.21 -30.03
CA PHE C 272 25.62 -17.74 -30.85
C PHE C 272 26.01 -18.75 -31.94
N LEU C 273 26.18 -18.25 -33.17
CA LEU C 273 26.83 -19.03 -34.24
C LEU C 273 28.14 -18.39 -34.54
N ALA C 274 29.21 -19.19 -34.55
CA ALA C 274 30.53 -18.66 -34.89
C ALA C 274 31.17 -19.38 -36.06
N ARG C 275 31.70 -18.60 -37.02
CA ARG C 275 32.62 -19.16 -38.02
C ARG C 275 34.00 -18.63 -37.74
N TYR C 276 34.96 -19.53 -37.60
CA TYR C 276 36.31 -19.14 -37.18
C TYR C 276 37.47 -19.74 -38.02
N LYS C 277 38.61 -19.05 -38.01
CA LYS C 277 39.85 -19.47 -38.68
C LYS C 277 41.03 -18.99 -37.83
N VAL C 278 41.86 -19.93 -37.39
CA VAL C 278 43.03 -19.65 -36.56
C VAL C 278 44.29 -20.10 -37.26
N GLY C 279 45.31 -19.25 -37.20
CA GLY C 279 46.63 -19.61 -37.70
C GLY C 279 47.58 -19.77 -36.55
N PHE C 280 48.31 -20.89 -36.55
CA PHE C 280 49.25 -21.19 -35.48
C PHE C 280 50.54 -21.87 -35.96
N MET C 281 51.49 -21.97 -35.04
CA MET C 281 52.79 -22.62 -35.29
C MET C 281 52.73 -24.06 -34.80
N LYS C 282 53.67 -24.89 -35.26
CA LYS C 282 53.81 -26.27 -34.79
C LYS C 282 53.94 -26.37 -33.26
N THR C 283 54.46 -25.30 -32.64
CA THR C 283 54.60 -25.16 -31.18
C THR C 283 53.30 -24.94 -30.40
N GLY C 284 52.25 -24.48 -31.06
CA GLY C 284 51.01 -24.13 -30.39
C GLY C 284 50.75 -22.63 -30.30
N THR C 285 51.72 -21.80 -30.66
CA THR C 285 51.59 -20.36 -30.53
C THR C 285 50.66 -19.79 -31.63
N ILE C 286 49.64 -19.03 -31.21
CA ILE C 286 48.70 -18.37 -32.13
C ILE C 286 49.33 -17.14 -32.82
N VAL C 287 49.11 -17.04 -34.13
CA VAL C 287 49.68 -15.97 -34.95
C VAL C 287 48.58 -15.15 -35.64
N ALA C 288 47.43 -15.77 -35.87
CA ALA C 288 46.29 -15.11 -36.54
C ALA C 288 44.98 -15.72 -36.10
N LEU C 289 43.94 -14.90 -35.98
CA LEU C 289 42.60 -15.38 -35.62
C LEU C 289 41.56 -14.54 -36.32
N GLU C 290 40.56 -15.22 -36.90
CA GLU C 290 39.42 -14.58 -37.52
C GLU C 290 38.12 -15.24 -37.05
N VAL C 291 37.27 -14.45 -36.37
CA VAL C 291 35.95 -14.94 -35.93
C VAL C 291 34.85 -13.99 -36.35
N ASP C 292 33.87 -14.51 -37.07
CA ASP C 292 32.59 -13.87 -37.31
C ASP C 292 31.58 -14.50 -36.35
N HIS C 293 31.00 -13.67 -35.47
CA HIS C 293 29.89 -14.09 -34.57
C HIS C 293 28.52 -13.67 -35.11
N TYR C 294 27.53 -14.51 -34.87
CA TYR C 294 26.11 -14.18 -35.14
C TYR C 294 25.26 -14.55 -33.90
N SER C 295 24.51 -13.57 -33.39
CA SER C 295 23.62 -13.79 -32.29
C SER C 295 22.16 -13.86 -32.77
N ASN C 296 21.39 -14.78 -32.20
CA ASN C 296 19.96 -14.78 -32.43
C ASN C 296 19.29 -13.79 -31.46
N ALA C 297 19.15 -12.56 -31.92
CA ALA C 297 18.50 -11.45 -31.18
C ALA C 297 16.97 -11.54 -30.98
N GLY C 298 16.26 -12.27 -31.82
CA GLY C 298 14.78 -12.29 -31.72
C GLY C 298 14.14 -11.03 -32.31
N ASN C 299 12.96 -10.66 -31.83
CA ASN C 299 12.09 -9.72 -32.56
C ASN C 299 12.17 -8.25 -32.18
N SER C 300 13.21 -7.90 -31.43
CA SER C 300 13.58 -6.51 -31.20
C SER C 300 15.04 -6.43 -30.84
N ARG C 301 15.55 -5.20 -30.78
CA ARG C 301 16.93 -4.88 -30.45
C ARG C 301 17.24 -5.19 -29.00
N ASP C 302 16.48 -4.62 -28.06
CA ASP C 302 16.75 -4.75 -26.61
C ASP C 302 18.24 -4.49 -26.35
N LEU C 303 18.88 -5.36 -25.58
CA LEU C 303 20.31 -5.19 -25.24
C LEU C 303 21.29 -5.93 -26.16
N SER C 304 20.80 -6.38 -27.32
CA SER C 304 21.57 -7.24 -28.25
C SER C 304 22.90 -6.68 -28.76
N HIS C 305 22.93 -5.39 -29.07
CA HIS C 305 24.17 -4.74 -29.52
C HIS C 305 25.27 -4.72 -28.44
N SER C 306 24.91 -4.30 -27.23
CA SER C 306 25.82 -4.31 -26.08
C SER C 306 26.36 -5.69 -25.75
N ILE C 307 25.51 -6.70 -25.89
CA ILE C 307 25.89 -8.11 -25.71
C ILE C 307 26.94 -8.49 -26.76
N MET C 308 26.70 -8.08 -28.01
CA MET C 308 27.67 -8.35 -29.07
C MET C 308 29.00 -7.61 -28.86
N GLU C 309 28.94 -6.35 -28.39
CA GLU C 309 30.17 -5.65 -27.97
C GLU C 309 30.95 -6.42 -26.91
N ARG C 310 30.28 -6.85 -25.84
CA ARG C 310 30.98 -7.61 -24.81
C ARG C 310 31.57 -8.92 -25.35
N ALA C 311 30.85 -9.58 -26.27
CA ALA C 311 31.41 -10.76 -26.96
C ALA C 311 32.73 -10.45 -27.73
N LEU C 312 32.78 -9.36 -28.51
CA LEU C 312 34.02 -8.98 -29.20
C LEU C 312 35.15 -8.66 -28.22
N PHE C 313 34.81 -8.06 -27.09
CA PHE C 313 35.80 -7.77 -26.05
C PHE C 313 36.38 -9.03 -25.38
N HIS C 314 35.70 -10.18 -25.52
CA HIS C 314 36.08 -11.38 -24.82
C HIS C 314 36.52 -12.53 -25.72
N MET C 315 36.62 -12.26 -27.02
CA MET C 315 37.06 -13.26 -28.00
C MET C 315 38.55 -13.68 -27.86
N ASP C 316 39.33 -12.94 -27.07
CA ASP C 316 40.71 -13.32 -26.70
C ASP C 316 40.81 -14.33 -25.56
N ASN C 317 39.78 -14.38 -24.72
CA ASN C 317 39.92 -14.92 -23.36
C ASN C 317 41.21 -14.43 -22.64
N CYS C 318 42.15 -15.31 -22.31
CA CYS C 318 43.41 -14.92 -21.63
C CYS C 318 44.66 -15.06 -22.53
N TYR C 319 44.46 -14.99 -23.84
CA TYR C 319 45.49 -15.28 -24.82
C TYR C 319 45.88 -14.07 -25.67
N LYS C 320 47.19 -13.87 -25.78
CA LYS C 320 47.81 -12.84 -26.60
C LYS C 320 47.89 -13.33 -28.06
N ILE C 321 47.09 -12.71 -28.93
CA ILE C 321 46.97 -13.02 -30.36
C ILE C 321 47.33 -11.74 -31.13
N PRO C 322 48.53 -11.69 -31.74
CA PRO C 322 49.04 -10.46 -32.39
C PRO C 322 48.23 -9.97 -33.59
N ASN C 323 47.59 -10.90 -34.29
CA ASN C 323 46.77 -10.53 -35.45
C ASN C 323 45.39 -11.14 -35.30
N ILE C 324 44.36 -10.30 -35.28
CA ILE C 324 43.03 -10.71 -34.84
C ILE C 324 41.95 -9.87 -35.50
N ARG C 325 40.87 -10.53 -35.90
CA ARG C 325 39.73 -9.84 -36.47
C ARG C 325 38.48 -10.54 -35.97
N GLY C 326 37.63 -9.77 -35.29
CA GLY C 326 36.39 -10.27 -34.77
C GLY C 326 35.32 -9.38 -35.28
N THR C 327 34.27 -9.98 -35.80
CA THR C 327 33.10 -9.22 -36.22
C THR C 327 31.88 -9.89 -35.59
N GLY C 328 30.78 -9.14 -35.51
CA GLY C 328 29.49 -9.62 -34.99
C GLY C 328 28.30 -9.00 -35.70
N ARG C 329 27.32 -9.83 -36.01
CA ARG C 329 26.03 -9.41 -36.55
C ARG C 329 24.94 -9.90 -35.61
N LEU C 330 23.87 -9.11 -35.49
CA LEU C 330 22.68 -9.43 -34.71
C LEU C 330 21.54 -9.83 -35.62
N CYS C 331 21.06 -11.05 -35.47
CA CYS C 331 20.09 -11.63 -36.37
C CYS C 331 18.67 -11.26 -35.98
N LYS C 332 17.97 -10.59 -36.90
CA LYS C 332 16.59 -10.18 -36.70
C LYS C 332 15.74 -11.43 -36.99
N THR C 333 15.09 -11.98 -35.96
CA THR C 333 14.30 -13.21 -36.14
C THR C 333 12.96 -13.12 -35.47
N ASN C 334 12.05 -13.97 -35.92
CA ASN C 334 10.72 -14.16 -35.36
C ASN C 334 10.67 -15.05 -34.12
N LEU C 335 11.53 -14.71 -33.16
CA LEU C 335 11.53 -15.30 -31.84
C LEU C 335 11.40 -14.20 -30.76
N SER C 336 10.97 -14.59 -29.56
CA SER C 336 10.91 -13.66 -28.44
C SER C 336 12.25 -12.97 -28.36
N SER C 337 12.23 -11.65 -28.18
CA SER C 337 13.46 -10.85 -28.11
C SER C 337 14.33 -11.36 -26.96
N ASN C 338 15.57 -11.68 -27.31
CA ASN C 338 16.57 -12.11 -26.32
C ASN C 338 17.26 -10.97 -25.62
N THR C 339 17.83 -11.25 -24.45
CA THR C 339 18.19 -10.18 -23.55
C THR C 339 19.48 -10.48 -22.73
N ALA C 340 19.74 -9.66 -21.73
CA ALA C 340 20.78 -9.93 -20.73
C ALA C 340 20.56 -11.27 -19.99
N PHE C 341 21.66 -11.99 -19.81
CA PHE C 341 21.72 -13.18 -18.95
C PHE C 341 23.16 -13.16 -18.46
N ARG C 342 23.32 -13.22 -17.14
CA ARG C 342 24.64 -13.38 -16.45
C ARG C 342 25.76 -13.74 -17.42
N GLY C 343 26.57 -12.75 -17.75
CA GLY C 343 27.69 -12.94 -18.65
C GLY C 343 27.60 -12.05 -19.87
N PHE C 344 26.37 -11.73 -20.30
CA PHE C 344 26.10 -10.66 -21.30
C PHE C 344 26.95 -10.81 -22.59
N GLY C 345 26.88 -11.98 -23.22
CA GLY C 345 27.63 -12.28 -24.44
C GLY C 345 29.03 -12.78 -24.17
N GLY C 346 29.51 -12.57 -22.94
CA GLY C 346 30.88 -13.00 -22.58
C GLY C 346 31.10 -14.49 -22.75
N PRO C 347 30.28 -15.32 -22.06
CA PRO C 347 30.44 -16.77 -22.08
C PRO C 347 30.44 -17.35 -23.48
N GLN C 348 29.55 -16.84 -24.34
CA GLN C 348 29.49 -17.26 -25.72
C GLN C 348 30.86 -17.10 -26.40
N ALA C 349 31.47 -15.93 -26.29
CA ALA C 349 32.71 -15.62 -27.02
C ALA C 349 33.93 -16.31 -26.41
N LEU C 350 33.87 -16.50 -25.08
CA LEU C 350 34.88 -17.22 -24.33
C LEU C 350 34.80 -18.72 -24.62
N PHE C 351 33.59 -19.23 -24.85
CA PHE C 351 33.41 -20.62 -25.28
C PHE C 351 33.98 -20.89 -26.70
N ILE C 352 33.78 -19.95 -27.60
CA ILE C 352 34.34 -20.00 -28.95
C ILE C 352 35.88 -19.97 -28.95
N ALA C 353 36.46 -19.08 -28.14
CA ALA C 353 37.93 -19.03 -27.93
C ALA C 353 38.52 -20.35 -27.42
N GLU C 354 37.90 -20.94 -26.39
CA GLU C 354 38.42 -22.17 -25.79
C GLU C 354 38.26 -23.37 -26.71
N ASN C 355 37.17 -23.39 -27.49
CA ASN C 355 37.04 -24.34 -28.59
C ASN C 355 38.18 -24.40 -29.63
N TRP C 356 38.48 -23.28 -30.30
CA TRP C 356 39.60 -23.29 -31.26
C TRP C 356 40.92 -23.49 -30.53
N MET C 357 40.99 -23.07 -29.27
CA MET C 357 42.19 -23.31 -28.47
C MET C 357 42.34 -24.80 -28.18
N SER C 358 41.23 -25.50 -27.92
CA SER C 358 41.30 -26.97 -27.75
C SER C 358 41.77 -27.67 -29.04
N GLU C 359 41.29 -27.18 -30.17
CA GLU C 359 41.65 -27.71 -31.48
C GLU C 359 43.10 -27.39 -31.90
N VAL C 360 43.65 -26.26 -31.43
CA VAL C 360 45.07 -25.94 -31.65
C VAL C 360 45.96 -27.01 -31.03
N ALA C 361 45.64 -27.39 -29.80
CA ALA C 361 46.43 -28.37 -29.04
C ALA C 361 46.33 -29.80 -29.58
N VAL C 362 45.15 -30.19 -30.05
CA VAL C 362 44.96 -31.50 -30.67
C VAL C 362 45.69 -31.60 -32.02
N THR C 363 45.71 -30.50 -32.77
CA THR C 363 46.38 -30.42 -34.07
C THR C 363 47.89 -30.47 -33.90
N CYS C 364 48.40 -29.85 -32.83
CA CYS C 364 49.82 -29.80 -32.54
C CYS C 364 50.30 -31.03 -31.79
N GLY C 365 49.36 -31.85 -31.34
CA GLY C 365 49.68 -33.04 -30.58
C GLY C 365 50.34 -32.63 -29.28
N LEU C 366 49.90 -31.50 -28.73
CA LEU C 366 50.51 -31.00 -27.48
C LEU C 366 49.54 -31.09 -26.33
N PRO C 367 50.06 -31.16 -25.08
CA PRO C 367 49.17 -31.14 -23.93
C PRO C 367 48.44 -29.79 -23.76
N ALA C 368 47.15 -29.86 -23.48
CA ALA C 368 46.29 -28.67 -23.51
C ALA C 368 46.77 -27.56 -22.58
N GLU C 369 47.13 -27.92 -21.35
CA GLU C 369 47.65 -26.95 -20.38
C GLU C 369 48.83 -26.18 -20.92
N GLU C 370 49.67 -26.86 -21.70
CA GLU C 370 50.93 -26.28 -22.18
C GLU C 370 50.66 -25.21 -23.25
N VAL C 371 49.74 -25.51 -24.15
CA VAL C 371 49.34 -24.64 -25.26
C VAL C 371 48.65 -23.38 -24.74
N ARG C 372 47.81 -23.54 -23.71
CA ARG C 372 47.14 -22.40 -23.07
C ARG C 372 48.17 -21.54 -22.34
N TRP C 373 48.94 -22.14 -21.43
CA TRP C 373 49.93 -21.40 -20.66
C TRP C 373 50.92 -20.59 -21.55
N LYS C 374 51.34 -21.17 -22.66
CA LYS C 374 52.29 -20.53 -23.58
C LYS C 374 51.66 -19.38 -24.40
N ASN C 375 50.35 -19.41 -24.55
CA ASN C 375 49.66 -18.35 -25.31
C ASN C 375 49.10 -17.25 -24.40
N MET C 376 49.22 -17.47 -23.10
CA MET C 376 48.65 -16.60 -22.08
C MET C 376 49.26 -15.20 -22.08
N TYR C 377 48.41 -14.21 -21.83
CA TYR C 377 48.86 -12.82 -21.68
C TYR C 377 49.88 -12.78 -20.54
N LYS C 378 50.73 -11.76 -20.55
CA LYS C 378 51.60 -11.43 -19.42
C LYS C 378 51.12 -10.11 -18.83
N GLU C 379 51.51 -9.86 -17.56
CA GLU C 379 51.32 -8.57 -16.91
C GLU C 379 51.82 -7.41 -17.79
N GLY C 380 50.97 -6.42 -18.04
CA GLY C 380 51.36 -5.27 -18.86
C GLY C 380 51.01 -5.35 -20.34
N ASP C 381 50.60 -6.53 -20.81
CA ASP C 381 50.17 -6.75 -22.18
C ASP C 381 48.89 -5.96 -22.51
N LEU C 382 48.78 -5.54 -23.76
CA LEU C 382 47.53 -5.01 -24.28
C LEU C 382 46.68 -6.12 -24.86
N THR C 383 45.36 -5.92 -24.81
CA THR C 383 44.34 -6.75 -25.42
C THR C 383 44.13 -6.34 -26.90
N HIS C 384 43.33 -7.12 -27.63
CA HIS C 384 42.97 -6.80 -29.01
C HIS C 384 42.24 -5.47 -29.14
N PHE C 385 41.66 -5.01 -28.02
CA PHE C 385 41.09 -3.67 -27.91
C PHE C 385 42.03 -2.62 -27.28
N ASN C 386 43.29 -3.00 -27.08
CA ASN C 386 44.37 -2.09 -26.71
C ASN C 386 44.29 -1.57 -25.28
N GLN C 387 43.78 -2.39 -24.38
CA GLN C 387 43.75 -2.03 -22.99
C GLN C 387 44.78 -2.87 -22.25
N ARG C 388 45.60 -2.15 -21.49
CA ARG C 388 46.68 -2.71 -20.70
C ARG C 388 46.11 -3.57 -19.56
N LEU C 389 46.70 -4.74 -19.39
CA LEU C 389 46.29 -5.66 -18.35
C LEU C 389 47.19 -5.43 -17.14
N GLU C 390 46.70 -4.66 -16.18
CA GLU C 390 47.43 -4.37 -14.93
C GLU C 390 46.95 -5.30 -13.83
N GLY C 391 47.87 -5.92 -13.10
CA GLY C 391 47.47 -6.87 -12.10
C GLY C 391 46.78 -8.10 -12.68
N PHE C 392 47.32 -8.59 -13.82
CA PHE C 392 46.89 -9.84 -14.46
C PHE C 392 47.25 -11.03 -13.55
N SER C 393 46.25 -11.68 -12.97
CA SER C 393 46.57 -12.67 -11.95
C SER C 393 46.23 -14.11 -12.32
N VAL C 394 45.84 -14.33 -13.59
CA VAL C 394 45.55 -15.67 -14.10
C VAL C 394 46.72 -16.64 -13.84
N PRO C 395 47.98 -16.23 -14.12
CA PRO C 395 49.09 -17.15 -13.79
C PRO C 395 49.10 -17.68 -12.36
N ARG C 396 48.84 -16.80 -11.39
CA ARG C 396 48.73 -17.19 -9.96
C ARG C 396 47.57 -18.14 -9.69
N CYS C 397 46.39 -17.81 -10.22
CA CYS C 397 45.23 -18.69 -10.17
C CYS C 397 45.52 -20.03 -10.83
N TRP C 398 46.20 -20.00 -11.98
CA TRP C 398 46.57 -21.19 -12.75
C TRP C 398 47.44 -22.16 -11.93
N ASP C 399 48.60 -21.67 -11.49
CA ASP C 399 49.56 -22.46 -10.69
C ASP C 399 48.96 -22.93 -9.38
N GLU C 400 48.05 -22.13 -8.82
CA GLU C 400 47.40 -22.47 -7.57
C GLU C 400 46.34 -23.52 -7.80
N CYS C 401 45.65 -23.43 -8.93
CA CYS C 401 44.65 -24.43 -9.29
C CYS C 401 45.31 -25.77 -9.63
N LEU C 402 46.41 -25.74 -10.38
CA LEU C 402 47.15 -26.96 -10.72
C LEU C 402 47.59 -27.68 -9.46
N LYS C 403 48.06 -26.91 -8.48
CA LYS C 403 48.58 -27.45 -7.25
C LYS C 403 47.46 -28.11 -6.44
N SER C 404 46.36 -27.38 -6.26
CA SER C 404 45.29 -27.77 -5.37
C SER C 404 44.42 -28.91 -5.93
N SER C 405 44.20 -28.88 -7.23
CA SER C 405 43.46 -29.91 -7.94
C SER C 405 44.31 -31.15 -8.15
N GLN C 406 45.63 -31.00 -7.93
CA GLN C 406 46.66 -32.00 -8.26
C GLN C 406 46.54 -32.51 -9.68
N TYR C 407 46.50 -31.56 -10.62
CA TYR C 407 46.18 -31.78 -12.00
C TYR C 407 46.96 -32.88 -12.66
N TYR C 408 48.29 -32.78 -12.54
CA TYR C 408 49.20 -33.68 -13.26
C TYR C 408 49.08 -35.13 -12.80
N ALA C 409 48.89 -35.33 -11.50
CA ALA C 409 48.62 -36.65 -10.91
C ALA C 409 47.25 -37.24 -11.28
N ARG C 410 46.28 -36.38 -11.52
CA ARG C 410 44.97 -36.86 -11.92
C ARG C 410 44.89 -37.07 -13.43
N LYS C 411 45.73 -36.37 -14.19
CA LYS C 411 45.90 -36.65 -15.61
C LYS C 411 46.37 -38.10 -15.84
N SER C 412 47.32 -38.56 -15.02
CA SER C 412 47.78 -39.95 -15.09
C SER C 412 46.65 -40.93 -14.80
N GLU C 413 45.93 -40.70 -13.72
CA GLU C 413 44.85 -41.58 -13.31
C GLU C 413 43.66 -41.62 -14.27
N VAL C 414 43.44 -40.51 -14.99
CA VAL C 414 42.44 -40.45 -16.07
C VAL C 414 42.86 -41.35 -17.25
N ASP C 415 44.12 -41.23 -17.67
CA ASP C 415 44.70 -42.11 -18.69
C ASP C 415 44.73 -43.60 -18.27
N LYS C 416 45.04 -43.88 -17.00
CA LYS C 416 44.89 -45.23 -16.46
C LYS C 416 43.44 -45.77 -16.57
N PHE C 417 42.45 -44.94 -16.22
CA PHE C 417 41.04 -45.32 -16.31
C PHE C 417 40.65 -45.64 -17.75
N ASN C 418 41.07 -44.78 -18.67
CA ASN C 418 40.78 -44.95 -20.07
C ASN C 418 41.43 -46.19 -20.72
N LYS C 419 42.66 -46.53 -20.31
CA LYS C 419 43.35 -47.76 -20.75
C LYS C 419 42.59 -49.00 -20.25
N GLU C 420 42.00 -48.91 -19.06
CA GLU C 420 41.35 -50.05 -18.39
C GLU C 420 39.84 -50.18 -18.60
N ASN C 421 39.23 -49.22 -19.30
CA ASN C 421 37.78 -49.17 -19.54
C ASN C 421 37.42 -48.91 -20.99
N CYS C 422 36.36 -49.57 -21.41
CA CYS C 422 35.97 -49.66 -22.80
C CYS C 422 34.76 -48.79 -23.12
N TRP C 423 33.74 -48.86 -22.28
CA TRP C 423 32.47 -48.18 -22.55
C TRP C 423 32.17 -47.02 -21.58
N LYS C 424 33.18 -46.69 -20.77
CA LYS C 424 33.19 -45.53 -19.89
C LYS C 424 34.54 -44.86 -20.07
N LYS C 425 34.54 -43.52 -20.13
CA LYS C 425 35.77 -42.75 -20.25
C LYS C 425 35.76 -41.55 -19.32
N ARG C 426 36.93 -41.17 -18.85
CA ARG C 426 37.11 -39.96 -18.09
C ARG C 426 37.80 -38.84 -18.89
N GLY C 427 37.52 -37.61 -18.50
CA GLY C 427 38.07 -36.43 -19.18
C GLY C 427 38.51 -35.42 -18.12
N LEU C 428 39.48 -34.58 -18.49
CA LEU C 428 40.05 -33.65 -17.53
C LEU C 428 40.47 -32.39 -18.27
N CYS C 429 40.14 -31.22 -17.73
CA CYS C 429 40.48 -29.97 -18.38
C CYS C 429 40.70 -28.87 -17.37
N ILE C 430 41.76 -28.09 -17.56
CA ILE C 430 41.93 -26.86 -16.81
C ILE C 430 41.71 -25.66 -17.74
N ILE C 431 40.90 -24.70 -17.27
CA ILE C 431 40.50 -23.55 -18.09
C ILE C 431 40.61 -22.19 -17.33
N PRO C 432 41.17 -21.15 -18.00
CA PRO C 432 41.21 -19.80 -17.46
C PRO C 432 40.01 -18.94 -17.92
N THR C 433 39.72 -17.91 -17.15
CA THR C 433 38.80 -16.87 -17.59
C THR C 433 39.30 -15.49 -17.15
N LYS C 434 38.97 -14.50 -17.96
CA LYS C 434 39.07 -13.13 -17.58
C LYS C 434 37.75 -12.49 -18.00
N PHE C 435 37.26 -11.58 -17.17
CA PHE C 435 36.01 -10.91 -17.45
C PHE C 435 36.13 -9.41 -17.15
N GLY C 436 35.91 -8.59 -18.15
CA GLY C 436 35.96 -7.13 -18.04
C GLY C 436 34.81 -6.46 -17.28
N ILE C 437 35.18 -5.57 -16.34
CA ILE C 437 34.23 -4.97 -15.40
C ILE C 437 33.87 -3.50 -15.65
N SER C 438 32.62 -3.30 -16.08
CA SER C 438 31.97 -2.00 -16.35
C SER C 438 30.83 -2.24 -17.29
N PHE C 439 29.90 -1.29 -17.36
CA PHE C 439 29.00 -1.21 -18.50
C PHE C 439 29.83 -0.72 -19.70
N THR C 440 29.53 -1.25 -20.88
CA THR C 440 30.30 -0.87 -22.06
C THR C 440 29.77 0.42 -22.66
N VAL C 441 28.50 0.74 -22.36
CA VAL C 441 27.93 2.09 -22.54
C VAL C 441 28.38 2.93 -21.33
N PRO C 442 29.33 3.89 -21.54
CA PRO C 442 30.01 4.52 -20.37
C PRO C 442 29.04 5.25 -19.42
N PHE C 443 27.97 5.82 -19.96
CA PHE C 443 27.05 6.63 -19.15
C PHE C 443 26.26 5.84 -18.10
N LEU C 444 26.19 4.51 -18.22
CA LEU C 444 25.55 3.69 -17.18
C LEU C 444 26.38 3.58 -15.91
N ASN C 445 27.65 3.90 -16.02
CA ASN C 445 28.58 3.76 -14.90
C ASN C 445 28.51 4.94 -13.93
N GLN C 446 27.31 5.13 -13.39
CA GLN C 446 27.01 6.15 -12.41
C GLN C 446 26.10 5.52 -11.36
N ALA C 447 26.22 5.98 -10.11
CA ALA C 447 25.52 5.43 -8.97
C ALA C 447 25.25 6.52 -7.95
N GLY C 448 23.99 6.57 -7.49
CA GLY C 448 23.62 7.39 -6.35
C GLY C 448 23.20 6.68 -5.05
N ALA C 449 23.31 7.41 -3.95
CA ALA C 449 22.87 6.93 -2.64
C ALA C 449 22.19 8.06 -1.87
N LEU C 450 21.33 7.68 -0.94
CA LEU C 450 20.78 8.62 0.02
C LEU C 450 20.79 8.00 1.41
N ILE C 451 21.45 8.73 2.32
CA ILE C 451 21.53 8.32 3.72
C ILE C 451 20.82 9.30 4.68
N HIS C 452 20.05 8.76 5.63
CA HIS C 452 19.47 9.59 6.69
C HIS C 452 19.94 9.02 8.03
N VAL C 453 20.38 9.90 8.93
CA VAL C 453 20.57 9.49 10.31
C VAL C 453 19.39 10.05 11.08
N TYR C 454 18.70 9.18 11.80
CA TYR C 454 17.61 9.62 12.65
C TYR C 454 18.14 9.97 14.04
N THR C 455 17.30 10.64 14.85
CA THR C 455 17.74 11.24 16.11
C THR C 455 18.05 10.20 17.19
N ASP C 456 17.68 8.95 16.93
CA ASP C 456 18.06 7.87 17.84
C ASP C 456 19.42 7.27 17.46
N GLY C 457 20.04 7.82 16.42
CA GLY C 457 21.32 7.35 15.91
C GLY C 457 21.19 6.25 14.85
N SER C 458 19.96 5.76 14.61
CA SER C 458 19.74 4.74 13.61
C SER C 458 19.86 5.34 12.22
N VAL C 459 20.37 4.56 11.28
CA VAL C 459 20.71 5.02 9.94
C VAL C 459 19.84 4.28 8.88
N LEU C 460 19.34 5.03 7.91
CA LEU C 460 18.64 4.40 6.80
C LEU C 460 19.39 4.70 5.53
N VAL C 461 19.74 3.61 4.83
CA VAL C 461 20.48 3.70 3.59
C VAL C 461 19.58 3.39 2.41
N SER C 462 19.74 4.21 1.39
CA SER C 462 19.10 3.93 0.13
C SER C 462 20.13 4.13 -0.96
N HIS C 463 20.20 3.21 -1.90
CA HIS C 463 21.06 3.34 -3.06
C HIS C 463 20.29 2.84 -4.26
N GLY C 464 20.84 3.03 -5.46
CA GLY C 464 20.16 2.66 -6.70
C GLY C 464 20.08 1.17 -7.00
N GLY C 465 20.94 0.41 -6.36
CA GLY C 465 20.98 -1.04 -6.49
C GLY C 465 19.77 -1.78 -5.92
N THR C 466 19.41 -2.86 -6.61
CA THR C 466 18.38 -3.81 -6.20
C THR C 466 19.00 -5.14 -5.72
N GLU C 467 18.39 -5.74 -4.70
CA GLU C 467 18.67 -7.08 -4.19
C GLU C 467 17.88 -8.16 -4.95
N MET C 468 18.60 -9.17 -5.43
CA MET C 468 18.05 -10.28 -6.20
C MET C 468 18.65 -11.61 -5.73
N GLY C 469 19.31 -11.53 -4.56
CA GLY C 469 19.88 -12.68 -3.89
C GLY C 469 21.40 -12.61 -3.73
N GLN C 470 22.02 -11.63 -4.40
CA GLN C 470 23.47 -11.60 -4.55
C GLN C 470 24.12 -10.99 -3.31
N GLY C 471 23.28 -10.53 -2.38
CA GLY C 471 23.71 -9.89 -1.16
C GLY C 471 24.31 -8.50 -1.31
N LEU C 472 23.74 -7.71 -2.20
CA LEU C 472 24.14 -6.32 -2.41
C LEU C 472 23.86 -5.47 -1.14
N HIS C 473 22.63 -5.54 -0.63
CA HIS C 473 22.26 -4.81 0.60
C HIS C 473 23.13 -5.23 1.78
N THR C 474 23.32 -6.55 1.97
CA THR C 474 24.32 -7.00 2.96
C THR C 474 25.68 -6.27 2.82
N LYS C 475 26.23 -6.21 1.60
CA LYS C 475 27.55 -5.63 1.37
C LYS C 475 27.56 -4.14 1.57
N MET C 476 26.44 -3.49 1.24
CA MET C 476 26.27 -2.06 1.43
C MET C 476 26.20 -1.65 2.93
N VAL C 477 25.52 -2.49 3.73
CA VAL C 477 25.48 -2.30 5.17
C VAL C 477 26.89 -2.47 5.77
N GLN C 478 27.65 -3.42 5.25
CA GLN C 478 29.04 -3.67 5.71
C GLN C 478 29.92 -2.49 5.40
N VAL C 479 29.76 -1.93 4.20
CA VAL C 479 30.49 -0.73 3.77
C VAL C 479 30.14 0.50 4.62
N ALA C 480 28.84 0.74 4.85
CA ALA C 480 28.40 1.89 5.63
C ALA C 480 28.87 1.80 7.09
N SER C 481 28.78 0.60 7.67
CA SER C 481 29.30 0.32 9.02
C SER C 481 30.79 0.61 9.16
N LYS C 482 31.59 0.19 8.18
CA LYS C 482 33.02 0.49 8.21
C LYS C 482 33.29 2.00 8.05
N ALA C 483 32.70 2.61 7.02
CA ALA C 483 32.81 4.05 6.78
C ALA C 483 32.34 4.94 7.95
N LEU C 484 31.16 4.63 8.53
CA LEU C 484 30.60 5.39 9.66
C LEU C 484 31.21 5.03 11.02
N LYS C 485 31.86 3.87 11.09
CA LYS C 485 32.46 3.33 12.33
C LYS C 485 31.42 3.09 13.43
N ILE C 486 30.32 2.43 13.04
CA ILE C 486 29.25 2.02 13.96
C ILE C 486 28.88 0.54 13.66
N PRO C 487 28.23 -0.17 14.63
CA PRO C 487 27.85 -1.56 14.37
C PRO C 487 26.86 -1.69 13.23
N ILE C 488 26.87 -2.83 12.53
CA ILE C 488 25.94 -3.08 11.43
C ILE C 488 24.46 -3.05 11.88
N SER C 489 24.25 -3.29 13.17
CA SER C 489 22.90 -3.33 13.77
C SER C 489 22.27 -1.92 13.84
N LYS C 490 23.06 -0.88 13.52
CA LYS C 490 22.51 0.47 13.47
C LYS C 490 22.01 0.94 12.10
N ILE C 491 22.35 0.18 11.05
CA ILE C 491 22.09 0.57 9.66
C ILE C 491 21.03 -0.34 9.07
N TYR C 492 20.14 0.25 8.27
CA TYR C 492 19.08 -0.53 7.65
C TYR C 492 18.90 -0.14 6.16
N ILE C 493 18.79 -1.15 5.31
CA ILE C 493 18.32 -0.93 3.95
C ILE C 493 16.95 -1.60 3.83
N SER C 494 15.94 -0.78 3.56
CA SER C 494 14.55 -1.19 3.34
C SER C 494 14.24 -1.68 1.92
N GLU C 495 14.53 -0.85 0.92
CA GLU C 495 14.07 -1.10 -0.45
C GLU C 495 14.75 -0.14 -1.44
N THR C 496 14.47 -0.36 -2.72
CA THR C 496 14.98 0.49 -3.77
C THR C 496 13.77 1.21 -4.28
N SER C 497 13.89 2.53 -4.49
CA SER C 497 12.74 3.31 -4.98
C SER C 497 13.12 4.55 -5.74
N THR C 498 12.29 4.90 -6.72
CA THR C 498 12.65 5.99 -7.65
C THR C 498 12.44 7.37 -7.06
N ASN C 499 11.83 7.43 -5.87
CA ASN C 499 11.68 8.68 -5.16
C ASN C 499 12.79 8.89 -4.10
N THR C 500 13.68 7.93 -3.97
CA THR C 500 14.83 8.17 -3.06
C THR C 500 16.11 8.36 -3.87
N VAL C 501 16.30 7.52 -4.89
CA VAL C 501 17.44 7.65 -5.82
C VAL C 501 16.89 7.61 -7.26
N PRO C 502 16.95 8.75 -7.95
CA PRO C 502 16.43 8.85 -9.30
C PRO C 502 17.43 8.37 -10.34
N ASN C 503 16.93 8.04 -11.54
CA ASN C 503 17.82 7.86 -12.71
C ASN C 503 18.87 6.77 -12.54
N SER C 504 18.53 5.72 -11.80
CA SER C 504 19.55 4.70 -11.49
C SER C 504 19.71 3.77 -12.67
N SER C 505 20.95 3.34 -12.88
CA SER C 505 21.23 2.36 -13.91
C SER C 505 20.63 1.05 -13.43
N PRO C 506 20.40 0.09 -14.37
CA PRO C 506 19.95 -1.25 -13.97
C PRO C 506 20.98 -1.89 -13.04
N THR C 507 20.52 -2.71 -12.11
CA THR C 507 21.41 -3.53 -11.30
C THR C 507 21.91 -4.66 -12.19
N ALA C 508 23.16 -4.52 -12.62
CA ALA C 508 23.69 -5.31 -13.72
C ALA C 508 25.19 -5.03 -13.90
N ALA C 509 25.81 -5.86 -14.75
CA ALA C 509 27.20 -5.72 -15.19
C ALA C 509 28.24 -6.05 -14.08
N SER C 510 27.77 -6.65 -12.98
CA SER C 510 28.61 -7.00 -11.82
C SER C 510 29.22 -5.80 -11.06
N VAL C 511 28.80 -4.60 -11.36
CA VAL C 511 29.46 -3.42 -10.85
C VAL C 511 28.77 -2.76 -9.65
N SER C 512 27.59 -3.29 -9.29
CA SER C 512 26.74 -2.71 -8.21
C SER C 512 27.50 -2.50 -6.89
N THR C 513 28.17 -3.55 -6.41
CA THR C 513 28.98 -3.42 -5.19
C THR C 513 29.95 -2.29 -5.37
N ASP C 514 30.53 -2.20 -6.57
CA ASP C 514 31.58 -1.20 -6.87
C ASP C 514 31.03 0.22 -6.88
N ILE C 515 29.89 0.40 -7.57
CA ILE C 515 29.49 1.77 -7.81
C ILE C 515 28.65 2.31 -6.66
N TYR C 516 27.69 1.51 -6.18
CA TYR C 516 26.93 1.85 -4.99
C TYR C 516 27.77 1.81 -3.72
N GLY C 517 28.73 0.91 -3.63
CA GLY C 517 29.71 0.95 -2.53
C GLY C 517 30.28 2.35 -2.38
N GLN C 518 30.78 2.90 -3.50
CA GLN C 518 31.41 4.20 -3.54
C GLN C 518 30.45 5.36 -3.21
N ALA C 519 29.26 5.31 -3.80
CA ALA C 519 28.22 6.30 -3.52
C ALA C 519 27.79 6.33 -2.07
N VAL C 520 27.66 5.15 -1.47
CA VAL C 520 27.36 5.02 -0.03
C VAL C 520 28.51 5.53 0.83
N TYR C 521 29.73 5.08 0.51
CA TYR C 521 30.96 5.56 1.15
C TYR C 521 30.99 7.09 1.15
N GLU C 522 30.86 7.69 -0.03
CA GLU C 522 30.77 9.14 -0.14
C GLU C 522 29.66 9.83 0.69
N ALA C 523 28.48 9.24 0.75
CA ALA C 523 27.46 9.82 1.58
C ALA C 523 27.92 9.72 3.05
N CYS C 524 28.55 8.63 3.42
CA CYS C 524 28.99 8.45 4.81
C CYS C 524 30.10 9.45 5.21
N GLN C 525 30.91 9.86 4.24
CA GLN C 525 31.99 10.85 4.49
C GLN C 525 31.41 12.22 4.77
N THR C 526 30.40 12.59 3.98
CA THR C 526 29.59 13.77 4.26
C THR C 526 28.99 13.81 5.67
N ILE C 527 28.41 12.70 6.13
CA ILE C 527 27.89 12.63 7.49
C ILE C 527 29.00 12.82 8.54
N LEU C 528 30.11 12.11 8.33
CA LEU C 528 31.26 12.15 9.23
C LEU C 528 31.87 13.55 9.37
N LYS C 529 32.00 14.26 8.24
CA LYS C 529 32.42 15.68 8.28
C LYS C 529 31.48 16.58 9.10
N ARG C 530 30.17 16.47 8.88
CA ARG C 530 29.16 17.21 9.65
C ARG C 530 29.14 16.88 11.13
N LEU C 531 29.44 15.64 11.48
CA LEU C 531 29.43 15.23 12.87
C LEU C 531 30.76 15.47 13.56
N GLU C 532 31.76 15.93 12.80
CA GLU C 532 33.12 16.04 13.36
C GLU C 532 33.25 17.09 14.48
N PRO C 533 32.60 18.26 14.31
CA PRO C 533 32.67 19.28 15.37
C PRO C 533 32.16 18.80 16.72
N PHE C 534 31.10 17.98 16.72
CA PHE C 534 30.41 17.51 17.93
C PHE C 534 31.22 16.40 18.58
N LYS C 535 31.88 15.64 17.72
CA LYS C 535 32.77 14.57 18.10
C LYS C 535 33.99 15.12 18.86
N LYS C 536 34.45 16.28 18.44
CA LYS C 536 35.44 17.06 19.19
C LYS C 536 34.95 17.64 20.54
N LYS C 537 33.73 18.20 20.56
CA LYS C 537 33.16 18.74 21.79
C LYS C 537 32.96 17.64 22.82
N ASN C 538 32.75 16.41 22.35
CA ASN C 538 32.41 15.27 23.19
C ASN C 538 33.11 14.02 22.68
N PRO C 539 34.45 13.98 22.80
CA PRO C 539 35.29 12.90 22.26
C PRO C 539 35.05 11.51 22.89
N ASP C 540 34.54 11.50 24.12
CA ASP C 540 34.27 10.24 24.82
C ASP C 540 32.79 9.94 24.92
N GLY C 541 31.97 10.73 24.24
CA GLY C 541 30.54 10.45 24.12
C GLY C 541 30.23 9.35 23.12
N SER C 542 28.95 9.07 22.91
CA SER C 542 28.56 8.02 22.00
C SER C 542 28.11 8.59 20.67
N TRP C 543 28.03 7.74 19.64
CA TRP C 543 27.42 8.04 18.35
C TRP C 543 26.06 8.74 18.52
N GLU C 544 25.24 8.16 19.38
CA GLU C 544 23.92 8.68 19.72
C GLU C 544 23.99 10.13 20.17
N ASP C 545 24.98 10.45 21.00
CA ASP C 545 25.07 11.77 21.55
C ASP C 545 25.51 12.79 20.52
N TRP C 546 26.45 12.40 19.66
CA TRP C 546 26.97 13.28 18.63
C TRP C 546 25.89 13.62 17.62
N VAL C 547 25.07 12.63 17.30
CA VAL C 547 23.91 12.77 16.39
C VAL C 547 22.82 13.70 16.95
N MET C 548 22.52 13.57 18.25
CA MET C 548 21.56 14.45 18.93
C MET C 548 22.08 15.90 19.07
N ALA C 549 23.37 16.06 19.35
CA ALA C 549 23.96 17.39 19.40
C ALA C 549 23.95 18.03 18.02
N ALA C 550 24.22 17.24 16.98
CA ALA C 550 24.12 17.72 15.61
C ALA C 550 22.70 18.18 15.25
N TYR C 551 21.68 17.37 15.62
CA TYR C 551 20.25 17.74 15.37
C TYR C 551 19.88 19.06 16.03
N GLN C 552 20.30 19.21 17.29
CA GLN C 552 19.96 20.36 18.15
C GLN C 552 20.72 21.62 17.78
N ASP C 553 21.91 21.46 17.21
CA ASP C 553 22.57 22.55 16.49
C ASP C 553 22.13 22.76 15.02
N ARG C 554 21.11 22.03 14.58
CA ARG C 554 20.51 22.25 13.26
C ARG C 554 21.53 22.03 12.15
N VAL C 555 22.21 20.90 12.27
CA VAL C 555 23.04 20.33 11.23
C VAL C 555 22.30 19.19 10.54
N SER C 556 22.13 19.29 9.23
CA SER C 556 21.42 18.26 8.46
C SER C 556 22.08 16.86 8.57
N LEU C 557 21.27 15.86 8.90
CA LEU C 557 21.71 14.47 9.02
C LEU C 557 21.22 13.61 7.83
N SER C 558 21.17 14.27 6.67
CA SER C 558 20.72 13.66 5.44
C SER C 558 21.61 14.13 4.31
N THR C 559 22.03 13.17 3.50
CA THR C 559 22.92 13.46 2.38
C THR C 559 22.74 12.47 1.19
N THR C 560 22.98 12.99 -0.01
CA THR C 560 23.19 12.16 -1.17
C THR C 560 24.68 11.79 -1.30
N GLY C 561 24.94 10.74 -2.06
CA GLY C 561 26.29 10.34 -2.39
C GLY C 561 26.21 9.94 -3.84
N PHE C 562 27.28 10.19 -4.58
CA PHE C 562 27.27 9.89 -6.00
C PHE C 562 28.65 9.42 -6.44
N TYR C 563 28.66 8.45 -7.34
CA TYR C 563 29.89 7.97 -7.95
C TYR C 563 29.75 7.82 -9.45
N ARG C 564 30.86 8.14 -10.11
CA ARG C 564 30.98 8.16 -11.54
C ARG C 564 32.30 7.44 -11.83
N THR C 565 32.26 6.29 -12.51
CA THR C 565 33.48 5.49 -12.81
C THR C 565 34.43 6.24 -13.76
N PRO C 566 35.67 6.52 -13.29
CA PRO C 566 36.56 7.38 -14.05
C PRO C 566 37.24 6.67 -15.22
N ASN C 567 37.65 7.46 -16.23
CA ASN C 567 38.58 7.00 -17.27
C ASN C 567 38.02 5.95 -18.23
N LEU C 568 36.74 6.01 -18.51
CA LEU C 568 36.11 5.04 -19.39
C LEU C 568 35.65 5.74 -20.66
N GLY C 569 35.85 5.07 -21.79
CA GLY C 569 35.40 5.58 -23.09
C GLY C 569 36.14 4.90 -24.23
N TYR C 570 35.69 3.70 -24.61
CA TYR C 570 36.33 2.98 -25.68
C TYR C 570 35.76 3.42 -27.02
N SER C 571 36.60 3.49 -28.03
CA SER C 571 36.13 3.85 -29.37
C SER C 571 36.35 2.73 -30.37
N PHE C 572 35.29 2.31 -31.06
CA PHE C 572 35.38 1.28 -32.09
C PHE C 572 36.07 1.76 -33.36
N GLU C 573 36.27 3.09 -33.46
CA GLU C 573 37.13 3.73 -34.44
C GLU C 573 38.27 4.32 -33.65
N THR C 574 39.50 4.03 -34.04
CA THR C 574 40.71 4.27 -33.19
C THR C 574 41.15 3.01 -32.42
N ASN C 575 40.18 2.19 -32.00
CA ASN C 575 40.42 0.99 -31.20
C ASN C 575 41.22 1.31 -29.91
N SER C 576 40.72 2.27 -29.15
CA SER C 576 41.47 2.80 -28.03
C SER C 576 40.50 3.42 -27.02
N GLY C 577 41.03 3.73 -25.83
CA GLY C 577 40.24 4.16 -24.69
C GLY C 577 39.78 2.94 -23.91
N ASN C 578 39.74 3.03 -22.58
CA ASN C 578 39.34 1.91 -21.72
C ASN C 578 37.86 1.49 -21.83
N ALA C 579 37.66 0.21 -22.15
CA ALA C 579 36.35 -0.38 -22.10
C ALA C 579 35.95 -0.78 -20.67
N PHE C 580 36.91 -1.19 -19.83
CA PHE C 580 36.62 -1.71 -18.52
C PHE C 580 37.49 -1.04 -17.47
N HIS C 581 37.00 -0.98 -16.26
CA HIS C 581 37.78 -0.35 -15.19
C HIS C 581 38.90 -1.30 -14.75
N TYR C 582 38.64 -2.61 -14.87
CA TYR C 582 39.55 -3.68 -14.46
C TYR C 582 38.92 -5.03 -14.87
N PHE C 583 39.68 -6.11 -14.71
CA PHE C 583 39.22 -7.47 -15.06
C PHE C 583 39.20 -8.38 -13.84
N THR C 584 38.17 -9.24 -13.78
CA THR C 584 38.13 -10.27 -12.75
C THR C 584 38.63 -11.53 -13.41
N TYR C 585 39.47 -12.28 -12.68
CA TYR C 585 40.16 -13.46 -13.21
C TYR C 585 39.85 -14.74 -12.42
N GLY C 586 39.91 -15.89 -13.08
CA GLY C 586 39.72 -17.15 -12.39
C GLY C 586 40.17 -18.33 -13.23
N VAL C 587 40.25 -19.49 -12.59
CA VAL C 587 40.67 -20.76 -13.22
C VAL C 587 39.93 -21.92 -12.58
N ALA C 588 39.35 -22.80 -13.41
CA ALA C 588 38.72 -24.04 -12.94
C ALA C 588 39.28 -25.29 -13.62
N CYS C 589 39.46 -26.34 -12.83
CA CYS C 589 39.77 -27.66 -13.33
C CYS C 589 38.60 -28.61 -13.04
N SER C 590 38.19 -29.37 -14.03
CA SER C 590 37.12 -30.35 -13.84
C SER C 590 37.41 -31.71 -14.45
N GLU C 591 36.95 -32.73 -13.73
CA GLU C 591 36.97 -34.13 -14.18
C GLU C 591 35.55 -34.69 -14.30
N VAL C 592 35.29 -35.41 -15.39
CA VAL C 592 34.01 -36.05 -15.58
C VAL C 592 34.20 -37.52 -15.96
N GLU C 593 33.12 -38.30 -15.91
CA GLU C 593 33.15 -39.65 -16.41
C GLU C 593 31.93 -39.80 -17.32
N ILE C 594 32.14 -40.15 -18.59
CA ILE C 594 31.05 -40.40 -19.52
C ILE C 594 30.70 -41.90 -19.66
N ASP C 595 29.42 -42.17 -19.84
CA ASP C 595 28.92 -43.49 -20.23
C ASP C 595 28.75 -43.42 -21.75
N CYS C 596 29.71 -43.99 -22.47
CA CYS C 596 29.77 -43.96 -23.92
C CYS C 596 28.61 -44.69 -24.60
N LEU C 597 27.89 -45.53 -23.84
CA LEU C 597 26.74 -46.25 -24.37
C LEU C 597 25.43 -45.45 -24.22
N THR C 598 25.41 -44.47 -23.31
CA THR C 598 24.18 -43.70 -23.04
C THR C 598 24.31 -42.20 -23.29
N GLY C 599 25.51 -41.69 -23.23
CA GLY C 599 25.76 -40.25 -23.34
C GLY C 599 25.62 -39.51 -22.02
N ASP C 600 25.24 -40.26 -20.99
CA ASP C 600 25.12 -39.85 -19.60
C ASP C 600 26.52 -39.61 -19.03
N HIS C 601 26.65 -38.73 -18.04
CA HIS C 601 27.97 -38.41 -17.43
C HIS C 601 27.89 -38.02 -15.96
N LYS C 602 29.00 -38.24 -15.27
CA LYS C 602 29.17 -37.86 -13.87
C LYS C 602 30.16 -36.72 -13.76
N ASN C 603 29.79 -35.69 -12.97
CA ASN C 603 30.70 -34.62 -12.58
C ASN C 603 31.46 -35.04 -11.32
N LEU C 604 32.74 -35.35 -11.49
CA LEU C 604 33.48 -36.05 -10.46
C LEU C 604 34.12 -35.05 -9.54
N ARG C 605 34.81 -34.06 -10.10
CA ARG C 605 35.55 -33.07 -9.31
C ARG C 605 35.71 -31.76 -10.05
N THR C 606 35.57 -30.65 -9.33
CA THR C 606 35.89 -29.30 -9.83
C THR C 606 36.64 -28.51 -8.76
N ASP C 607 37.75 -27.89 -9.17
CA ASP C 607 38.51 -26.95 -8.33
C ASP C 607 38.46 -25.59 -8.99
N ILE C 608 38.03 -24.58 -8.24
CA ILE C 608 38.01 -23.20 -8.73
C ILE C 608 38.96 -22.34 -7.90
N VAL C 609 39.74 -21.51 -8.58
CA VAL C 609 40.48 -20.44 -7.91
C VAL C 609 40.10 -19.13 -8.59
N MET C 610 39.47 -18.23 -7.83
CA MET C 610 39.04 -16.92 -8.35
C MET C 610 39.77 -15.76 -7.69
N ASP C 611 40.16 -14.79 -8.52
CA ASP C 611 40.70 -13.51 -8.09
C ASP C 611 39.54 -12.53 -7.94
N VAL C 612 39.18 -12.27 -6.68
CA VAL C 612 38.11 -11.34 -6.37
C VAL C 612 38.61 -10.19 -5.48
N GLY C 613 39.90 -9.85 -5.64
CA GLY C 613 40.54 -8.82 -4.85
C GLY C 613 40.44 -9.20 -3.38
N SER C 614 40.31 -8.18 -2.54
CA SER C 614 40.02 -8.39 -1.12
C SER C 614 38.50 -8.37 -0.96
N SER C 615 37.95 -9.58 -0.83
CA SER C 615 36.52 -9.80 -0.74
C SER C 615 35.88 -8.96 0.38
N LEU C 616 34.79 -8.26 0.09
CA LEU C 616 34.06 -7.59 1.17
C LEU C 616 33.33 -8.61 2.08
N ASN C 617 32.97 -9.76 1.51
CA ASN C 617 32.30 -10.81 2.25
C ASN C 617 32.63 -12.14 1.59
N PRO C 618 33.60 -12.87 2.16
CA PRO C 618 34.06 -14.18 1.64
C PRO C 618 32.92 -15.16 1.38
N ALA C 619 31.96 -15.20 2.28
CA ALA C 619 30.86 -16.17 2.23
C ALA C 619 29.90 -15.89 1.08
N ILE C 620 29.65 -14.60 0.83
CA ILE C 620 28.82 -14.17 -0.26
C ILE C 620 29.57 -14.40 -1.56
N ASP C 621 30.84 -14.00 -1.61
CA ASP C 621 31.64 -14.16 -2.84
C ASP C 621 31.84 -15.62 -3.25
N ILE C 622 32.00 -16.50 -2.28
CA ILE C 622 32.20 -17.90 -2.61
C ILE C 622 30.88 -18.44 -3.15
N GLY C 623 29.78 -17.97 -2.59
CA GLY C 623 28.44 -18.34 -3.02
C GLY C 623 28.10 -17.86 -4.43
N GLN C 624 28.63 -16.69 -4.83
CA GLN C 624 28.52 -16.18 -6.20
C GLN C 624 29.34 -16.99 -7.20
N VAL C 625 30.54 -17.35 -6.78
CA VAL C 625 31.39 -18.21 -7.60
C VAL C 625 30.72 -19.56 -7.86
N GLU C 626 30.23 -20.23 -6.80
CA GLU C 626 29.57 -21.53 -6.93
C GLU C 626 28.28 -21.48 -7.72
N GLY C 627 27.48 -20.43 -7.47
CA GLY C 627 26.20 -20.27 -8.11
C GLY C 627 26.37 -20.00 -9.58
N ALA C 628 27.26 -19.07 -9.90
CA ALA C 628 27.62 -18.76 -11.27
C ALA C 628 28.10 -20.01 -12.03
N PHE C 629 29.08 -20.72 -11.46
CA PHE C 629 29.64 -21.93 -12.05
C PHE C 629 28.57 -22.98 -12.36
N VAL C 630 27.67 -23.19 -11.42
CA VAL C 630 26.57 -24.13 -11.67
C VAL C 630 25.64 -23.65 -12.78
N GLN C 631 25.45 -22.33 -12.91
CA GLN C 631 24.64 -21.81 -14.02
C GLN C 631 25.30 -22.03 -15.37
N GLY C 632 26.65 -21.98 -15.37
CA GLY C 632 27.46 -22.29 -16.52
C GLY C 632 27.48 -23.75 -16.92
N LEU C 633 27.60 -24.65 -15.94
CA LEU C 633 27.45 -26.06 -16.21
C LEU C 633 26.07 -26.36 -16.80
N GLY C 634 25.03 -25.68 -16.34
CA GLY C 634 23.71 -25.74 -16.92
C GLY C 634 23.76 -25.33 -18.39
N LEU C 635 24.31 -24.14 -18.66
CA LEU C 635 24.47 -23.58 -19.99
C LEU C 635 25.14 -24.57 -20.93
N PHE C 636 26.30 -25.08 -20.50
CA PHE C 636 27.16 -25.90 -21.34
C PHE C 636 26.83 -27.41 -21.44
N THR C 637 26.01 -27.93 -20.54
CA THR C 637 25.83 -29.38 -20.47
C THR C 637 24.38 -29.90 -20.33
N LEU C 638 23.44 -29.07 -19.91
CA LEU C 638 22.16 -29.60 -19.42
C LEU C 638 20.95 -28.90 -20.03
N GLU C 639 21.03 -27.56 -20.08
CA GLU C 639 19.91 -26.74 -20.46
C GLU C 639 19.81 -26.59 -21.95
N GLU C 640 18.66 -27.03 -22.48
CA GLU C 640 18.42 -26.96 -23.90
C GLU C 640 16.99 -26.52 -24.23
N LEU C 641 16.88 -25.39 -24.92
CA LEU C 641 15.60 -24.87 -25.36
C LEU C 641 15.29 -25.47 -26.70
N HIS C 642 14.03 -25.79 -26.95
CA HIS C 642 13.71 -26.50 -28.18
C HIS C 642 12.44 -25.95 -28.80
N TYR C 643 12.52 -25.65 -30.10
CA TYR C 643 11.44 -25.02 -30.83
C TYR C 643 10.90 -25.93 -31.92
N SER C 644 9.64 -25.76 -32.28
CA SER C 644 9.07 -26.44 -33.41
C SER C 644 9.61 -25.80 -34.70
N PRO C 645 9.48 -26.50 -35.86
CA PRO C 645 9.95 -25.89 -37.11
C PRO C 645 9.23 -24.58 -37.42
N GLU C 646 8.05 -24.37 -36.81
CA GLU C 646 7.27 -23.15 -36.96
C GLU C 646 7.64 -22.07 -35.92
N GLY C 647 8.69 -22.31 -35.12
CA GLY C 647 9.22 -21.30 -34.20
C GLY C 647 8.50 -21.21 -32.85
N SER C 648 7.83 -22.30 -32.47
CA SER C 648 7.10 -22.36 -31.18
C SER C 648 7.88 -23.15 -30.14
N LEU C 649 8.15 -22.53 -29.00
CA LEU C 649 8.93 -23.16 -27.93
C LEU C 649 8.20 -24.39 -27.38
N HIS C 650 8.90 -25.52 -27.25
CA HIS C 650 8.33 -26.74 -26.70
C HIS C 650 8.65 -26.89 -25.23
N THR C 651 9.81 -26.37 -24.85
CA THR C 651 10.38 -26.55 -23.52
C THR C 651 9.99 -25.36 -22.62
N ARG C 652 8.96 -25.56 -21.80
CA ARG C 652 8.31 -24.46 -21.13
C ARG C 652 8.09 -24.70 -19.65
N GLY C 653 8.84 -25.61 -19.03
CA GLY C 653 8.75 -25.83 -17.58
C GLY C 653 9.89 -26.72 -17.15
N PRO C 654 10.03 -27.01 -15.85
CA PRO C 654 11.08 -27.94 -15.35
C PRO C 654 11.00 -29.40 -15.83
N SER C 655 9.86 -29.87 -16.31
CA SER C 655 9.81 -31.25 -16.84
C SER C 655 10.52 -31.41 -18.20
N THR C 656 10.58 -30.33 -18.97
CA THR C 656 11.18 -30.33 -20.32
C THR C 656 12.43 -29.47 -20.39
N TYR C 657 12.69 -28.65 -19.38
CA TYR C 657 13.90 -27.83 -19.33
C TYR C 657 14.68 -28.12 -18.05
N LYS C 658 15.84 -28.72 -18.16
CA LYS C 658 16.47 -29.20 -16.94
C LYS C 658 17.57 -28.24 -16.51
N ILE C 659 17.33 -27.47 -15.46
CA ILE C 659 18.41 -26.70 -14.85
C ILE C 659 19.12 -27.69 -13.91
N PRO C 660 20.39 -27.41 -13.52
CA PRO C 660 21.08 -28.28 -12.55
C PRO C 660 20.29 -28.56 -11.29
N ALA C 661 20.36 -29.82 -10.87
CA ALA C 661 19.65 -30.32 -9.69
C ALA C 661 20.68 -30.52 -8.57
N PHE C 662 20.21 -30.80 -7.34
CA PHE C 662 21.11 -31.12 -6.21
C PHE C 662 22.15 -32.16 -6.63
N GLY C 663 21.67 -33.19 -7.34
CA GLY C 663 22.52 -34.28 -7.80
C GLY C 663 23.29 -34.02 -9.09
N SER C 664 23.21 -32.80 -9.63
CA SER C 664 24.01 -32.47 -10.82
C SER C 664 25.43 -32.01 -10.51
N ILE C 665 25.67 -31.58 -9.28
CA ILE C 665 26.93 -30.87 -8.99
C ILE C 665 28.11 -31.81 -8.81
N PRO C 666 29.34 -31.31 -9.05
CA PRO C 666 30.53 -32.14 -8.90
C PRO C 666 30.55 -32.80 -7.52
N THR C 667 30.82 -34.12 -7.48
CA THR C 667 30.97 -34.85 -6.21
C THR C 667 31.95 -34.17 -5.24
N GLU C 668 33.12 -33.79 -5.73
CA GLU C 668 34.05 -32.96 -4.97
C GLU C 668 34.10 -31.58 -5.62
N PHE C 669 33.80 -30.55 -4.83
CA PHE C 669 33.55 -29.23 -5.36
C PHE C 669 34.31 -28.22 -4.49
N ARG C 670 35.45 -27.74 -4.99
CA ARG C 670 36.35 -26.87 -4.20
C ARG C 670 36.46 -25.47 -4.80
N VAL C 671 36.08 -24.44 -4.04
CA VAL C 671 36.32 -23.04 -4.45
C VAL C 671 37.26 -22.35 -3.47
N SER C 672 38.30 -21.72 -4.01
CA SER C 672 39.20 -20.88 -3.22
C SER C 672 39.23 -19.48 -3.80
N LEU C 673 39.29 -18.50 -2.90
CA LEU C 673 39.54 -17.13 -3.29
C LEU C 673 41.04 -16.91 -3.17
N LEU C 674 41.65 -16.31 -4.21
CA LEU C 674 43.08 -16.00 -4.21
C LEU C 674 43.47 -15.02 -3.10
N ARG C 675 44.54 -15.32 -2.36
CA ARG C 675 44.99 -14.49 -1.23
C ARG C 675 45.88 -13.36 -1.74
N ASP C 676 46.13 -12.36 -0.88
CA ASP C 676 47.00 -11.18 -1.15
C ASP C 676 46.99 -10.60 -2.55
N CYS C 677 45.82 -10.26 -3.06
CA CYS C 677 45.70 -9.56 -4.34
C CYS C 677 44.69 -8.40 -4.29
N PRO C 678 44.99 -7.34 -3.52
CA PRO C 678 44.08 -6.19 -3.40
C PRO C 678 43.91 -5.44 -4.72
N ASN C 679 42.67 -5.09 -5.03
CA ASN C 679 42.34 -4.30 -6.21
C ASN C 679 42.29 -2.79 -5.88
N LYS C 680 43.20 -2.03 -6.47
CA LYS C 680 43.29 -0.58 -6.28
C LYS C 680 42.05 0.15 -6.79
N LYS C 681 41.37 -0.46 -7.77
CA LYS C 681 40.35 0.22 -8.55
C LYS C 681 38.92 0.17 -7.97
N ALA C 682 38.70 -0.59 -6.92
CA ALA C 682 37.34 -0.72 -6.37
C ALA C 682 37.30 -0.56 -4.86
N ILE C 683 36.09 -0.34 -4.33
CA ILE C 683 35.83 -0.15 -2.88
C ILE C 683 36.48 -1.18 -1.95
N TYR C 684 37.28 -0.67 -1.01
CA TYR C 684 38.05 -1.48 -0.08
C TYR C 684 38.71 -2.64 -0.78
N ALA C 685 39.40 -2.32 -1.88
CA ALA C 685 40.22 -3.29 -2.65
C ALA C 685 39.55 -4.59 -3.17
N SER C 686 38.22 -4.66 -3.11
CA SER C 686 37.44 -5.79 -3.66
C SER C 686 37.34 -5.80 -5.20
N LYS C 687 36.89 -6.93 -5.75
CA LYS C 687 36.54 -7.05 -7.20
C LYS C 687 35.12 -7.60 -7.40
N ALA C 688 34.50 -7.16 -8.50
CA ALA C 688 33.22 -7.69 -9.01
C ALA C 688 33.23 -9.22 -9.12
N VAL C 689 32.16 -9.89 -8.68
CA VAL C 689 32.17 -11.38 -8.66
C VAL C 689 30.94 -12.05 -9.32
N GLY C 690 29.90 -11.27 -9.62
CA GLY C 690 28.61 -11.84 -10.05
C GLY C 690 28.62 -12.71 -11.32
N GLU C 691 29.09 -12.12 -12.40
CA GLU C 691 29.16 -12.76 -13.70
C GLU C 691 30.47 -13.49 -14.07
N PRO C 692 31.66 -12.99 -13.64
CA PRO C 692 32.92 -13.62 -14.08
C PRO C 692 33.03 -15.15 -13.96
N PRO C 693 32.55 -15.78 -12.86
CA PRO C 693 32.79 -17.23 -12.78
C PRO C 693 31.87 -18.10 -13.63
N LEU C 694 30.80 -17.56 -14.19
CA LEU C 694 29.88 -18.44 -14.88
C LEU C 694 30.57 -19.25 -16.00
N PHE C 695 31.43 -18.61 -16.79
CA PHE C 695 32.08 -19.31 -17.91
C PHE C 695 33.01 -20.47 -17.50
N LEU C 696 33.55 -20.39 -16.29
CA LEU C 696 34.35 -21.49 -15.76
C LEU C 696 33.56 -22.82 -15.74
N GLY C 697 32.23 -22.78 -15.86
CA GLY C 697 31.43 -24.01 -16.05
C GLY C 697 31.77 -24.77 -17.34
N ALA C 698 32.40 -24.06 -18.29
CA ALA C 698 32.92 -24.68 -19.53
C ALA C 698 34.04 -25.71 -19.29
N SER C 699 34.77 -25.60 -18.18
CA SER C 699 35.72 -26.67 -17.81
C SER C 699 35.06 -28.06 -17.84
N VAL C 700 33.76 -28.10 -17.54
CA VAL C 700 33.01 -29.35 -17.62
C VAL C 700 32.79 -29.76 -19.08
N PHE C 701 32.59 -28.78 -19.95
CA PHE C 701 32.32 -29.05 -21.36
C PHE C 701 33.56 -29.65 -22.01
N PHE C 702 34.70 -29.02 -21.73
CA PHE C 702 35.96 -29.43 -22.35
C PHE C 702 36.54 -30.68 -21.70
N ALA C 703 36.18 -30.96 -20.44
CA ALA C 703 36.50 -32.26 -19.84
C ALA C 703 35.67 -33.37 -20.50
N ILE C 704 34.41 -33.07 -20.80
CA ILE C 704 33.54 -33.99 -21.54
C ILE C 704 34.11 -34.28 -22.93
N LYS C 705 34.54 -33.22 -23.63
CA LYS C 705 35.14 -33.31 -24.97
C LYS C 705 36.42 -34.13 -25.02
N ASP C 706 37.23 -34.05 -23.96
CA ASP C 706 38.42 -34.87 -23.77
C ASP C 706 38.03 -36.36 -23.60
N ALA C 707 37.02 -36.62 -22.80
CA ALA C 707 36.51 -37.97 -22.62
C ALA C 707 35.94 -38.54 -23.93
N ILE C 708 35.24 -37.72 -24.72
CA ILE C 708 34.70 -38.15 -26.02
C ILE C 708 35.86 -38.51 -26.94
N ARG C 709 36.90 -37.69 -26.92
CA ARG C 709 38.14 -37.95 -27.66
C ARG C 709 38.69 -39.33 -27.38
N ALA C 710 38.61 -39.76 -26.12
CA ALA C 710 39.14 -41.05 -25.69
C ALA C 710 38.23 -42.19 -26.12
N ALA C 711 36.93 -41.94 -26.14
CA ALA C 711 35.97 -42.93 -26.63
C ALA C 711 36.13 -43.09 -28.14
N ARG C 712 36.48 -41.99 -28.81
CA ARG C 712 36.65 -42.03 -30.27
C ARG C 712 37.91 -42.78 -30.66
N ALA C 713 38.98 -42.63 -29.89
CA ALA C 713 40.20 -43.42 -30.03
C ALA C 713 39.96 -44.91 -29.79
N GLN C 714 39.02 -45.21 -28.90
CA GLN C 714 38.70 -46.57 -28.55
C GLN C 714 37.91 -47.23 -29.68
N HIS C 715 36.93 -46.55 -30.25
CA HIS C 715 35.98 -47.21 -31.17
C HIS C 715 35.80 -46.61 -32.57
N THR C 716 36.33 -45.41 -32.84
CA THR C 716 36.06 -44.79 -34.16
C THR C 716 37.23 -44.69 -35.16
N ASN C 717 38.29 -43.99 -34.78
CA ASN C 717 39.46 -43.66 -35.65
C ASN C 717 40.78 -44.00 -34.93
N ASN C 718 41.88 -44.02 -35.68
CA ASN C 718 43.22 -44.00 -35.08
C ASN C 718 43.88 -42.63 -35.15
N ASN C 719 43.22 -41.72 -35.85
CA ASN C 719 43.67 -40.33 -35.99
C ASN C 719 43.54 -39.54 -34.68
N THR C 720 44.67 -39.37 -33.98
CA THR C 720 44.75 -38.52 -32.78
C THR C 720 44.39 -37.07 -33.09
N LYS C 721 45.02 -36.52 -34.12
CA LYS C 721 44.90 -35.11 -34.48
C LYS C 721 43.59 -34.81 -35.21
N GLU C 722 42.59 -35.64 -34.93
CA GLU C 722 41.22 -35.48 -35.42
C GLU C 722 40.50 -34.34 -34.71
N LEU C 723 39.77 -33.55 -35.49
CA LEU C 723 38.86 -32.58 -34.93
C LEU C 723 37.44 -33.06 -35.20
N PHE C 724 36.56 -32.94 -34.23
CA PHE C 724 35.14 -33.16 -34.47
C PHE C 724 34.39 -32.00 -33.86
N ARG C 725 33.26 -31.66 -34.45
CA ARG C 725 32.45 -30.57 -33.94
C ARG C 725 31.53 -31.03 -32.80
N LEU C 726 31.70 -30.40 -31.65
CA LEU C 726 30.78 -30.52 -30.52
C LEU C 726 30.21 -29.15 -30.14
N ASP C 727 28.93 -28.97 -30.45
CA ASP C 727 28.16 -27.78 -30.07
C ASP C 727 27.76 -27.82 -28.58
N SER C 728 27.39 -26.65 -28.07
CA SER C 728 26.86 -26.48 -26.73
C SER C 728 25.32 -26.34 -26.84
N PRO C 729 24.57 -26.91 -25.89
CA PRO C 729 25.01 -27.73 -24.74
C PRO C 729 25.40 -29.15 -25.16
N ALA C 730 26.51 -29.68 -24.63
CA ALA C 730 26.83 -31.09 -24.80
C ALA C 730 25.91 -31.97 -23.94
N THR C 731 24.69 -32.19 -24.42
CA THR C 731 23.66 -32.99 -23.72
C THR C 731 23.88 -34.47 -23.98
N PRO C 732 23.17 -35.39 -23.27
CA PRO C 732 23.41 -36.81 -23.60
C PRO C 732 23.26 -37.15 -25.10
N GLU C 733 22.31 -36.54 -25.81
CA GLU C 733 22.16 -36.73 -27.26
C GLU C 733 23.45 -36.44 -28.00
N LYS C 734 24.03 -35.29 -27.75
CA LYS C 734 25.25 -34.86 -28.42
C LYS C 734 26.46 -35.69 -27.99
N ILE C 735 26.58 -35.97 -26.71
CA ILE C 735 27.68 -36.82 -26.24
C ILE C 735 27.62 -38.19 -26.90
N ARG C 736 26.45 -38.86 -26.84
CA ARG C 736 26.31 -40.20 -27.38
C ARG C 736 26.58 -40.31 -28.89
N ASN C 737 26.05 -39.33 -29.64
CA ASN C 737 26.24 -39.30 -31.07
C ASN C 737 27.71 -39.12 -31.48
N ALA C 738 28.49 -38.48 -30.60
CA ALA C 738 29.91 -38.20 -30.85
C ALA C 738 30.80 -39.40 -30.54
N CYS C 739 30.27 -40.32 -29.75
CA CYS C 739 30.93 -41.59 -29.44
C CYS C 739 30.60 -42.63 -30.53
N VAL C 740 31.11 -42.38 -31.73
CA VAL C 740 30.86 -43.21 -32.92
C VAL C 740 31.38 -44.64 -32.69
N ASP C 741 30.51 -45.62 -32.82
CA ASP C 741 30.86 -47.01 -32.54
C ASP C 741 30.00 -47.96 -33.37
N LYS C 742 30.09 -49.26 -33.07
CA LYS C 742 29.36 -50.30 -33.78
C LYS C 742 27.83 -50.10 -33.72
N PHE C 743 27.38 -49.35 -32.72
CA PHE C 743 25.95 -49.08 -32.53
C PHE C 743 25.49 -47.86 -33.29
N THR C 744 26.25 -46.76 -33.25
CA THR C 744 25.87 -45.54 -34.00
C THR C 744 25.89 -45.78 -35.53
N THR C 745 26.78 -46.69 -35.91
CA THR C 745 26.76 -47.33 -37.20
C THR C 745 26.13 -48.74 -37.00
N THR D 1 -35.21 -15.37 4.40
CA THR D 1 -36.23 -14.96 3.39
C THR D 1 -36.43 -13.43 3.36
N ALA D 2 -35.46 -12.72 2.80
CA ALA D 2 -35.43 -11.25 2.83
C ALA D 2 -35.57 -10.63 1.46
N ASP D 3 -36.13 -9.43 1.41
CA ASP D 3 -36.36 -8.74 0.16
C ASP D 3 -35.07 -8.12 -0.35
N GLU D 4 -35.00 -7.85 -1.65
CA GLU D 4 -33.86 -7.17 -2.24
C GLU D 4 -34.10 -5.66 -2.18
N LEU D 5 -33.05 -4.95 -1.80
CA LEU D 5 -33.01 -3.50 -1.88
C LEU D 5 -32.39 -3.07 -3.22
N VAL D 6 -33.08 -2.23 -3.94
CA VAL D 6 -32.61 -1.79 -5.24
C VAL D 6 -32.58 -0.28 -5.25
N PHE D 7 -31.41 0.29 -5.51
CA PHE D 7 -31.31 1.74 -5.72
C PHE D 7 -30.28 2.08 -6.78
N PHE D 8 -30.06 3.37 -6.99
CA PHE D 8 -29.14 3.81 -8.01
C PHE D 8 -28.16 4.76 -7.40
N VAL D 9 -26.90 4.60 -7.78
CA VAL D 9 -25.85 5.51 -7.38
C VAL D 9 -25.11 5.97 -8.62
N ASN D 10 -25.14 7.28 -8.87
CA ASN D 10 -24.55 7.90 -10.06
C ASN D 10 -24.95 7.30 -11.41
N GLY D 11 -26.22 6.96 -11.52
CA GLY D 11 -26.77 6.43 -12.76
C GLY D 11 -26.60 4.93 -12.87
N LYS D 12 -26.11 4.29 -11.80
CA LYS D 12 -25.78 2.87 -11.82
C LYS D 12 -26.58 2.06 -10.80
N LYS D 13 -27.11 0.91 -11.22
CA LYS D 13 -27.99 0.06 -10.40
C LYS D 13 -27.27 -0.70 -9.27
N VAL D 14 -27.75 -0.52 -8.04
CA VAL D 14 -27.26 -1.29 -6.91
C VAL D 14 -28.32 -2.25 -6.38
N VAL D 15 -28.11 -3.55 -6.56
CA VAL D 15 -28.99 -4.56 -5.99
C VAL D 15 -28.34 -5.20 -4.78
N GLU D 16 -28.88 -4.90 -3.60
CA GLU D 16 -28.37 -5.45 -2.36
C GLU D 16 -29.33 -6.54 -1.89
N LYS D 17 -28.81 -7.76 -1.77
CA LYS D 17 -29.65 -8.91 -1.47
C LYS D 17 -29.68 -9.22 0.02
N ASN D 18 -28.77 -8.60 0.78
CA ASN D 18 -28.73 -8.80 2.21
C ASN D 18 -28.55 -7.50 3.00
N ALA D 19 -29.40 -6.51 2.72
CA ALA D 19 -29.35 -5.20 3.35
C ALA D 19 -29.51 -5.28 4.86
N ASP D 20 -28.58 -4.65 5.58
CA ASP D 20 -28.64 -4.52 7.03
C ASP D 20 -29.29 -3.17 7.37
N PRO D 21 -30.41 -3.19 8.12
CA PRO D 21 -31.16 -1.98 8.53
C PRO D 21 -30.33 -0.87 9.18
N GLU D 22 -29.21 -1.26 9.79
CA GLU D 22 -28.32 -0.35 10.51
C GLU D 22 -27.28 0.34 9.59
N THR D 23 -27.23 -0.05 8.32
CA THR D 23 -26.26 0.49 7.37
C THR D 23 -26.69 1.86 6.87
N THR D 24 -25.87 2.85 7.19
CA THR D 24 -26.06 4.23 6.70
C THR D 24 -25.58 4.28 5.26
N LEU D 25 -26.07 5.25 4.51
CA LEU D 25 -25.68 5.38 3.09
C LEU D 25 -24.20 5.75 2.98
N LEU D 26 -23.69 6.53 3.94
CA LEU D 26 -22.27 6.89 3.98
C LEU D 26 -21.40 5.65 4.01
N ALA D 27 -21.63 4.77 4.98
CA ALA D 27 -20.87 3.51 5.10
C ALA D 27 -20.91 2.73 3.81
N TYR D 28 -22.08 2.67 3.21
CA TYR D 28 -22.30 1.91 2.01
C TYR D 28 -21.51 2.47 0.86
N LEU D 29 -21.60 3.77 0.60
CA LEU D 29 -20.84 4.40 -0.50
C LEU D 29 -19.34 4.19 -0.34
N ARG D 30 -18.82 4.49 0.83
CA ARG D 30 -17.37 4.46 1.02
C ARG D 30 -16.81 3.06 1.03
N ARG D 31 -17.43 2.19 1.83
CA ARG D 31 -16.88 0.90 2.21
C ARG D 31 -17.50 -0.32 1.49
N LYS D 32 -18.61 -0.08 0.78
CA LYS D 32 -19.15 -1.12 -0.08
C LYS D 32 -18.87 -0.74 -1.52
N LEU D 33 -19.30 0.45 -1.95
CA LEU D 33 -19.18 0.84 -3.34
C LEU D 33 -17.84 1.50 -3.66
N GLY D 34 -17.03 1.76 -2.64
CA GLY D 34 -15.68 2.36 -2.85
C GLY D 34 -15.68 3.78 -3.44
N LEU D 35 -16.78 4.50 -3.24
CA LEU D 35 -16.90 5.91 -3.65
C LEU D 35 -16.57 6.82 -2.46
N ARG D 36 -15.32 7.23 -2.38
CA ARG D 36 -14.84 7.91 -1.20
C ARG D 36 -14.91 9.43 -1.23
N GLY D 37 -15.49 9.99 -2.28
CA GLY D 37 -15.74 11.45 -2.36
C GLY D 37 -16.64 12.03 -1.28
N THR D 38 -17.64 11.25 -0.87
CA THR D 38 -18.55 11.59 0.21
C THR D 38 -17.83 11.32 1.54
N LYS D 39 -17.84 12.31 2.46
CA LYS D 39 -16.96 12.26 3.66
C LYS D 39 -17.68 12.17 5.00
N LEU D 40 -17.02 11.56 5.96
CA LEU D 40 -17.51 11.61 7.33
C LEU D 40 -16.87 12.81 8.04
N GLY D 41 -17.70 13.73 8.56
CA GLY D 41 -17.21 14.88 9.28
C GLY D 41 -17.65 14.88 10.74
N CYS D 42 -18.87 14.38 10.99
CA CYS D 42 -19.44 14.30 12.35
C CYS D 42 -20.36 13.10 12.60
N GLY D 43 -21.08 12.65 11.56
CA GLY D 43 -22.08 11.58 11.70
C GLY D 43 -23.31 11.95 12.51
N GLU D 44 -23.59 13.24 12.65
CA GLU D 44 -24.75 13.63 13.45
C GLU D 44 -25.58 14.71 12.76
N GLY D 45 -25.32 14.91 11.48
CA GLY D 45 -26.12 15.80 10.63
C GLY D 45 -25.76 17.28 10.65
N GLY D 46 -24.71 17.65 11.41
CA GLY D 46 -24.39 19.06 11.57
C GLY D 46 -23.39 19.74 10.63
N CYS D 47 -22.64 18.97 9.87
CA CYS D 47 -21.47 19.52 9.16
C CYS D 47 -21.61 19.42 7.66
N GLY D 48 -22.39 18.45 7.19
CA GLY D 48 -22.75 18.38 5.78
C GLY D 48 -21.72 17.86 4.83
N ALA D 49 -20.59 17.36 5.35
CA ALA D 49 -19.52 16.80 4.53
C ALA D 49 -19.96 15.61 3.71
N CYS D 50 -20.97 14.92 4.25
CA CYS D 50 -21.58 13.71 3.68
C CYS D 50 -22.79 14.02 2.75
N THR D 51 -23.01 15.30 2.42
CA THR D 51 -24.16 15.68 1.60
C THR D 51 -24.09 14.97 0.26
N VAL D 52 -25.21 14.39 -0.15
CA VAL D 52 -25.38 13.78 -1.48
C VAL D 52 -26.73 14.31 -2.00
N MET D 53 -27.00 14.14 -3.29
CA MET D 53 -28.33 14.47 -3.75
C MET D 53 -29.13 13.21 -3.89
N LEU D 54 -30.41 13.32 -3.58
CA LEU D 54 -31.35 12.23 -3.78
C LEU D 54 -32.41 12.62 -4.80
N SER D 55 -32.92 11.62 -5.51
CA SER D 55 -33.90 11.84 -6.56
C SER D 55 -34.89 10.70 -6.56
N LYS D 56 -36.16 11.05 -6.62
CA LYS D 56 -37.21 10.07 -6.73
C LYS D 56 -38.40 10.62 -7.52
N TYR D 57 -39.14 9.72 -8.13
CA TYR D 57 -40.43 10.07 -8.71
C TYR D 57 -41.42 10.12 -7.57
N ASP D 58 -42.10 11.25 -7.43
CA ASP D 58 -43.03 11.38 -6.31
C ASP D 58 -44.43 10.93 -6.68
N ARG D 59 -44.82 9.77 -6.12
CA ARG D 59 -46.10 9.10 -6.41
C ARG D 59 -47.31 9.99 -6.11
N LEU D 60 -47.15 10.92 -5.18
CA LEU D 60 -48.12 12.02 -4.97
C LEU D 60 -47.96 13.10 -6.04
N GLN D 61 -46.92 13.93 -5.88
CA GLN D 61 -46.73 15.18 -6.64
C GLN D 61 -46.75 15.12 -8.18
N ASP D 62 -46.78 13.90 -8.74
CA ASP D 62 -46.26 13.65 -10.10
C ASP D 62 -44.72 13.73 -9.96
N LYS D 63 -44.04 14.28 -10.99
CA LYS D 63 -42.67 14.84 -10.86
C LYS D 63 -41.53 13.91 -10.41
N ILE D 64 -40.35 14.18 -10.94
CA ILE D 64 -39.12 13.72 -10.31
C ILE D 64 -38.64 14.84 -9.38
N ILE D 65 -38.48 14.51 -8.11
CA ILE D 65 -37.96 15.47 -7.11
C ILE D 65 -36.46 15.29 -6.77
N HIS D 66 -35.76 16.40 -6.62
CA HIS D 66 -34.35 16.40 -6.25
C HIS D 66 -34.16 17.11 -4.93
N PHE D 67 -33.40 16.51 -4.01
CA PHE D 67 -33.12 17.12 -2.72
C PHE D 67 -31.83 16.58 -2.11
N SER D 68 -31.16 17.41 -1.32
CA SER D 68 -29.94 17.03 -0.64
C SER D 68 -30.30 16.26 0.65
N ALA D 69 -29.41 15.35 1.07
CA ALA D 69 -29.60 14.59 2.29
C ALA D 69 -28.23 14.39 2.92
N ASN D 70 -28.18 14.02 4.19
CA ASN D 70 -26.90 13.70 4.85
C ASN D 70 -26.75 12.19 4.77
N ALA D 71 -25.80 11.72 3.98
CA ALA D 71 -25.60 10.27 3.85
C ALA D 71 -25.27 9.58 5.18
N CYS D 72 -24.69 10.29 6.12
CA CYS D 72 -24.35 9.71 7.45
C CYS D 72 -25.56 9.23 8.30
N LEU D 73 -26.75 9.71 7.97
CA LEU D 73 -27.97 9.51 8.73
C LEU D 73 -29.06 8.81 7.92
N ALA D 74 -28.86 8.74 6.60
CA ALA D 74 -29.81 8.09 5.73
C ALA D 74 -29.61 6.58 5.81
N PRO D 75 -30.60 5.85 6.32
CA PRO D 75 -30.47 4.39 6.23
C PRO D 75 -30.63 3.93 4.77
N ILE D 76 -29.83 2.97 4.32
CA ILE D 76 -29.97 2.47 2.95
C ILE D 76 -31.37 1.91 2.73
N CYS D 77 -31.94 1.34 3.78
CA CYS D 77 -33.28 0.73 3.72
C CYS D 77 -34.45 1.73 3.49
N THR D 78 -34.14 3.02 3.44
CA THR D 78 -35.09 4.07 3.08
C THR D 78 -34.99 4.41 1.59
N LEU D 79 -33.99 3.87 0.90
CA LEU D 79 -33.62 4.32 -0.43
C LEU D 79 -34.11 3.42 -1.59
N HIS D 80 -34.96 2.45 -1.28
CA HIS D 80 -35.42 1.54 -2.31
C HIS D 80 -36.09 2.38 -3.36
N HIS D 81 -35.60 2.23 -4.59
CA HIS D 81 -36.03 2.98 -5.77
C HIS D 81 -35.67 4.45 -5.72
N VAL D 82 -34.61 4.77 -5.01
CA VAL D 82 -34.12 6.14 -4.97
C VAL D 82 -32.82 6.22 -5.76
N ALA D 83 -32.64 7.32 -6.50
CA ALA D 83 -31.40 7.58 -7.23
C ALA D 83 -30.47 8.48 -6.41
N VAL D 84 -29.27 7.98 -6.09
CA VAL D 84 -28.23 8.75 -5.36
C VAL D 84 -27.26 9.41 -6.35
N THR D 85 -26.86 10.63 -6.06
CA THR D 85 -25.83 11.36 -6.83
C THR D 85 -24.83 11.89 -5.80
N THR D 86 -23.57 11.48 -5.93
CA THR D 86 -22.49 12.00 -5.13
C THR D 86 -21.62 12.91 -5.99
N VAL D 87 -20.55 13.44 -5.42
CA VAL D 87 -19.67 14.38 -6.10
C VAL D 87 -19.08 13.76 -7.39
N GLU D 88 -18.78 12.47 -7.38
CA GLU D 88 -18.18 11.82 -8.55
C GLU D 88 -19.22 11.58 -9.65
N GLY D 89 -20.49 11.73 -9.30
CA GLY D 89 -21.58 11.62 -10.25
C GLY D 89 -21.78 12.83 -11.13
N ILE D 90 -21.17 13.96 -10.77
CA ILE D 90 -21.44 15.22 -11.52
C ILE D 90 -20.31 15.73 -12.43
N GLY D 91 -19.12 15.16 -12.30
CA GLY D 91 -17.95 15.66 -12.98
C GLY D 91 -16.65 15.20 -12.35
N SER D 92 -15.56 15.27 -13.11
CA SER D 92 -14.23 14.89 -12.62
C SER D 92 -13.14 15.57 -13.45
N THR D 93 -11.91 15.62 -12.88
CA THR D 93 -10.73 16.15 -13.59
C THR D 93 -10.29 15.18 -14.68
N LYS D 94 -10.72 13.93 -14.57
CA LYS D 94 -10.42 12.91 -15.59
C LYS D 94 -11.21 13.16 -16.87
N THR D 95 -12.45 13.57 -16.69
CA THR D 95 -13.36 13.80 -17.80
C THR D 95 -13.57 15.31 -17.94
N ARG D 96 -14.55 15.86 -17.21
CA ARG D 96 -14.80 17.30 -17.16
C ARG D 96 -15.43 17.67 -15.81
N LEU D 97 -15.02 18.79 -15.22
CA LEU D 97 -15.63 19.26 -13.98
C LEU D 97 -16.98 19.87 -14.30
N HIS D 98 -17.94 19.70 -13.39
CA HIS D 98 -19.15 20.51 -13.41
C HIS D 98 -18.76 21.98 -13.17
N PRO D 99 -19.51 22.94 -13.77
CA PRO D 99 -19.34 24.38 -13.43
C PRO D 99 -19.26 24.70 -11.91
N VAL D 100 -20.03 24.00 -11.07
CA VAL D 100 -19.97 24.15 -9.61
C VAL D 100 -18.58 23.80 -9.09
N GLN D 101 -18.05 22.65 -9.50
CA GLN D 101 -16.71 22.22 -9.07
C GLN D 101 -15.63 23.17 -9.55
N GLU D 102 -15.67 23.53 -10.84
CA GLU D 102 -14.71 24.48 -11.38
C GLU D 102 -14.69 25.83 -10.65
N ARG D 103 -15.88 26.36 -10.36
CA ARG D 103 -16.02 27.68 -9.75
C ARG D 103 -15.61 27.71 -8.28
N ILE D 104 -15.93 26.66 -7.51
CA ILE D 104 -15.41 26.62 -6.14
C ILE D 104 -13.87 26.52 -6.15
N ALA D 105 -13.29 25.74 -7.07
CA ALA D 105 -11.82 25.58 -7.18
C ALA D 105 -11.06 26.85 -7.59
N LYS D 106 -11.54 27.50 -8.65
CA LYS D 106 -10.90 28.70 -9.20
C LYS D 106 -11.08 29.95 -8.32
N SER D 107 -12.18 29.98 -7.58
CA SER D 107 -12.52 31.08 -6.67
C SER D 107 -11.82 31.04 -5.32
N HIS D 108 -10.92 30.06 -5.14
CA HIS D 108 -10.17 29.86 -3.87
C HIS D 108 -11.11 29.45 -2.74
N GLY D 109 -12.21 28.79 -3.11
CA GLY D 109 -13.20 28.30 -2.14
C GLY D 109 -12.87 26.98 -1.47
N SER D 110 -11.65 26.49 -1.69
CA SER D 110 -11.25 25.19 -1.19
C SER D 110 -9.81 25.25 -0.69
N GLN D 111 -9.62 25.05 0.61
CA GLN D 111 -8.30 25.05 1.20
C GLN D 111 -7.84 23.61 1.47
N CYS D 112 -8.25 23.00 2.61
CA CYS D 112 -7.96 21.57 2.90
C CYS D 112 -8.76 20.67 2.00
N GLY D 113 -9.91 21.18 1.57
CA GLY D 113 -10.78 20.49 0.62
C GLY D 113 -11.77 19.48 1.14
N PHE D 114 -11.84 19.25 2.45
CA PHE D 114 -12.57 18.09 2.99
C PHE D 114 -14.06 18.39 3.02
N CYS D 115 -14.40 19.68 3.13
CA CYS D 115 -15.81 20.11 3.09
C CYS D 115 -16.37 20.26 1.70
N THR D 116 -15.47 20.35 0.72
CA THR D 116 -15.80 20.76 -0.66
C THR D 116 -16.84 19.92 -1.42
N PRO D 117 -16.73 18.57 -1.39
CA PRO D 117 -17.76 17.75 -2.03
C PRO D 117 -19.15 18.00 -1.49
N GLY D 118 -19.26 18.08 -0.15
CA GLY D 118 -20.48 18.42 0.55
C GLY D 118 -21.09 19.73 0.09
N ILE D 119 -20.26 20.76 0.02
CA ILE D 119 -20.69 22.10 -0.42
C ILE D 119 -21.00 22.11 -1.91
N VAL D 120 -20.20 21.40 -2.69
CA VAL D 120 -20.49 21.17 -4.11
C VAL D 120 -21.87 20.54 -4.31
N MET D 121 -22.21 19.53 -3.50
CA MET D 121 -23.47 18.82 -3.60
C MET D 121 -24.71 19.64 -3.16
N SER D 122 -24.52 20.54 -2.19
CA SER D 122 -25.57 21.48 -1.79
C SER D 122 -25.84 22.51 -2.87
N MET D 123 -24.78 23.03 -3.48
CA MET D 123 -24.92 23.97 -4.57
C MET D 123 -25.54 23.30 -5.80
N TYR D 124 -25.05 22.11 -6.12
CA TYR D 124 -25.56 21.32 -7.22
C TYR D 124 -27.07 21.07 -7.08
N THR D 125 -27.49 20.72 -5.86
CA THR D 125 -28.88 20.42 -5.58
C THR D 125 -29.74 21.67 -5.81
N LEU D 126 -29.28 22.80 -5.28
CA LEU D 126 -29.93 24.08 -5.50
C LEU D 126 -30.12 24.32 -7.00
N LEU D 127 -29.04 24.21 -7.77
CA LEU D 127 -29.11 24.43 -9.22
C LEU D 127 -30.02 23.46 -10.00
N ARG D 128 -30.14 22.24 -9.50
CA ARG D 128 -30.98 21.25 -10.16
C ARG D 128 -32.48 21.49 -9.93
N ASN D 129 -32.81 22.26 -8.90
CA ASN D 129 -34.17 22.65 -8.60
C ASN D 129 -34.46 24.03 -9.20
N GLN D 130 -33.48 24.91 -9.12
CA GLN D 130 -33.60 26.30 -9.57
C GLN D 130 -32.37 26.73 -10.33
N PRO D 131 -32.38 26.56 -11.69
CA PRO D 131 -31.25 26.84 -12.58
C PRO D 131 -30.81 28.29 -12.58
N GLU D 132 -31.70 29.19 -12.18
CA GLU D 132 -31.40 30.62 -12.05
C GLU D 132 -31.79 31.14 -10.66
N PRO D 133 -30.97 30.85 -9.63
CA PRO D 133 -31.34 31.24 -8.28
C PRO D 133 -31.01 32.71 -7.97
N THR D 134 -31.62 33.26 -6.91
CA THR D 134 -31.25 34.59 -6.43
C THR D 134 -30.02 34.43 -5.56
N VAL D 135 -29.38 35.55 -5.25
CA VAL D 135 -28.23 35.61 -4.38
C VAL D 135 -28.66 35.11 -3.02
N GLU D 136 -29.90 35.44 -2.64
CA GLU D 136 -30.44 35.07 -1.32
C GLU D 136 -30.68 33.58 -1.16
N GLU D 137 -31.23 32.96 -2.19
CA GLU D 137 -31.36 31.51 -2.24
C GLU D 137 -30.00 30.84 -2.07
N ILE D 138 -28.99 31.36 -2.76
CA ILE D 138 -27.62 30.84 -2.71
C ILE D 138 -26.99 30.83 -1.29
N GLU D 139 -27.08 31.92 -0.53
CA GLU D 139 -26.46 31.91 0.83
C GLU D 139 -27.20 31.01 1.79
N ASP D 140 -28.51 30.88 1.58
CA ASP D 140 -29.35 30.07 2.47
C ASP D 140 -29.28 28.58 2.18
N ALA D 141 -28.68 28.24 1.03
CA ALA D 141 -28.48 26.84 0.61
C ALA D 141 -27.49 26.06 1.49
N PHE D 142 -26.68 26.77 2.28
CA PHE D 142 -25.50 26.16 2.92
C PHE D 142 -25.49 26.14 4.43
N GLN D 143 -26.66 26.31 5.03
CA GLN D 143 -26.79 26.39 6.49
C GLN D 143 -26.40 25.08 7.12
N GLY D 144 -26.40 24.02 6.29
CA GLY D 144 -26.05 22.68 6.70
C GLY D 144 -24.57 22.33 6.47
N ASN D 145 -23.77 23.24 5.90
CA ASN D 145 -22.40 22.91 5.51
C ASN D 145 -21.35 23.74 6.26
N LEU D 146 -20.42 23.07 6.93
CA LEU D 146 -19.38 23.77 7.70
C LEU D 146 -18.03 23.68 7.04
N CYS D 147 -17.29 24.78 7.07
CA CYS D 147 -15.92 24.82 6.58
C CYS D 147 -15.07 25.53 7.61
N ARG D 148 -13.94 24.95 7.94
CA ARG D 148 -13.11 25.45 9.01
C ARG D 148 -11.93 26.23 8.43
N CYS D 149 -11.73 26.16 7.12
CA CYS D 149 -10.52 26.77 6.57
C CYS D 149 -10.73 28.15 5.95
N THR D 150 -11.84 28.35 5.25
CA THR D 150 -11.95 29.46 4.33
C THR D 150 -12.51 30.77 4.89
N GLY D 151 -13.25 30.71 5.98
CA GLY D 151 -14.10 31.86 6.35
C GLY D 151 -15.24 32.19 5.37
N TYR D 152 -15.57 31.22 4.51
CA TYR D 152 -16.80 31.22 3.69
C TYR D 152 -16.94 32.24 2.56
N ARG D 153 -16.35 33.42 2.72
CA ARG D 153 -16.44 34.55 1.74
C ARG D 153 -16.14 34.09 0.30
N PRO D 154 -14.99 33.40 0.07
CA PRO D 154 -14.69 33.00 -1.31
C PRO D 154 -15.75 32.08 -1.93
N ILE D 155 -16.32 31.19 -1.13
CA ILE D 155 -17.26 30.19 -1.64
C ILE D 155 -18.53 30.91 -2.17
N LEU D 156 -19.04 31.85 -1.39
CA LEU D 156 -20.22 32.62 -1.80
C LEU D 156 -19.90 33.55 -2.96
N GLN D 157 -18.72 34.15 -2.92
CA GLN D 157 -18.30 34.99 -4.05
C GLN D 157 -18.29 34.18 -5.37
N GLY D 158 -17.73 32.98 -5.34
CA GLY D 158 -17.71 32.07 -6.47
C GLY D 158 -19.08 31.59 -6.93
N PHE D 159 -19.95 31.22 -6.01
CA PHE D 159 -21.30 30.73 -6.38
C PHE D 159 -22.26 31.86 -6.75
N ARG D 160 -21.95 33.07 -6.28
CA ARG D 160 -22.70 34.29 -6.60
C ARG D 160 -22.87 34.47 -8.10
N THR D 161 -21.86 34.04 -8.83
CA THR D 161 -21.84 34.06 -10.29
C THR D 161 -22.96 33.22 -10.99
N PHE D 162 -23.63 32.34 -10.25
CA PHE D 162 -24.81 31.61 -10.75
C PHE D 162 -26.15 32.38 -10.67
N ALA D 163 -26.15 33.55 -10.04
CA ALA D 163 -27.37 34.26 -9.68
C ALA D 163 -27.96 35.18 -10.77
N LYS D 164 -29.26 35.48 -10.61
CA LYS D 164 -30.01 36.51 -11.39
C LYS D 164 -30.44 36.02 -12.77
N PRO E 1 -46.45 -0.79 -5.17
CA PRO E 1 -45.51 -0.93 -4.05
C PRO E 1 -45.95 -2.00 -3.07
N LYS E 2 -45.03 -2.88 -2.69
CA LYS E 2 -45.32 -3.91 -1.69
C LYS E 2 -44.40 -3.81 -0.48
N GLN E 3 -44.87 -4.36 0.64
CA GLN E 3 -44.12 -4.37 1.89
C GLN E 3 -42.80 -5.06 1.66
N LEU E 4 -41.72 -4.46 2.16
CA LEU E 4 -40.39 -5.05 2.06
C LEU E 4 -39.84 -5.43 3.43
N ARG E 5 -39.04 -6.48 3.48
CA ARG E 5 -38.50 -6.94 4.75
C ARG E 5 -36.99 -7.05 4.64
N PHE E 6 -36.29 -6.35 5.53
CA PHE E 6 -34.83 -6.42 5.62
C PHE E 6 -34.39 -7.00 6.97
N GLU E 7 -33.40 -7.88 6.95
CA GLU E 7 -32.92 -8.52 8.17
C GLU E 7 -31.40 -8.37 8.32
N GLY E 8 -30.98 -7.78 9.43
CA GLY E 8 -29.56 -7.61 9.72
C GLY E 8 -29.13 -8.49 10.87
N GLU E 9 -27.96 -8.20 11.43
CA GLU E 9 -27.44 -8.93 12.57
C GLU E 9 -28.29 -8.74 13.82
N ARG E 10 -28.84 -7.54 13.99
CA ARG E 10 -29.59 -7.20 15.20
C ARG E 10 -30.99 -6.66 14.97
N VAL E 11 -31.21 -6.13 13.76
CA VAL E 11 -32.40 -5.36 13.47
C VAL E 11 -33.17 -5.97 12.32
N THR E 12 -34.50 -5.92 12.43
CA THR E 12 -35.41 -6.34 11.36
C THR E 12 -36.19 -5.10 10.97
N TRP E 13 -36.10 -4.72 9.71
CA TRP E 13 -36.74 -3.51 9.21
C TRP E 13 -37.91 -3.90 8.30
N ILE E 14 -39.06 -3.28 8.51
CA ILE E 14 -40.21 -3.47 7.63
C ILE E 14 -40.59 -2.15 7.00
N GLN E 15 -40.55 -2.09 5.67
CA GLN E 15 -41.02 -0.93 4.98
C GLN E 15 -42.50 -1.16 4.67
N ALA E 16 -43.39 -0.49 5.41
CA ALA E 16 -44.85 -0.56 5.18
C ALA E 16 -45.30 0.23 3.94
N SER E 17 -46.11 -0.41 3.09
CA SER E 17 -46.57 0.24 1.86
C SER E 17 -47.96 0.94 2.04
N THR E 18 -48.55 0.74 3.21
CA THR E 18 -49.97 0.93 3.38
C THR E 18 -50.32 1.19 4.86
N LEU E 19 -51.26 2.11 5.11
CA LEU E 19 -51.69 2.42 6.48
C LEU E 19 -52.14 1.18 7.25
N LYS E 20 -52.91 0.33 6.59
CA LYS E 20 -53.37 -0.93 7.16
C LYS E 20 -52.23 -1.81 7.66
N GLU E 21 -51.21 -1.96 6.82
CA GLU E 21 -50.00 -2.73 7.19
C GLU E 21 -49.35 -2.13 8.42
N LEU E 22 -49.12 -0.82 8.37
CA LEU E 22 -48.55 -0.10 9.50
C LEU E 22 -49.30 -0.37 10.81
N LEU E 23 -50.62 -0.27 10.78
CA LEU E 23 -51.41 -0.43 12.01
C LEU E 23 -51.47 -1.87 12.48
N ASP E 24 -51.52 -2.81 11.53
CA ASP E 24 -51.46 -4.25 11.85
C ASP E 24 -50.11 -4.60 12.45
N LEU E 25 -49.04 -4.15 11.80
CA LEU E 25 -47.69 -4.39 12.31
C LEU E 25 -47.55 -3.79 13.70
N LYS E 26 -47.99 -2.54 13.84
CA LYS E 26 -47.85 -1.86 15.11
C LYS E 26 -48.63 -2.53 16.25
N ALA E 27 -49.75 -3.18 15.94
CA ALA E 27 -50.50 -3.89 16.98
C ALA E 27 -49.89 -5.25 17.34
N GLN E 28 -49.31 -5.92 16.34
CA GLN E 28 -48.61 -7.19 16.53
C GLN E 28 -47.30 -6.99 17.31
N HIS E 29 -46.64 -5.85 17.09
CA HIS E 29 -45.35 -5.57 17.76
C HIS E 29 -45.32 -4.15 18.36
N PRO E 30 -46.01 -3.95 19.51
CA PRO E 30 -46.14 -2.60 20.10
C PRO E 30 -44.81 -1.92 20.46
N GLU E 31 -43.76 -2.72 20.64
CA GLU E 31 -42.41 -2.22 20.95
C GLU E 31 -41.62 -1.78 19.70
N ALA E 32 -42.18 -1.97 18.51
CA ALA E 32 -41.53 -1.61 17.25
C ALA E 32 -41.32 -0.10 17.10
N LYS E 33 -40.19 0.29 16.52
CA LYS E 33 -39.84 1.69 16.36
C LYS E 33 -40.13 2.23 14.98
N LEU E 34 -40.95 3.27 14.91
CA LEU E 34 -41.18 3.93 13.64
C LEU E 34 -39.96 4.78 13.28
N VAL E 35 -39.50 4.65 12.05
CA VAL E 35 -38.43 5.50 11.58
C VAL E 35 -38.91 6.11 10.30
N VAL E 36 -38.78 7.42 10.18
CA VAL E 36 -39.07 8.07 8.93
C VAL E 36 -37.74 8.61 8.43
N GLY E 37 -37.36 9.81 8.84
CA GLY E 37 -36.08 10.39 8.42
C GLY E 37 -34.82 9.85 9.07
N ASN E 38 -34.97 9.23 10.24
CA ASN E 38 -33.85 8.71 11.05
C ASN E 38 -32.92 9.78 11.65
N THR E 39 -33.33 11.04 11.64
CA THR E 39 -32.46 12.11 12.16
C THR E 39 -32.41 12.18 13.70
N GLU E 40 -33.32 11.46 14.34
CA GLU E 40 -33.31 11.29 15.78
C GLU E 40 -32.91 9.87 16.14
N ILE E 41 -33.59 8.89 15.55
CA ILE E 41 -33.30 7.45 15.80
C ILE E 41 -31.83 7.06 15.55
N GLY E 42 -31.26 7.61 14.48
CA GLY E 42 -29.88 7.35 14.08
C GLY E 42 -28.89 7.87 15.11
N ILE E 43 -29.23 9.01 15.72
CA ILE E 43 -28.51 9.59 16.86
C ILE E 43 -28.67 8.75 18.12
N GLU E 44 -29.90 8.29 18.36
CA GLU E 44 -30.21 7.43 19.50
C GLU E 44 -29.48 6.11 19.45
N MET E 45 -29.44 5.51 18.27
CA MET E 45 -28.75 4.23 18.07
C MET E 45 -27.23 4.37 18.10
N LYS E 46 -26.70 5.40 17.46
CA LYS E 46 -25.24 5.64 17.44
C LYS E 46 -24.68 6.16 18.75
N PHE E 47 -25.28 7.21 19.31
CA PHE E 47 -24.68 7.96 20.41
C PHE E 47 -25.22 7.60 21.79
N LYS E 48 -26.50 7.24 21.89
CA LYS E 48 -27.12 6.91 23.19
C LYS E 48 -27.26 5.40 23.34
N ASN E 49 -26.71 4.68 22.36
CA ASN E 49 -26.60 3.22 22.35
C ASN E 49 -27.91 2.49 22.63
N GLN E 50 -28.97 2.99 22.03
CA GLN E 50 -30.25 2.32 22.02
C GLN E 50 -30.19 1.23 20.96
N LEU E 51 -30.90 0.13 21.18
CA LEU E 51 -31.13 -0.82 20.11
C LEU E 51 -32.62 -1.11 20.01
N PHE E 52 -33.15 -0.96 18.80
CA PHE E 52 -34.54 -1.27 18.53
C PHE E 52 -34.60 -2.44 17.56
N PRO E 53 -34.81 -3.66 18.08
CA PRO E 53 -34.68 -4.87 17.26
C PRO E 53 -35.65 -4.93 16.08
N MET E 54 -36.69 -4.12 16.14
CA MET E 54 -37.74 -4.10 15.13
C MET E 54 -38.11 -2.66 14.81
N ILE E 55 -37.99 -2.34 13.52
CA ILE E 55 -38.26 -1.01 12.99
C ILE E 55 -39.31 -1.09 11.89
N ILE E 56 -40.24 -0.14 11.84
CA ILE E 56 -41.16 0.02 10.73
C ILE E 56 -40.94 1.37 10.10
N CYS E 57 -40.80 1.40 8.78
CA CYS E 57 -40.68 2.65 8.07
C CYS E 57 -41.98 2.93 7.28
N PRO E 58 -42.76 3.95 7.70
CA PRO E 58 -44.05 4.27 7.09
C PRO E 58 -43.99 5.37 6.03
N ALA E 59 -42.78 5.76 5.62
CA ALA E 59 -42.61 6.87 4.68
C ALA E 59 -43.38 6.75 3.33
N TRP E 60 -43.65 5.53 2.89
CA TRP E 60 -44.31 5.28 1.62
C TRP E 60 -45.81 5.51 1.66
N ILE E 61 -46.40 5.41 2.85
CA ILE E 61 -47.86 5.45 3.07
C ILE E 61 -48.46 6.80 2.64
N PRO E 62 -49.46 6.78 1.72
CA PRO E 62 -49.95 8.05 1.18
C PRO E 62 -50.60 9.00 2.21
N GLU E 63 -51.34 8.44 3.17
CA GLU E 63 -51.95 9.23 4.26
C GLU E 63 -50.96 10.04 5.10
N LEU E 64 -49.75 9.50 5.25
CA LEU E 64 -48.75 10.10 6.11
C LEU E 64 -47.99 11.18 5.38
N ASN E 65 -48.31 11.38 4.10
CA ASN E 65 -47.66 12.39 3.26
C ASN E 65 -48.63 13.44 2.66
N ALA E 66 -49.89 13.35 3.07
CA ALA E 66 -50.99 14.14 2.54
C ALA E 66 -51.04 15.58 3.06
N VAL E 67 -51.07 16.54 2.14
CA VAL E 67 -51.22 17.95 2.48
C VAL E 67 -52.62 18.47 2.10
N GLU E 68 -53.39 18.85 3.13
CA GLU E 68 -54.81 19.17 2.99
C GLU E 68 -55.16 20.56 3.51
N HIS E 69 -55.96 21.28 2.75
CA HIS E 69 -56.41 22.60 3.14
C HIS E 69 -57.87 22.53 3.50
N GLY E 70 -58.17 22.67 4.79
CA GLY E 70 -59.54 22.60 5.30
C GLY E 70 -60.04 23.96 5.76
N PRO E 71 -61.20 24.01 6.44
CA PRO E 71 -61.73 25.31 6.88
C PRO E 71 -60.97 25.83 8.11
N GLU E 72 -60.45 24.90 8.91
CA GLU E 72 -59.85 25.19 10.19
C GLU E 72 -58.37 25.55 10.09
N GLY E 73 -57.69 24.94 9.13
CA GLY E 73 -56.24 25.12 8.94
C GLY E 73 -55.67 24.19 7.90
N ILE E 74 -54.33 24.09 7.88
CA ILE E 74 -53.62 23.20 6.97
C ILE E 74 -53.14 21.95 7.71
N SER E 75 -53.61 20.80 7.24
CA SER E 75 -53.18 19.52 7.75
C SER E 75 -52.02 18.93 6.94
N PHE E 76 -51.06 18.34 7.67
CA PHE E 76 -49.87 17.70 7.12
C PHE E 76 -49.80 16.29 7.67
N GLY E 77 -49.63 15.30 6.79
CA GLY E 77 -49.28 13.94 7.25
C GLY E 77 -48.03 13.97 8.14
N ALA E 78 -48.01 13.08 9.12
CA ALA E 78 -46.92 13.05 10.11
C ALA E 78 -45.54 12.80 9.48
N ALA E 79 -45.52 12.16 8.30
CA ALA E 79 -44.28 11.90 7.56
C ALA E 79 -43.80 13.02 6.65
N CYS E 80 -44.52 14.15 6.60
CA CYS E 80 -44.07 15.24 5.74
C CYS E 80 -42.76 15.84 6.25
N ALA E 81 -41.84 16.02 5.31
CA ALA E 81 -40.55 16.63 5.55
C ALA E 81 -40.80 18.05 5.97
N LEU E 82 -39.94 18.55 6.84
CA LEU E 82 -40.01 19.91 7.31
C LEU E 82 -39.92 20.92 6.16
N SER E 83 -39.11 20.61 5.14
CA SER E 83 -39.03 21.44 3.93
C SER E 83 -40.37 21.56 3.17
N SER E 84 -41.15 20.50 3.14
CA SER E 84 -42.49 20.54 2.54
C SER E 84 -43.47 21.39 3.35
N VAL E 85 -43.45 21.18 4.67
CA VAL E 85 -44.18 22.00 5.63
C VAL E 85 -43.82 23.47 5.41
N GLU E 86 -42.53 23.78 5.30
CA GLU E 86 -42.07 25.15 5.14
C GLU E 86 -42.49 25.79 3.81
N LYS E 87 -42.43 25.00 2.74
CA LYS E 87 -42.81 25.44 1.40
C LYS E 87 -44.30 25.74 1.34
N THR E 88 -45.10 24.84 1.92
CA THR E 88 -46.54 25.01 2.01
C THR E 88 -46.95 26.24 2.80
N LEU E 89 -46.23 26.50 3.90
CA LEU E 89 -46.57 27.59 4.80
C LEU E 89 -46.15 28.94 4.22
N LEU E 90 -45.03 28.96 3.54
CA LEU E 90 -44.58 30.14 2.78
C LEU E 90 -45.57 30.49 1.67
N GLU E 91 -46.09 29.47 0.99
CA GLU E 91 -47.09 29.66 -0.04
C GLU E 91 -48.40 30.17 0.54
N ALA E 92 -48.81 29.59 1.68
CA ALA E 92 -50.00 30.05 2.40
C ALA E 92 -49.85 31.52 2.81
N VAL E 93 -48.74 31.84 3.49
CA VAL E 93 -48.40 33.21 3.93
C VAL E 93 -48.42 34.26 2.82
N ALA E 94 -47.98 33.90 1.61
CA ALA E 94 -47.94 34.86 0.50
C ALA E 94 -49.33 35.10 -0.08
N LYS E 95 -50.21 34.13 0.11
CA LYS E 95 -51.52 34.14 -0.53
C LYS E 95 -52.64 34.67 0.37
N LEU E 96 -52.59 34.35 1.66
CA LEU E 96 -53.67 34.67 2.60
C LEU E 96 -53.50 36.08 3.24
N PRO E 97 -54.60 36.63 3.81
CA PRO E 97 -54.50 37.87 4.56
C PRO E 97 -53.63 37.66 5.81
N THR E 98 -52.80 38.64 6.14
CA THR E 98 -51.94 38.57 7.31
C THR E 98 -52.69 38.08 8.56
N GLN E 99 -53.94 38.51 8.72
CA GLN E 99 -54.72 38.13 9.89
C GLN E 99 -55.00 36.62 10.06
N LYS E 100 -54.81 35.83 9.00
CA LYS E 100 -55.09 34.40 9.03
C LYS E 100 -53.82 33.53 9.16
N THR E 101 -52.65 34.17 9.15
CA THR E 101 -51.37 33.45 9.09
C THR E 101 -50.40 33.70 10.26
N GLU E 102 -50.95 34.06 11.42
CA GLU E 102 -50.15 34.39 12.58
C GLU E 102 -49.37 33.15 13.11
N VAL E 103 -50.05 32.01 13.16
CA VAL E 103 -49.40 30.76 13.58
C VAL E 103 -48.38 30.31 12.49
N PHE E 104 -48.82 30.27 11.22
CA PHE E 104 -47.96 29.86 10.08
C PHE E 104 -46.66 30.60 10.09
N ARG E 105 -46.72 31.91 10.33
CA ARG E 105 -45.52 32.75 10.38
C ARG E 105 -44.64 32.48 11.62
N GLY E 106 -45.27 32.01 12.71
CA GLY E 106 -44.54 31.59 13.91
C GLY E 106 -43.86 30.24 13.73
N VAL E 107 -44.55 29.30 13.09
CA VAL E 107 -43.93 28.04 12.64
C VAL E 107 -42.70 28.36 11.78
N LEU E 108 -42.84 29.30 10.84
CA LEU E 108 -41.78 29.62 9.87
C LEU E 108 -40.59 30.29 10.53
N GLU E 109 -40.86 31.01 11.62
CA GLU E 109 -39.82 31.71 12.37
C GLU E 109 -38.93 30.71 13.10
N GLN E 110 -39.55 29.68 13.66
CA GLN E 110 -38.83 28.62 14.32
C GLN E 110 -38.01 27.80 13.31
N LEU E 111 -38.54 27.66 12.10
CA LEU E 111 -37.84 26.96 11.02
C LEU E 111 -36.68 27.73 10.35
N ARG E 112 -36.61 29.04 10.56
CA ARG E 112 -35.60 29.91 9.93
C ARG E 112 -34.14 29.52 10.14
N TRP E 113 -33.69 29.49 11.38
CA TRP E 113 -32.31 29.07 11.64
C TRP E 113 -32.32 27.71 12.34
N PHE E 114 -33.25 26.87 11.91
CA PHE E 114 -33.28 25.46 12.23
C PHE E 114 -32.10 24.88 11.45
N ALA E 115 -31.94 23.56 11.47
CA ALA E 115 -31.01 22.81 10.58
C ALA E 115 -30.85 23.28 9.09
N GLY E 116 -29.92 22.67 8.36
CA GLY E 116 -29.75 22.98 6.93
C GLY E 116 -30.74 22.25 6.03
N LYS E 117 -30.67 22.52 4.73
CA LYS E 117 -31.59 21.86 3.77
C LYS E 117 -31.53 20.35 3.84
N GLN E 118 -30.33 19.79 4.09
CA GLN E 118 -30.14 18.32 4.09
C GLN E 118 -30.96 17.63 5.16
N VAL E 119 -31.13 18.29 6.29
CA VAL E 119 -31.84 17.74 7.43
C VAL E 119 -33.33 18.00 7.22
N LYS E 120 -33.68 19.25 6.86
CA LYS E 120 -35.06 19.63 6.65
C LYS E 120 -35.76 18.86 5.52
N SER E 121 -34.97 18.37 4.56
CA SER E 121 -35.47 17.53 3.46
C SER E 121 -35.91 16.13 3.90
N VAL E 122 -35.39 15.65 5.03
CA VAL E 122 -35.74 14.30 5.49
C VAL E 122 -36.35 14.22 6.89
N ALA E 123 -36.11 15.23 7.72
CA ALA E 123 -36.63 15.24 9.07
C ALA E 123 -38.13 15.43 8.97
N SER E 124 -38.92 14.55 9.57
CA SER E 124 -40.35 14.70 9.45
C SER E 124 -40.94 15.57 10.57
N LEU E 125 -42.17 15.99 10.34
CA LEU E 125 -42.95 16.78 11.27
C LEU E 125 -43.37 15.94 12.48
N GLY E 126 -43.92 14.76 12.20
CA GLY E 126 -44.43 13.89 13.25
C GLY E 126 -43.28 13.37 14.08
N GLY E 127 -42.12 13.25 13.43
CA GLY E 127 -40.89 12.85 14.08
C GLY E 127 -40.42 13.85 15.11
N ASN E 128 -40.47 15.14 14.79
CA ASN E 128 -40.07 16.18 15.75
C ASN E 128 -41.01 16.22 16.96
N ILE E 129 -42.31 16.11 16.70
CA ILE E 129 -43.32 16.10 17.75
C ILE E 129 -43.20 14.89 18.70
N ILE E 130 -43.12 13.68 18.16
CA ILE E 130 -43.08 12.50 19.03
C ILE E 130 -41.70 12.29 19.68
N THR E 131 -40.64 12.84 19.08
CA THR E 131 -39.33 12.86 19.73
C THR E 131 -39.56 13.42 21.14
N ALA E 132 -40.25 14.57 21.23
CA ALA E 132 -40.60 15.20 22.49
C ALA E 132 -39.36 15.67 23.26
N SER E 133 -38.45 16.32 22.56
CA SER E 133 -37.24 16.87 23.16
C SER E 133 -37.68 18.08 23.95
N PRO E 134 -37.14 18.27 25.18
CA PRO E 134 -37.42 19.45 25.98
C PRO E 134 -37.12 20.75 25.24
N ILE E 135 -36.14 20.74 24.33
CA ILE E 135 -35.79 21.92 23.53
C ILE E 135 -36.31 21.94 22.06
N SER E 136 -37.26 21.07 21.69
CA SER E 136 -37.93 21.17 20.38
C SER E 136 -38.38 22.60 20.15
N ASP E 137 -38.03 23.16 18.98
CA ASP E 137 -38.46 24.51 18.59
C ASP E 137 -39.91 24.54 18.08
N LEU E 138 -40.47 23.35 17.84
CA LEU E 138 -41.79 23.25 17.20
C LEU E 138 -42.94 22.96 18.18
N ASN E 139 -42.66 22.17 19.20
CA ASN E 139 -43.72 21.77 20.14
C ASN E 139 -44.28 22.92 20.97
N PRO E 140 -43.44 23.92 21.36
CA PRO E 140 -44.00 25.14 21.97
C PRO E 140 -45.03 25.85 21.09
N VAL E 141 -44.69 26.04 19.81
CA VAL E 141 -45.59 26.68 18.85
C VAL E 141 -46.88 25.89 18.67
N PHE E 142 -46.75 24.58 18.50
CA PHE E 142 -47.92 23.70 18.39
C PHE E 142 -48.81 23.70 19.64
N MET E 143 -48.17 23.67 20.81
CA MET E 143 -48.88 23.75 22.08
C MET E 143 -49.59 25.09 22.21
N ALA E 144 -48.90 26.20 21.87
CA ALA E 144 -49.47 27.55 22.03
C ALA E 144 -50.65 27.75 21.14
N SER E 145 -50.59 27.20 19.93
CA SER E 145 -51.68 27.36 18.98
C SER E 145 -52.81 26.36 19.12
N GLY E 146 -52.59 25.30 19.90
CA GLY E 146 -53.57 24.23 20.01
C GLY E 146 -53.74 23.51 18.67
N THR E 147 -52.60 23.16 18.08
CA THR E 147 -52.50 22.41 16.86
C THR E 147 -53.10 21.04 17.08
N LYS E 148 -53.91 20.60 16.12
CA LYS E 148 -54.68 19.38 16.27
C LYS E 148 -53.97 18.15 15.70
N LEU E 149 -53.93 17.10 16.50
CA LEU E 149 -53.22 15.87 16.19
C LEU E 149 -54.18 14.71 16.02
N THR E 150 -54.12 14.10 14.84
CA THR E 150 -54.84 12.86 14.57
C THR E 150 -53.95 11.66 14.88
N ILE E 151 -54.49 10.77 15.71
CA ILE E 151 -53.76 9.67 16.29
C ILE E 151 -54.57 8.40 16.09
N VAL E 152 -53.94 7.43 15.43
CA VAL E 152 -54.62 6.24 14.94
C VAL E 152 -53.90 4.97 15.43
N SER E 153 -54.69 3.94 15.76
CA SER E 153 -54.21 2.56 15.81
C SER E 153 -55.21 1.64 15.09
N ARG E 154 -55.04 0.32 15.20
CA ARG E 154 -56.01 -0.59 14.58
C ARG E 154 -57.40 -0.41 15.25
N GLY E 155 -58.41 -0.09 14.46
CA GLY E 155 -59.70 0.28 15.03
C GLY E 155 -59.82 1.73 15.49
N THR E 156 -59.01 2.12 16.49
CA THR E 156 -59.11 3.46 17.10
C THR E 156 -58.65 4.64 16.21
N ARG E 157 -59.44 5.70 16.23
CA ARG E 157 -59.08 7.00 15.65
C ARG E 157 -59.54 8.12 16.58
N ARG E 158 -58.69 9.12 16.80
CA ARG E 158 -59.01 10.23 17.70
C ARG E 158 -58.19 11.48 17.33
N THR E 159 -58.83 12.64 17.42
CA THR E 159 -58.17 13.93 17.20
C THR E 159 -58.13 14.70 18.51
N VAL E 160 -56.95 15.21 18.87
CA VAL E 160 -56.80 16.03 20.08
C VAL E 160 -56.00 17.29 19.79
N PRO E 161 -56.40 18.44 20.37
CA PRO E 161 -55.54 19.63 20.33
C PRO E 161 -54.35 19.38 21.25
N MET E 162 -53.18 19.82 20.82
CA MET E 162 -52.01 19.70 21.66
C MET E 162 -52.11 20.66 22.82
N ASP E 163 -51.89 20.15 24.02
CA ASP E 163 -51.91 20.97 25.23
C ASP E 163 -50.86 20.46 26.19
N HIS E 164 -50.82 21.05 27.39
CA HIS E 164 -49.81 20.68 28.37
C HIS E 164 -49.78 19.17 28.66
N THR E 165 -50.96 18.54 28.67
CA THR E 165 -51.10 17.11 29.03
C THR E 165 -50.46 16.14 28.03
N PHE E 166 -50.11 16.64 26.85
CA PHE E 166 -49.57 15.79 25.78
C PHE E 166 -48.15 15.27 26.06
N PHE E 167 -47.37 16.04 26.82
CA PHE E 167 -45.99 15.68 27.19
C PHE E 167 -45.91 15.44 28.70
N PRO E 168 -46.32 14.24 29.18
CA PRO E 168 -46.44 14.00 30.64
C PRO E 168 -45.12 13.94 31.43
N SER E 169 -44.07 13.39 30.80
CA SER E 169 -42.74 13.29 31.41
C SER E 169 -41.67 13.35 30.32
N TYR E 170 -40.41 13.26 30.73
CA TYR E 170 -39.27 13.33 29.82
C TYR E 170 -39.38 12.40 28.61
N ARG E 171 -39.32 13.00 27.42
CA ARG E 171 -39.25 12.29 26.13
C ARG E 171 -40.50 11.44 25.84
N LYS E 172 -41.58 11.72 26.56
CA LYS E 172 -42.79 10.92 26.50
C LYS E 172 -43.97 11.74 26.02
N THR E 173 -44.87 11.11 25.28
CA THR E 173 -46.10 11.74 24.77
C THR E 173 -47.32 10.91 25.15
N LEU E 174 -48.49 11.45 24.85
CA LEU E 174 -49.74 10.77 25.19
C LEU E 174 -50.24 9.85 24.06
N LEU E 175 -49.35 9.04 23.50
CA LEU E 175 -49.76 7.98 22.57
C LEU E 175 -49.71 6.64 23.30
N GLY E 176 -50.66 5.75 22.98
CA GLY E 176 -50.64 4.39 23.52
C GLY E 176 -49.51 3.56 22.93
N PRO E 177 -49.36 2.30 23.38
CA PRO E 177 -48.28 1.44 22.86
C PRO E 177 -48.48 1.13 21.37
N GLU E 178 -49.72 1.15 20.93
CA GLU E 178 -50.07 0.68 19.60
C GLU E 178 -50.42 1.80 18.63
N GLU E 179 -50.21 3.04 19.06
CA GLU E 179 -50.69 4.20 18.32
C GLU E 179 -49.59 4.81 17.48
N ILE E 180 -49.99 5.42 16.36
CA ILE E 180 -49.09 6.25 15.58
C ILE E 180 -49.71 7.62 15.35
N LEU E 181 -48.88 8.65 15.30
CA LEU E 181 -49.35 9.96 14.85
C LEU E 181 -49.61 10.01 13.34
N LEU E 182 -50.85 10.25 12.94
CA LEU E 182 -51.23 10.25 11.52
C LEU E 182 -51.08 11.63 10.89
N SER E 183 -51.79 12.63 11.38
CA SER E 183 -51.61 13.98 10.86
C SER E 183 -51.71 15.06 11.93
N ILE E 184 -51.43 16.30 11.50
CA ILE E 184 -51.20 17.48 12.31
C ILE E 184 -51.82 18.66 11.56
N GLU E 185 -52.78 19.35 12.19
CA GLU E 185 -53.45 20.50 11.56
C GLU E 185 -53.01 21.79 12.22
N ILE E 186 -52.26 22.58 11.46
CA ILE E 186 -51.76 23.85 11.95
C ILE E 186 -52.82 24.91 11.66
N PRO E 187 -53.34 25.54 12.73
CA PRO E 187 -54.60 26.28 12.56
C PRO E 187 -54.43 27.64 11.91
N TYR E 188 -55.46 28.06 11.18
CA TYR E 188 -55.60 29.46 10.76
C TYR E 188 -55.78 30.37 11.96
N SER E 189 -55.25 31.58 11.81
CA SER E 189 -55.44 32.64 12.77
C SER E 189 -56.85 33.23 12.63
N ARG E 190 -57.48 33.53 13.77
CA ARG E 190 -58.81 34.19 13.80
C ARG E 190 -58.64 35.71 13.89
N GLU E 191 -59.72 36.45 13.65
CA GLU E 191 -59.78 37.88 13.99
C GLU E 191 -59.46 38.11 15.48
N ASP E 192 -58.72 39.18 15.77
CA ASP E 192 -58.28 39.51 17.16
C ASP E 192 -57.34 38.45 17.79
N GLU E 193 -56.86 37.54 16.97
CA GLU E 193 -55.90 36.52 17.41
C GLU E 193 -54.49 36.85 16.92
N PHE E 194 -53.53 36.87 17.86
CA PHE E 194 -52.12 37.23 17.56
C PHE E 194 -51.14 36.20 18.10
N PHE E 195 -50.00 36.04 17.42
CA PHE E 195 -49.08 34.96 17.70
C PHE E 195 -47.61 35.36 17.50
N SER E 196 -46.76 34.87 18.38
CA SER E 196 -45.30 35.02 18.23
C SER E 196 -44.58 33.75 18.64
N ALA E 197 -43.37 33.57 18.09
CA ALA E 197 -42.50 32.48 18.42
C ALA E 197 -41.08 32.98 18.48
N PHE E 198 -40.37 32.58 19.53
CA PHE E 198 -38.98 33.04 19.74
C PHE E 198 -38.13 31.87 20.16
N LYS E 199 -36.81 32.02 20.00
CA LYS E 199 -35.87 30.99 20.44
C LYS E 199 -34.46 31.50 20.75
N GLN E 200 -33.84 30.84 21.73
CA GLN E 200 -32.42 31.01 22.03
C GLN E 200 -31.62 30.57 20.82
N ALA E 201 -30.66 31.38 20.40
CA ALA E 201 -29.93 31.12 19.15
C ALA E 201 -28.67 30.35 19.48
N SER E 202 -28.82 29.10 19.94
CA SER E 202 -27.69 28.36 20.53
C SER E 202 -28.09 27.39 21.65
N ARG E 203 -27.95 26.10 21.43
CA ARG E 203 -27.96 25.18 22.56
C ARG E 203 -26.53 24.81 23.02
N ARG E 204 -26.43 24.30 24.24
CA ARG E 204 -25.15 24.01 24.87
C ARG E 204 -25.12 22.53 25.37
N GLU E 205 -26.30 21.98 25.69
CA GLU E 205 -26.46 20.55 25.98
C GLU E 205 -27.33 20.00 24.86
N ASP E 206 -27.33 18.68 24.68
CA ASP E 206 -28.01 18.06 23.53
C ASP E 206 -29.52 18.27 23.52
N ASP E 207 -30.18 18.16 24.67
CA ASP E 207 -31.64 18.26 24.69
C ASP E 207 -32.28 18.96 25.90
N ILE E 208 -31.53 19.82 26.58
CA ILE E 208 -32.08 20.64 27.66
C ILE E 208 -31.58 22.07 27.56
N ALA E 209 -32.21 22.98 28.32
CA ALA E 209 -31.66 24.31 28.64
C ALA E 209 -31.48 25.28 27.46
N LYS E 210 -32.22 25.08 26.39
CA LYS E 210 -32.32 26.04 25.31
C LYS E 210 -33.72 26.62 25.25
N VAL E 211 -33.86 27.90 25.60
CA VAL E 211 -35.17 28.50 25.69
C VAL E 211 -35.80 28.74 24.32
N THR E 212 -37.02 28.22 24.18
CA THR E 212 -37.80 28.36 22.96
C THR E 212 -39.27 28.46 23.34
N CYS E 213 -40.00 29.33 22.66
CA CYS E 213 -41.39 29.64 23.05
C CYS E 213 -42.38 29.88 21.90
N GLY E 214 -43.66 29.68 22.20
CA GLY E 214 -44.78 30.00 21.30
C GLY E 214 -45.80 30.76 22.13
N MET E 215 -46.21 31.91 21.64
CA MET E 215 -47.10 32.80 22.41
C MET E 215 -48.37 33.22 21.63
N ARG E 216 -49.54 32.98 22.23
CA ARG E 216 -50.82 33.31 21.61
C ARG E 216 -51.70 34.16 22.54
N VAL E 217 -52.26 35.24 21.99
CA VAL E 217 -53.31 35.99 22.68
C VAL E 217 -54.52 36.06 21.75
N LEU E 218 -55.72 35.86 22.30
CA LEU E 218 -57.00 36.09 21.61
C LEU E 218 -57.79 37.13 22.40
N PHE E 219 -58.09 38.28 21.78
CA PHE E 219 -58.81 39.34 22.44
C PHE E 219 -60.35 39.25 22.22
N GLN E 220 -61.15 39.89 23.09
CA GLN E 220 -62.61 40.00 22.84
C GLN E 220 -62.81 40.87 21.60
N PRO E 221 -63.84 40.56 20.75
CA PRO E 221 -63.99 41.26 19.45
C PRO E 221 -63.71 42.76 19.50
N GLY E 222 -62.77 43.22 18.68
CA GLY E 222 -62.43 44.64 18.54
C GLY E 222 -61.77 45.33 19.72
N SER E 223 -61.39 44.57 20.74
CA SER E 223 -60.86 45.15 21.98
C SER E 223 -59.38 44.81 22.22
N MET E 224 -58.92 45.15 23.43
CA MET E 224 -57.61 44.76 23.94
C MET E 224 -57.80 43.99 25.25
N GLN E 225 -58.98 43.41 25.43
CA GLN E 225 -59.29 42.63 26.62
C GLN E 225 -59.03 41.15 26.35
N VAL E 226 -58.10 40.57 27.10
CA VAL E 226 -57.66 39.19 26.91
C VAL E 226 -58.83 38.21 27.03
N LYS E 227 -59.02 37.39 26.01
CA LYS E 227 -59.99 36.30 26.07
C LYS E 227 -59.29 34.97 26.34
N GLU E 228 -58.19 34.74 25.64
CA GLU E 228 -57.36 33.54 25.79
C GLU E 228 -55.91 33.98 25.73
N LEU E 229 -55.04 33.32 26.49
CA LEU E 229 -53.61 33.62 26.50
C LEU E 229 -52.82 32.35 26.75
N ALA E 230 -51.92 32.02 25.82
CA ALA E 230 -51.14 30.80 25.96
C ALA E 230 -49.67 31.12 25.80
N LEU E 231 -48.92 30.81 26.86
CA LEU E 231 -47.48 31.00 26.86
C LEU E 231 -46.81 29.62 27.09
N CYS E 232 -46.16 29.11 26.03
CA CYS E 232 -45.58 27.78 26.03
C CYS E 232 -44.06 27.86 25.82
N TYR E 233 -43.32 27.15 26.68
CA TYR E 233 -41.87 27.22 26.70
C TYR E 233 -41.21 25.86 26.63
N GLY E 234 -40.19 25.75 25.77
CA GLY E 234 -39.20 24.69 25.86
C GLY E 234 -37.94 25.22 26.53
N GLY E 235 -37.06 24.32 26.97
CA GLY E 235 -35.78 24.69 27.58
C GLY E 235 -35.79 25.07 29.05
N MET E 236 -36.95 24.88 29.69
CA MET E 236 -37.21 25.37 31.05
C MET E 236 -37.52 24.26 32.04
N ALA E 237 -37.66 23.05 31.50
CA ALA E 237 -38.00 21.88 32.28
C ALA E 237 -37.53 20.68 31.44
N ASP E 238 -37.81 19.45 31.89
CA ASP E 238 -37.47 18.26 31.10
C ASP E 238 -38.54 17.98 30.03
N ARG E 239 -39.30 19.02 29.70
CA ARG E 239 -40.43 18.88 28.74
C ARG E 239 -40.97 20.24 28.34
N THR E 240 -41.70 20.28 27.24
CA THR E 240 -42.43 21.49 26.86
C THR E 240 -43.51 21.70 27.91
N ILE E 241 -43.58 22.94 28.42
CA ILE E 241 -44.51 23.31 29.47
C ILE E 241 -45.24 24.58 29.09
N SER E 242 -46.44 24.72 29.67
CA SER E 242 -47.27 25.91 29.52
C SER E 242 -47.36 26.68 30.83
N ALA E 243 -47.18 28.01 30.77
CA ALA E 243 -47.35 28.85 31.96
C ALA E 243 -48.83 29.14 32.27
N LEU E 244 -49.55 28.10 32.70
CA LEU E 244 -51.01 28.15 32.82
C LEU E 244 -51.48 29.01 33.97
N LYS E 245 -50.83 28.86 35.14
CA LYS E 245 -51.08 29.66 36.35
C LYS E 245 -50.95 31.19 36.07
N THR E 246 -49.84 31.58 35.43
CA THR E 246 -49.65 32.96 35.00
C THR E 246 -50.73 33.49 34.02
N THR E 247 -51.06 32.72 32.98
CA THR E 247 -51.94 33.24 31.93
C THR E 247 -53.41 33.22 32.32
N GLN E 248 -53.78 32.28 33.19
CA GLN E 248 -55.15 32.17 33.72
C GLN E 248 -55.55 33.43 34.51
N LYS E 249 -54.56 34.04 35.17
CA LYS E 249 -54.73 35.26 35.93
C LYS E 249 -55.00 36.48 35.05
N GLN E 250 -54.62 36.39 33.78
CA GLN E 250 -54.77 37.52 32.87
C GLN E 250 -56.05 37.50 32.07
N LEU E 251 -56.88 36.47 32.26
CA LEU E 251 -58.15 36.38 31.54
C LEU E 251 -59.11 37.53 31.85
N SER E 252 -59.59 38.18 30.79
CA SER E 252 -60.39 39.41 30.83
C SER E 252 -59.72 40.63 31.47
N LYS E 253 -58.37 40.64 31.43
CA LYS E 253 -57.59 41.87 31.70
C LYS E 253 -57.30 42.65 30.40
N PHE E 254 -56.74 43.84 30.53
CA PHE E 254 -56.42 44.61 29.33
C PHE E 254 -54.93 44.60 29.04
N TRP E 255 -54.60 44.60 27.74
CA TRP E 255 -53.22 44.67 27.26
C TRP E 255 -52.56 46.01 27.59
N ASN E 256 -52.15 46.16 28.84
CA ASN E 256 -51.45 47.38 29.25
C ASN E 256 -50.15 47.10 30.01
N GLU E 257 -49.51 48.17 30.46
CA GLU E 257 -48.32 48.08 31.31
C GLU E 257 -48.52 47.24 32.59
N LYS E 258 -49.74 47.26 33.13
CA LYS E 258 -50.08 46.48 34.32
C LYS E 258 -50.05 44.99 34.02
N LEU E 259 -50.56 44.60 32.85
CA LEU E 259 -50.50 43.21 32.38
C LEU E 259 -49.04 42.79 32.15
N LEU E 260 -48.26 43.62 31.47
CA LEU E 260 -46.83 43.37 31.32
C LEU E 260 -46.21 42.92 32.65
N GLN E 261 -46.37 43.74 33.69
CA GLN E 261 -45.70 43.49 34.97
C GLN E 261 -46.22 42.24 35.68
N ASP E 262 -47.53 42.03 35.62
CA ASP E 262 -48.17 40.85 36.21
C ASP E 262 -47.69 39.55 35.56
N VAL E 263 -47.48 39.57 34.25
CA VAL E 263 -47.08 38.36 33.53
C VAL E 263 -45.63 38.03 33.84
N CYS E 264 -44.78 39.05 33.81
CA CYS E 264 -43.36 38.90 34.16
C CYS E 264 -43.16 38.35 35.56
N ALA E 265 -43.97 38.79 36.52
CA ALA E 265 -43.90 38.30 37.90
C ALA E 265 -44.40 36.85 38.00
N GLY E 266 -45.50 36.56 37.30
CA GLY E 266 -46.01 35.20 37.19
C GLY E 266 -44.97 34.27 36.58
N LEU E 267 -44.41 34.66 35.44
CA LEU E 267 -43.35 33.89 34.76
C LEU E 267 -42.13 33.61 35.63
N ALA E 268 -41.59 34.67 36.23
CA ALA E 268 -40.40 34.55 37.09
C ALA E 268 -40.63 33.57 38.24
N GLU E 269 -41.88 33.43 38.66
CA GLU E 269 -42.20 32.55 39.77
C GLU E 269 -42.56 31.15 39.30
N GLU E 270 -43.53 31.05 38.39
CA GLU E 270 -44.02 29.78 37.86
C GLU E 270 -42.93 28.97 37.14
N LEU E 271 -42.07 29.66 36.40
CA LEU E 271 -41.00 28.99 35.65
C LEU E 271 -39.63 29.07 36.34
N SER E 272 -39.61 29.36 37.64
CA SER E 272 -38.31 29.54 38.31
C SER E 272 -37.48 28.26 38.31
N LEU E 273 -36.18 28.44 38.13
CA LEU E 273 -35.25 27.34 38.15
C LEU E 273 -34.49 27.32 39.46
N SER E 274 -34.20 26.11 39.94
CA SER E 274 -33.29 25.92 41.08
C SER E 274 -31.87 26.20 40.62
N PRO E 275 -30.99 26.67 41.53
CA PRO E 275 -29.65 27.17 41.16
C PRO E 275 -28.85 26.12 40.41
N ASP E 276 -29.17 24.86 40.64
CA ASP E 276 -28.49 23.74 40.03
C ASP E 276 -29.41 22.95 39.11
N ALA E 277 -30.38 23.63 38.49
CA ALA E 277 -31.22 22.98 37.49
C ALA E 277 -30.32 22.46 36.37
N PRO E 278 -30.66 21.28 35.80
CA PRO E 278 -29.87 20.73 34.72
C PRO E 278 -29.68 21.73 33.58
N GLY E 279 -28.44 21.92 33.16
CA GLY E 279 -28.19 22.76 32.00
C GLY E 279 -27.71 24.15 32.31
N GLY E 280 -27.77 24.56 33.58
CA GLY E 280 -27.28 25.85 34.02
C GLY E 280 -27.94 27.03 33.32
N MET E 281 -27.15 28.10 33.12
CA MET E 281 -27.58 29.33 32.45
C MET E 281 -28.84 29.91 33.08
N ILE E 282 -28.91 29.77 34.40
CA ILE E 282 -30.10 30.03 35.19
C ILE E 282 -30.60 31.45 35.06
N GLU E 283 -29.72 32.44 35.25
CA GLU E 283 -30.09 33.85 35.11
C GLU E 283 -30.56 34.17 33.68
N PHE E 284 -29.77 33.75 32.69
CA PHE E 284 -30.02 33.98 31.26
C PHE E 284 -31.40 33.44 30.81
N ARG E 285 -31.70 32.21 31.22
CA ARG E 285 -32.92 31.53 30.81
C ARG E 285 -34.17 32.20 31.36
N ARG E 286 -34.08 32.57 32.65
CA ARG E 286 -35.04 33.48 33.31
C ARG E 286 -35.26 34.77 32.53
N THR E 287 -34.15 35.46 32.23
CA THR E 287 -34.18 36.72 31.52
C THR E 287 -34.84 36.57 30.15
N LEU E 288 -34.65 35.42 29.53
CA LEU E 288 -35.20 35.17 28.18
C LEU E 288 -36.68 34.89 28.22
N THR E 289 -37.17 34.19 29.26
CA THR E 289 -38.63 33.96 29.39
C THR E 289 -39.40 35.28 29.49
N LEU E 290 -38.85 36.22 30.25
CA LEU E 290 -39.39 37.58 30.36
C LEU E 290 -39.16 38.49 29.13
N SER E 291 -37.97 38.39 28.53
CA SER E 291 -37.63 39.26 27.41
C SER E 291 -38.43 38.86 26.17
N PHE E 292 -38.67 37.56 26.05
CA PHE E 292 -39.46 37.01 24.96
C PHE E 292 -40.91 37.46 25.13
N PHE E 293 -41.42 37.43 26.36
CA PHE E 293 -42.79 37.91 26.57
C PHE E 293 -42.88 39.38 26.28
N PHE E 294 -41.88 40.15 26.72
CA PHE E 294 -41.86 41.59 26.39
C PHE E 294 -41.91 41.82 24.88
N LYS E 295 -41.18 41.01 24.13
CA LYS E 295 -41.14 41.14 22.68
C LYS E 295 -42.52 40.87 22.10
N PHE E 296 -43.18 39.83 22.60
CA PHE E 296 -44.58 39.51 22.24
C PHE E 296 -45.49 40.66 22.62
N TYR E 297 -45.35 41.13 23.86
CA TYR E 297 -46.14 42.25 24.41
C TYR E 297 -46.11 43.49 23.48
N LEU E 298 -44.92 43.89 23.06
CA LEU E 298 -44.76 45.05 22.15
C LEU E 298 -45.28 44.82 20.74
N THR E 299 -45.01 43.64 20.20
CA THR E 299 -45.47 43.23 18.87
C THR E 299 -47.00 43.20 18.79
N VAL E 300 -47.62 42.71 19.86
CA VAL E 300 -49.08 42.68 19.96
C VAL E 300 -49.64 44.10 19.89
N LEU E 301 -49.09 45.00 20.72
CA LEU E 301 -49.44 46.42 20.66
C LEU E 301 -49.33 47.02 19.25
N LYS E 302 -48.26 46.71 18.52
CA LYS E 302 -48.10 47.22 17.14
C LYS E 302 -49.14 46.66 16.15
N LYS E 303 -49.54 45.39 16.36
CA LYS E 303 -50.61 44.75 15.61
C LYS E 303 -51.99 45.29 16.00
N LEU E 304 -52.06 45.98 17.13
CA LEU E 304 -53.25 46.70 17.57
C LEU E 304 -53.09 48.23 17.36
N GLY E 305 -52.50 48.88 18.37
CA GLY E 305 -52.34 50.34 18.43
C GLY E 305 -51.30 50.86 17.45
N ASP F 1 6.81 32.32 -14.38
CA ASP F 1 7.10 32.80 -12.99
C ASP F 1 5.82 33.33 -12.34
N THR F 2 5.33 32.57 -11.35
CA THR F 2 4.01 32.80 -10.77
C THR F 2 4.07 33.41 -9.38
N VAL F 3 5.25 33.52 -8.80
CA VAL F 3 5.44 34.12 -7.49
C VAL F 3 4.84 35.53 -7.47
N GLY F 4 3.97 35.81 -6.50
CA GLY F 4 3.21 37.04 -6.48
C GLY F 4 1.89 36.95 -7.22
N ARG F 5 1.60 35.80 -7.82
CA ARG F 5 0.35 35.61 -8.58
C ARG F 5 -0.67 34.72 -7.83
N PRO F 6 -1.97 35.06 -7.98
CA PRO F 6 -3.10 34.38 -7.34
C PRO F 6 -3.44 32.99 -7.87
N LEU F 7 -2.45 32.13 -7.95
CA LEU F 7 -2.59 30.74 -8.40
C LEU F 7 -3.41 29.90 -7.42
N PRO F 8 -4.49 29.26 -7.91
CA PRO F 8 -5.29 28.45 -7.03
C PRO F 8 -4.50 27.25 -6.51
N HIS F 9 -4.85 26.85 -5.29
CA HIS F 9 -4.34 25.63 -4.64
C HIS F 9 -4.27 24.53 -5.69
N LEU F 10 -3.13 23.84 -5.75
CA LEU F 10 -2.92 22.81 -6.78
C LEU F 10 -3.91 21.65 -6.74
N ALA F 11 -4.33 21.29 -5.54
CA ALA F 11 -5.24 20.18 -5.41
C ALA F 11 -6.71 20.61 -5.44
N ALA F 12 -6.99 21.91 -5.62
CA ALA F 12 -8.34 22.44 -5.38
C ALA F 12 -9.42 21.86 -6.28
N ALA F 13 -9.06 21.55 -7.54
CA ALA F 13 -9.96 20.92 -8.50
C ALA F 13 -10.26 19.45 -8.18
N MET F 14 -9.28 18.74 -7.65
CA MET F 14 -9.49 17.36 -7.27
C MET F 14 -10.20 17.28 -5.94
N GLN F 15 -10.05 18.30 -5.10
CA GLN F 15 -10.83 18.39 -3.85
C GLN F 15 -12.33 18.61 -4.14
N ALA F 16 -12.59 19.37 -5.20
CA ALA F 16 -13.95 19.68 -5.63
C ALA F 16 -14.67 18.55 -6.31
N SER F 17 -13.92 17.57 -6.79
CA SER F 17 -14.47 16.38 -7.49
C SER F 17 -14.42 15.12 -6.63
N GLY F 18 -13.90 15.27 -5.41
CA GLY F 18 -13.78 14.20 -4.45
C GLY F 18 -12.73 13.20 -4.88
N GLU F 19 -11.79 13.65 -5.68
CA GLU F 19 -10.75 12.76 -6.20
C GLU F 19 -9.53 12.80 -5.33
N ALA F 20 -9.37 13.87 -4.57
CA ALA F 20 -8.22 14.04 -3.68
C ALA F 20 -8.34 13.06 -2.53
N VAL F 21 -7.23 12.39 -2.23
CA VAL F 21 -7.25 11.29 -1.26
C VAL F 21 -6.78 11.79 0.12
N TYR F 22 -7.63 11.54 1.12
CA TYR F 22 -7.34 11.74 2.55
C TYR F 22 -7.17 10.34 3.11
N CYS F 23 -6.69 10.27 4.34
CA CYS F 23 -6.24 9.02 4.92
C CYS F 23 -7.29 7.90 4.87
N ASP F 24 -8.51 8.15 5.33
CA ASP F 24 -9.51 7.08 5.27
C ASP F 24 -10.04 6.77 3.86
N ASP F 25 -9.62 7.55 2.88
CA ASP F 25 -9.95 7.27 1.51
C ASP F 25 -9.04 6.22 0.86
N ILE F 26 -7.85 5.99 1.42
CA ILE F 26 -6.98 4.96 0.91
C ILE F 26 -7.72 3.63 0.99
N PRO F 27 -7.62 2.78 -0.06
CA PRO F 27 -8.32 1.47 -0.03
C PRO F 27 -7.85 0.53 1.09
N ARG F 28 -8.76 -0.33 1.56
CA ARG F 28 -8.44 -1.28 2.59
C ARG F 28 -7.77 -2.48 1.95
N TYR F 29 -6.73 -2.98 2.59
CA TYR F 29 -6.23 -4.32 2.29
C TYR F 29 -7.31 -5.37 2.59
N GLU F 30 -7.32 -6.47 1.86
CA GLU F 30 -8.28 -7.55 2.14
C GLU F 30 -8.29 -8.03 3.62
N ASN F 31 -7.15 -7.97 4.28
CA ASN F 31 -6.98 -8.46 5.65
C ASN F 31 -6.88 -7.33 6.65
N GLU F 32 -7.28 -6.13 6.22
CA GLU F 32 -7.24 -4.96 7.09
C GLU F 32 -8.34 -4.91 8.17
N LEU F 33 -7.91 -4.65 9.40
CA LEU F 33 -8.75 -4.65 10.60
C LEU F 33 -8.92 -3.21 11.05
N PHE F 34 -9.83 -2.98 11.99
CA PHE F 34 -10.23 -1.66 12.48
C PHE F 34 -10.12 -1.58 13.97
N LEU F 35 -9.60 -0.44 14.41
CA LEU F 35 -9.36 -0.22 15.84
C LEU F 35 -10.34 0.83 16.43
N ARG F 36 -10.73 0.64 17.69
CA ARG F 36 -11.52 1.64 18.44
C ARG F 36 -10.96 1.80 19.84
N LEU F 37 -10.69 3.04 20.24
CA LEU F 37 -10.08 3.28 21.54
C LEU F 37 -11.06 3.00 22.67
N VAL F 38 -10.53 2.45 23.77
CA VAL F 38 -11.32 2.33 25.00
C VAL F 38 -10.87 3.39 25.99
N THR F 39 -11.82 4.22 26.37
CA THR F 39 -11.50 5.49 27.02
C THR F 39 -12.11 5.61 28.44
N SER F 40 -11.43 6.34 29.33
CA SER F 40 -11.90 6.60 30.68
C SER F 40 -13.19 7.42 30.78
N THR F 41 -14.04 7.06 31.72
CA THR F 41 -15.24 7.87 31.94
C THR F 41 -15.13 8.68 33.25
N ARG F 42 -13.98 8.55 33.92
CA ARG F 42 -13.73 9.23 35.21
C ARG F 42 -12.56 10.16 35.05
N ALA F 43 -12.62 11.32 35.72
CA ALA F 43 -11.55 12.31 35.66
C ALA F 43 -10.28 11.87 36.41
N HIS F 44 -10.43 11.15 37.53
CA HIS F 44 -9.30 10.66 38.33
C HIS F 44 -9.75 9.47 39.13
N ALA F 45 -9.17 8.31 38.85
CA ALA F 45 -9.65 7.06 39.42
C ALA F 45 -8.59 6.00 39.24
N LYS F 46 -8.64 5.00 40.11
CA LYS F 46 -7.83 3.80 40.01
C LYS F 46 -8.64 2.81 39.14
N ILE F 47 -8.00 2.16 38.16
CA ILE F 47 -8.67 1.09 37.41
C ILE F 47 -8.71 -0.22 38.23
N LYS F 48 -9.93 -0.71 38.51
CA LYS F 48 -10.11 -1.83 39.44
C LYS F 48 -10.23 -3.14 38.68
N SER F 49 -10.80 -3.06 37.48
CA SER F 49 -10.89 -4.19 36.55
C SER F 49 -11.32 -3.74 35.15
N ILE F 50 -10.91 -4.49 34.13
CA ILE F 50 -11.43 -4.34 32.77
C ILE F 50 -12.06 -5.69 32.38
N ASP F 51 -13.31 -5.66 31.95
CA ASP F 51 -14.01 -6.89 31.60
C ASP F 51 -14.41 -6.88 30.12
N VAL F 52 -13.87 -7.84 29.36
CA VAL F 52 -14.11 -7.93 27.92
C VAL F 52 -14.99 -9.11 27.43
N SER F 53 -15.63 -9.82 28.34
CA SER F 53 -16.46 -11.00 27.97
C SER F 53 -17.56 -10.65 26.98
N GLU F 54 -18.24 -9.51 27.19
CA GLU F 54 -19.35 -9.12 26.32
C GLU F 54 -18.85 -8.63 24.97
N ALA F 55 -17.66 -8.05 24.94
CA ALA F 55 -17.03 -7.59 23.71
C ALA F 55 -16.65 -8.77 22.84
N GLN F 56 -16.05 -9.79 23.45
CA GLN F 56 -15.68 -11.01 22.74
C GLN F 56 -16.85 -11.71 22.04
N LYS F 57 -18.09 -11.35 22.39
CA LYS F 57 -19.27 -11.94 21.75
C LYS F 57 -19.76 -11.15 20.54
N VAL F 58 -19.25 -9.94 20.35
CA VAL F 58 -19.55 -9.16 19.13
C VAL F 58 -18.92 -9.89 17.95
N PRO F 59 -19.69 -10.09 16.86
CA PRO F 59 -19.15 -10.71 15.64
C PRO F 59 -18.01 -9.88 15.08
N GLY F 60 -16.95 -10.54 14.63
CA GLY F 60 -15.80 -9.84 14.05
C GLY F 60 -14.78 -9.35 15.06
N PHE F 61 -15.05 -9.53 16.35
CA PHE F 61 -14.09 -9.21 17.40
C PHE F 61 -12.79 -9.96 17.20
N VAL F 62 -11.68 -9.22 17.21
CA VAL F 62 -10.38 -9.85 17.01
C VAL F 62 -9.67 -9.97 18.36
N CYS F 63 -9.47 -8.84 19.03
CA CYS F 63 -8.79 -8.80 20.35
C CYS F 63 -8.96 -7.45 21.05
N PHE F 64 -8.72 -7.46 22.36
CA PHE F 64 -8.62 -6.26 23.15
C PHE F 64 -7.13 -5.96 23.43
N LEU F 65 -6.74 -4.70 23.31
CA LEU F 65 -5.35 -4.32 23.56
C LEU F 65 -5.21 -3.46 24.78
N SER F 66 -4.12 -3.64 25.52
CA SER F 66 -3.84 -2.90 26.71
C SER F 66 -2.32 -2.82 26.94
N ALA F 67 -1.94 -2.12 27.99
CA ALA F 67 -0.54 -1.86 28.34
C ALA F 67 0.35 -3.10 28.41
N ASP F 68 -0.25 -4.24 28.66
CA ASP F 68 0.51 -5.48 28.77
C ASP F 68 0.84 -6.13 27.42
N ASP F 69 0.22 -5.68 26.32
CA ASP F 69 0.54 -6.15 24.98
C ASP F 69 1.69 -5.38 24.31
N ILE F 70 2.13 -4.29 24.95
CA ILE F 70 3.20 -3.43 24.44
C ILE F 70 4.59 -4.07 24.58
N PRO F 71 5.31 -4.23 23.44
CA PRO F 71 6.62 -4.89 23.41
C PRO F 71 7.78 -4.02 23.87
N GLY F 72 7.64 -2.71 23.75
CA GLY F 72 8.75 -1.81 23.98
C GLY F 72 8.53 -1.04 25.26
N SER F 73 7.86 0.09 25.14
CA SER F 73 7.70 1.00 26.23
C SER F 73 6.27 1.58 26.19
N ASN F 74 5.64 1.59 27.37
CA ASN F 74 4.36 2.26 27.59
C ASN F 74 4.51 3.75 27.92
N GLU F 75 5.74 4.24 28.01
CA GLU F 75 6.05 5.63 28.33
C GLU F 75 6.12 6.50 27.08
N THR F 76 5.27 7.52 27.00
CA THR F 76 5.16 8.30 25.79
C THR F 76 4.92 9.78 26.05
N GLY F 77 4.64 10.52 24.98
CA GLY F 77 4.41 11.96 25.02
C GLY F 77 5.68 12.73 24.87
N LEU F 78 5.56 14.02 24.62
CA LEU F 78 6.68 14.89 24.33
C LEU F 78 7.69 14.96 25.48
N PHE F 79 7.22 14.86 26.71
CA PHE F 79 8.08 14.96 27.86
C PHE F 79 8.09 13.65 28.65
N ASN F 80 7.72 12.56 27.99
CA ASN F 80 7.73 11.23 28.59
C ASN F 80 6.92 11.13 29.86
N ASP F 81 5.83 11.89 29.90
CA ASP F 81 4.95 11.92 31.07
C ASP F 81 3.56 11.34 30.81
N GLU F 82 3.38 10.77 29.62
CA GLU F 82 2.14 10.07 29.25
C GLU F 82 2.32 8.55 29.16
N THR F 83 1.20 7.84 29.14
CA THR F 83 1.18 6.43 28.82
C THR F 83 0.52 6.23 27.47
N VAL F 84 0.77 5.07 26.86
CA VAL F 84 0.11 4.73 25.60
C VAL F 84 -1.25 4.25 25.99
N PHE F 85 -1.24 3.39 26.99
CA PHE F 85 -2.42 2.84 27.61
C PHE F 85 -2.30 2.99 29.11
N ALA F 86 -3.33 3.57 29.73
CA ALA F 86 -3.35 3.69 31.18
C ALA F 86 -3.34 2.31 31.81
N LYS F 87 -2.59 2.13 32.91
CA LYS F 87 -2.47 0.83 33.56
C LYS F 87 -3.15 0.75 34.95
N ASP F 88 -2.76 1.62 35.85
CA ASP F 88 -3.21 1.59 37.24
C ASP F 88 -4.31 2.62 37.50
N THR F 89 -4.12 3.84 37.01
CA THR F 89 -5.06 4.93 37.23
C THR F 89 -5.26 5.67 35.92
N VAL F 90 -6.46 6.23 35.79
CA VAL F 90 -6.80 7.16 34.71
C VAL F 90 -6.82 8.54 35.31
N THR F 91 -6.41 9.53 34.52
CA THR F 91 -6.20 10.92 34.98
C THR F 91 -6.99 12.01 34.23
N CYS F 92 -7.96 11.60 33.39
CA CYS F 92 -8.95 12.48 32.74
C CYS F 92 -10.05 11.66 32.06
N VAL F 93 -11.22 12.24 31.90
CA VAL F 93 -12.27 11.60 31.10
C VAL F 93 -11.80 11.10 29.71
N GLY F 94 -11.14 11.89 28.88
CA GLY F 94 -10.68 11.19 27.61
C GLY F 94 -9.66 10.00 27.63
N HIS F 95 -9.26 9.54 28.82
CA HIS F 95 -7.94 8.87 28.99
C HIS F 95 -7.88 7.46 28.40
N ILE F 96 -6.91 7.21 27.51
CA ILE F 96 -6.91 5.94 26.78
C ILE F 96 -6.48 4.75 27.65
N ILE F 97 -7.38 3.80 27.80
CA ILE F 97 -7.16 2.60 28.56
C ILE F 97 -6.70 1.42 27.69
N GLY F 98 -7.26 1.35 26.51
CA GLY F 98 -7.14 0.15 25.70
C GLY F 98 -7.68 0.41 24.33
N ALA F 99 -7.87 -0.66 23.58
CA ALA F 99 -8.42 -0.59 22.24
C ALA F 99 -8.95 -1.95 21.86
N VAL F 100 -10.07 -1.94 21.16
CA VAL F 100 -10.64 -3.12 20.55
C VAL F 100 -10.24 -3.14 19.07
N VAL F 101 -9.87 -4.35 18.61
CA VAL F 101 -9.60 -4.60 17.20
C VAL F 101 -10.72 -5.52 16.65
N ALA F 102 -11.30 -5.12 15.51
CA ALA F 102 -12.35 -5.89 14.89
C ALA F 102 -12.23 -5.85 13.39
N ASP F 103 -13.15 -6.55 12.71
CA ASP F 103 -13.03 -6.78 11.28
C ASP F 103 -13.72 -5.68 10.46
N THR F 104 -14.60 -4.94 11.11
CA THR F 104 -15.19 -3.74 10.49
C THR F 104 -15.22 -2.62 11.54
N PRO F 105 -15.35 -1.34 11.09
CA PRO F 105 -15.42 -0.26 12.07
C PRO F 105 -16.72 -0.28 12.88
N GLU F 106 -17.80 -0.82 12.31
CA GLU F 106 -19.07 -1.00 13.02
C GLU F 106 -18.95 -2.01 14.18
N HIS F 107 -18.24 -3.11 13.95
CA HIS F 107 -18.05 -4.12 14.98
C HIS F 107 -17.12 -3.65 16.09
N ALA F 108 -16.08 -2.92 15.71
CA ALA F 108 -15.13 -2.33 16.66
C ALA F 108 -15.84 -1.32 17.57
N GLU F 109 -16.72 -0.52 17.00
CA GLU F 109 -17.59 0.38 17.75
C GLU F 109 -18.51 -0.35 18.73
N ARG F 110 -19.23 -1.38 18.30
CA ARG F 110 -20.11 -2.17 19.16
C ARG F 110 -19.36 -2.86 20.31
N ALA F 111 -18.20 -3.44 20.00
CA ALA F 111 -17.40 -4.16 20.97
C ALA F 111 -16.80 -3.21 22.00
N ALA F 112 -16.34 -2.03 21.56
CA ALA F 112 -15.74 -1.02 22.45
C ALA F 112 -16.70 -0.51 23.53
N HIS F 113 -17.96 -0.29 23.13
CA HIS F 113 -19.00 0.25 24.02
C HIS F 113 -19.34 -0.76 25.13
N VAL F 114 -19.14 -2.02 24.83
CA VAL F 114 -19.54 -3.08 25.74
C VAL F 114 -18.36 -3.54 26.64
N VAL F 115 -17.20 -2.92 26.51
CA VAL F 115 -16.09 -3.17 27.44
C VAL F 115 -16.40 -2.44 28.74
N LYS F 116 -16.46 -3.17 29.85
CA LYS F 116 -16.88 -2.62 31.13
C LYS F 116 -15.67 -2.41 32.02
N VAL F 117 -15.47 -1.18 32.45
CA VAL F 117 -14.37 -0.86 33.36
C VAL F 117 -14.91 -0.57 34.76
N THR F 118 -14.16 -0.97 35.78
CA THR F 118 -14.53 -0.70 37.15
C THR F 118 -13.50 0.24 37.77
N TYR F 119 -13.97 1.24 38.50
CA TYR F 119 -13.10 2.29 39.00
C TYR F 119 -13.23 2.47 40.51
N GLU F 120 -12.20 3.01 41.14
CA GLU F 120 -12.33 3.64 42.45
C GLU F 120 -11.87 5.08 42.30
N ASP F 121 -12.79 6.04 42.51
CA ASP F 121 -12.50 7.48 42.34
C ASP F 121 -11.41 8.03 43.26
N LEU F 122 -10.59 8.93 42.72
CA LEU F 122 -9.61 9.73 43.47
C LEU F 122 -9.94 11.24 43.35
N PRO F 123 -9.47 12.08 44.32
CA PRO F 123 -9.60 13.55 44.27
C PRO F 123 -9.14 14.18 42.95
N ALA F 124 -10.07 14.84 42.26
CA ALA F 124 -9.79 15.43 40.96
C ALA F 124 -9.67 16.96 41.01
N ILE F 125 -8.82 17.50 40.14
CA ILE F 125 -8.61 18.94 39.99
C ILE F 125 -8.95 19.25 38.53
N ILE F 126 -9.94 20.12 38.33
CA ILE F 126 -10.55 20.36 37.02
C ILE F 126 -10.37 21.78 36.50
N THR F 127 -10.71 22.78 37.31
CA THR F 127 -10.56 24.20 36.95
C THR F 127 -9.19 24.78 37.31
N ILE F 128 -8.86 25.94 36.73
CA ILE F 128 -7.64 26.70 37.04
C ILE F 128 -7.62 27.12 38.52
N GLU F 129 -8.78 27.57 38.99
CA GLU F 129 -9.00 27.96 40.37
C GLU F 129 -8.73 26.76 41.32
N ASP F 130 -9.21 25.57 40.96
CA ASP F 130 -8.87 24.31 41.70
C ASP F 130 -7.35 24.09 41.77
N ALA F 131 -6.66 24.25 40.63
CA ALA F 131 -5.21 23.99 40.51
C ALA F 131 -4.35 25.01 41.28
N ILE F 132 -4.74 26.28 41.24
CA ILE F 132 -4.05 27.32 42.04
C ILE F 132 -4.17 27.03 43.55
N LYS F 133 -5.37 26.66 43.98
CA LYS F 133 -5.66 26.33 45.38
C LYS F 133 -4.87 25.11 45.87
N ASN F 134 -4.59 24.19 44.96
CA ASN F 134 -3.92 22.95 45.29
C ASN F 134 -2.43 22.95 44.96
N ASN F 135 -1.93 24.09 44.49
CA ASN F 135 -0.57 24.21 43.88
C ASN F 135 -0.18 23.11 42.88
N SER F 136 -1.12 22.76 42.01
CA SER F 136 -1.00 21.71 41.02
C SER F 136 -0.47 22.29 39.69
N PHE F 137 0.85 22.39 39.56
CA PHE F 137 1.47 22.98 38.37
C PHE F 137 2.56 22.10 37.78
N TYR F 138 2.76 22.26 36.46
CA TYR F 138 3.92 21.69 35.80
C TYR F 138 5.06 22.68 35.83
N GLY F 139 6.17 22.24 36.41
CA GLY F 139 7.40 23.03 36.49
C GLY F 139 7.22 24.25 37.35
N SER F 140 7.96 25.30 37.05
CA SER F 140 7.88 26.50 37.86
C SER F 140 7.45 27.70 37.05
N GLU F 141 7.39 28.84 37.71
CA GLU F 141 6.89 30.04 37.07
C GLU F 141 7.77 30.47 35.91
N LEU F 142 7.15 30.87 34.80
CA LEU F 142 7.88 31.56 33.73
C LEU F 142 7.75 33.05 33.94
N LYS F 143 8.72 33.84 33.48
CA LYS F 143 8.71 35.25 33.78
C LYS F 143 9.52 36.07 32.79
N ILE F 144 8.96 37.19 32.35
CA ILE F 144 9.74 38.25 31.67
C ILE F 144 9.51 39.56 32.43
N GLU F 145 10.59 40.25 32.79
CA GLU F 145 10.48 41.50 33.53
C GLU F 145 11.46 42.56 33.02
N LYS F 146 10.97 43.77 32.84
CA LYS F 146 11.76 44.88 32.29
C LYS F 146 11.37 46.18 33.01
N GLY F 147 12.36 46.99 33.36
CA GLY F 147 12.12 48.29 33.99
C GLY F 147 12.05 48.16 35.51
N ASP F 148 11.35 49.11 36.15
CA ASP F 148 11.13 49.15 37.60
C ASP F 148 9.63 49.32 37.91
N LEU F 149 9.02 48.29 38.49
CA LEU F 149 7.57 48.26 38.67
C LEU F 149 7.07 49.05 39.88
N LYS F 150 7.68 48.84 41.05
CA LYS F 150 7.63 49.86 42.09
C LYS F 150 8.34 51.03 41.43
N LYS F 151 7.75 52.21 41.42
CA LYS F 151 8.33 53.34 40.68
C LYS F 151 7.47 53.66 39.47
N GLY F 152 7.25 52.67 38.61
CA GLY F 152 6.26 52.82 37.55
C GLY F 152 4.89 53.06 38.17
N PHE F 153 4.53 52.19 39.11
CA PHE F 153 3.26 52.32 39.85
C PHE F 153 3.19 53.56 40.77
N SER F 154 4.34 53.95 41.33
CA SER F 154 4.49 55.22 42.02
C SER F 154 4.21 56.45 41.16
N GLU F 155 4.59 56.41 39.89
CA GLU F 155 4.46 57.53 38.96
C GLU F 155 3.02 57.66 38.42
N ALA F 156 2.31 56.54 38.41
CA ALA F 156 0.99 56.42 37.75
C ALA F 156 -0.12 57.21 38.42
N ASP F 157 -0.93 57.92 37.62
CA ASP F 157 -2.12 58.62 38.09
C ASP F 157 -3.15 57.59 38.56
N ASN F 158 -3.53 56.71 37.62
CA ASN F 158 -4.53 55.68 37.87
C ASN F 158 -3.95 54.28 37.82
N VAL F 159 -4.56 53.36 38.58
CA VAL F 159 -4.20 51.95 38.58
C VAL F 159 -5.45 51.08 38.50
N VAL F 160 -5.67 50.41 37.37
CA VAL F 160 -6.76 49.42 37.25
C VAL F 160 -6.29 47.96 37.44
N SER F 161 -6.95 47.24 38.32
CA SER F 161 -6.67 45.82 38.49
C SER F 161 -7.91 44.99 38.19
N GLY F 162 -7.70 43.69 37.96
CA GLY F 162 -8.79 42.83 37.51
C GLY F 162 -8.41 41.38 37.27
N GLU F 163 -9.42 40.58 36.89
CA GLU F 163 -9.26 39.20 36.51
C GLU F 163 -10.02 38.96 35.20
N LEU F 164 -9.47 38.09 34.35
CA LEU F 164 -10.03 37.79 33.03
C LEU F 164 -9.92 36.30 32.75
N TYR F 165 -10.90 35.76 32.05
CA TYR F 165 -10.88 34.38 31.60
C TYR F 165 -11.17 34.24 30.12
N ILE F 166 -10.45 33.30 29.49
CA ILE F 166 -10.68 32.98 28.10
C ILE F 166 -10.77 31.46 27.97
N GLY F 167 -11.95 31.00 27.55
CA GLY F 167 -12.17 29.56 27.36
C GLY F 167 -11.32 29.00 26.23
N GLY F 168 -11.23 27.67 26.22
CA GLY F 168 -10.50 26.95 25.19
C GLY F 168 -11.22 26.88 23.86
N GLN F 169 -10.85 25.91 23.04
CA GLN F 169 -11.38 25.81 21.68
C GLN F 169 -11.09 24.42 21.20
N ASP F 170 -12.05 23.82 20.53
CA ASP F 170 -11.82 22.59 19.81
C ASP F 170 -11.35 22.95 18.41
N HIS F 171 -10.36 22.22 17.92
CA HIS F 171 -9.81 22.47 16.60
C HIS F 171 -10.86 22.36 15.48
N PHE F 172 -11.70 21.34 15.60
CA PHE F 172 -12.76 21.11 14.65
C PHE F 172 -12.31 21.13 13.17
N TYR F 173 -11.14 20.55 12.91
CA TYR F 173 -10.71 20.17 11.57
C TYR F 173 -11.79 19.22 11.10
N LEU F 174 -12.17 19.37 9.84
CA LEU F 174 -13.29 18.61 9.32
C LEU F 174 -12.93 17.15 9.19
N GLU F 175 -11.68 16.83 8.84
CA GLU F 175 -11.18 15.45 8.91
C GLU F 175 -10.54 15.23 10.26
N THR F 176 -11.09 14.29 11.00
CA THR F 176 -10.58 13.94 12.34
C THR F 176 -9.26 13.13 12.25
N HIS F 177 -8.72 12.77 13.40
CA HIS F 177 -7.50 11.98 13.42
C HIS F 177 -7.68 10.62 12.76
N CYS F 178 -6.69 10.25 11.97
CA CYS F 178 -6.69 9.03 11.19
C CYS F 178 -5.26 8.47 11.05
N THR F 179 -5.11 7.15 11.17
CA THR F 179 -3.87 6.44 10.87
C THR F 179 -4.20 5.06 10.28
N ILE F 180 -3.48 4.70 9.25
CA ILE F 180 -3.37 3.33 8.76
C ILE F 180 -1.93 2.85 9.07
N ALA F 181 -1.80 1.68 9.70
CA ALA F 181 -0.48 1.10 9.99
C ALA F 181 -0.37 -0.23 9.25
N ILE F 182 0.61 -0.34 8.35
CA ILE F 182 0.89 -1.60 7.62
C ILE F 182 2.17 -2.30 8.14
N PRO F 183 2.01 -3.45 8.80
CA PRO F 183 3.21 -4.18 9.23
C PRO F 183 3.72 -5.07 8.10
N LYS F 184 5.02 -5.00 7.83
CA LYS F 184 5.60 -5.75 6.72
C LYS F 184 5.90 -7.21 7.04
N GLY F 185 6.03 -7.54 8.33
CA GLY F 185 6.30 -8.93 8.72
C GLY F 185 7.80 -9.24 8.76
N GLU F 186 8.61 -8.25 8.35
CA GLU F 186 10.08 -8.33 8.26
C GLU F 186 10.70 -7.25 9.14
N GLU F 187 11.61 -7.68 10.02
CA GLU F 187 12.47 -6.85 10.87
C GLU F 187 11.81 -5.69 11.65
N GLY F 188 10.56 -5.85 12.04
CA GLY F 188 9.86 -4.75 12.70
C GLY F 188 9.57 -3.55 11.81
N GLU F 189 9.73 -3.73 10.50
CA GLU F 189 9.35 -2.71 9.53
C GLU F 189 7.86 -2.45 9.54
N MET F 190 7.51 -1.17 9.54
CA MET F 190 6.13 -0.72 9.48
C MET F 190 6.03 0.58 8.65
N GLU F 191 4.97 0.65 7.87
CA GLU F 191 4.63 1.81 7.08
C GLU F 191 3.30 2.35 7.59
N LEU F 192 3.26 3.66 7.81
CA LEU F 192 2.06 4.31 8.33
C LEU F 192 1.65 5.49 7.47
N PHE F 193 0.35 5.51 7.17
CA PHE F 193 -0.35 6.61 6.53
C PHE F 193 -1.13 7.37 7.62
N VAL F 194 -0.76 8.64 7.83
CA VAL F 194 -1.25 9.40 8.99
C VAL F 194 -1.67 10.81 8.59
N SER F 195 -2.80 11.29 9.15
CA SER F 195 -3.21 12.70 9.16
C SER F 195 -2.49 13.40 10.32
N THR F 196 -1.25 13.82 10.09
CA THR F 196 -0.45 14.46 11.13
C THR F 196 0.40 15.56 10.52
N GLN F 197 0.73 16.56 11.35
CA GLN F 197 1.65 17.64 11.02
C GLN F 197 3.04 17.29 11.49
N ASN F 198 3.19 16.15 12.13
CA ASN F 198 4.48 15.80 12.76
C ASN F 198 4.84 14.34 12.51
N ALA F 199 5.24 14.07 11.28
CA ALA F 199 5.68 12.73 10.87
C ALA F 199 6.92 12.25 11.64
N MET F 200 7.80 13.19 12.01
CA MET F 200 8.98 12.83 12.80
C MET F 200 8.61 12.23 14.16
N LYS F 201 7.77 12.91 14.94
CA LYS F 201 7.41 12.36 16.26
C LYS F 201 6.53 11.13 16.18
N THR F 202 5.67 11.06 15.16
CA THR F 202 4.93 9.82 14.89
C THR F 202 5.89 8.65 14.77
N GLN F 203 6.84 8.83 13.87
CA GLN F 203 7.91 7.87 13.63
C GLN F 203 8.64 7.43 14.93
N SER F 204 9.13 8.40 15.69
CA SER F 204 9.81 8.20 16.99
C SER F 204 8.98 7.50 18.06
N PHE F 205 7.71 7.92 18.19
CA PHE F 205 6.86 7.39 19.24
C PHE F 205 6.44 5.96 18.90
N VAL F 206 6.16 5.69 17.62
CA VAL F 206 5.88 4.32 17.18
C VAL F 206 7.10 3.44 17.46
N ALA F 207 8.27 3.84 16.97
CA ALA F 207 9.47 3.05 17.21
C ALA F 207 9.65 2.77 18.71
N LYS F 208 9.49 3.80 19.55
CA LYS F 208 9.66 3.67 21.02
C LYS F 208 8.69 2.70 21.67
N MET F 209 7.44 2.71 21.24
CA MET F 209 6.45 1.78 21.78
C MET F 209 6.72 0.34 21.32
N LEU F 210 7.25 0.18 20.11
CA LEU F 210 7.56 -1.12 19.57
C LEU F 210 8.88 -1.70 20.10
N GLY F 211 9.75 -0.84 20.61
CA GLY F 211 11.15 -1.21 20.95
C GLY F 211 12.03 -1.56 19.75
N VAL F 212 12.10 -0.65 18.80
CA VAL F 212 12.59 -0.99 17.48
C VAL F 212 13.25 0.31 17.05
N PRO F 213 14.34 0.24 16.25
CA PRO F 213 14.99 1.46 15.76
C PRO F 213 14.09 2.30 14.86
N VAL F 214 14.31 3.61 14.87
CA VAL F 214 13.50 4.55 14.08
C VAL F 214 13.56 4.28 12.56
N ASN F 215 14.70 3.75 12.09
CA ASN F 215 14.87 3.39 10.68
C ASN F 215 13.97 2.30 10.09
N ARG F 216 13.19 1.61 10.95
CA ARG F 216 12.17 0.59 10.54
C ARG F 216 10.84 1.22 10.15
N ILE F 217 10.61 2.43 10.67
CA ILE F 217 9.28 3.03 10.63
C ILE F 217 9.22 4.13 9.58
N LEU F 218 8.30 3.98 8.62
CA LEU F 218 8.10 4.91 7.54
C LEU F 218 6.75 5.56 7.76
N VAL F 219 6.76 6.89 7.92
CA VAL F 219 5.54 7.66 8.07
C VAL F 219 5.37 8.51 6.80
N ARG F 220 4.17 8.39 6.21
CA ARG F 220 3.77 9.07 4.97
C ARG F 220 2.49 9.94 5.15
N VAL F 221 2.55 11.20 4.72
CA VAL F 221 1.43 12.13 4.83
C VAL F 221 1.25 12.77 3.46
N LYS F 222 0.10 12.56 2.87
CA LYS F 222 -0.26 13.21 1.59
C LYS F 222 -0.85 14.59 1.83
N ARG F 223 -1.85 14.62 2.71
CA ARG F 223 -2.61 15.83 3.08
C ARG F 223 -3.49 15.52 4.30
N MET F 224 -3.80 16.54 5.09
CA MET F 224 -4.76 16.47 6.16
C MET F 224 -5.95 17.31 5.73
N GLY F 225 -7.14 16.88 6.15
CA GLY F 225 -8.33 17.75 6.12
C GLY F 225 -8.31 18.69 7.31
N GLY F 226 -7.31 19.59 7.34
CA GLY F 226 -7.10 20.55 8.45
C GLY F 226 -6.20 19.93 9.51
N GLY F 227 -5.55 20.80 10.28
CA GLY F 227 -4.62 20.42 11.34
C GLY F 227 -4.75 21.45 12.45
N PHE F 228 -4.48 22.73 12.11
CA PHE F 228 -4.65 23.91 13.00
C PHE F 228 -3.91 23.74 14.34
N GLY F 229 -2.81 23.00 14.34
CA GLY F 229 -2.13 22.70 15.61
C GLY F 229 -2.59 21.41 16.26
N GLY F 230 -3.80 20.95 15.92
CA GLY F 230 -4.39 19.77 16.55
C GLY F 230 -3.68 18.47 16.25
N LYS F 231 -2.92 18.48 15.15
CA LYS F 231 -2.27 17.25 14.68
C LYS F 231 -0.75 17.35 14.75
N GLU F 232 -0.27 18.32 15.54
CA GLU F 232 1.17 18.57 15.68
C GLU F 232 1.83 17.61 16.65
N THR F 233 1.09 17.16 17.65
CA THR F 233 1.58 16.13 18.59
C THR F 233 0.51 15.09 18.96
N ARG F 234 -0.74 15.50 19.03
CA ARG F 234 -1.81 14.64 19.58
C ARG F 234 -2.28 13.51 18.68
N SER F 235 -1.84 13.53 17.42
CA SER F 235 -2.19 12.51 16.42
C SER F 235 -1.62 11.11 16.76
N THR F 236 -0.52 11.13 17.53
CA THR F 236 0.18 9.94 17.99
C THR F 236 -0.61 9.12 18.99
N LEU F 237 -1.63 9.71 19.61
CA LEU F 237 -2.50 8.98 20.52
C LEU F 237 -3.20 7.89 19.73
N VAL F 238 -3.50 8.19 18.47
CA VAL F 238 -4.19 7.20 17.63
C VAL F 238 -3.12 6.35 16.97
N SER F 239 -2.12 7.00 16.39
CA SER F 239 -1.02 6.34 15.67
C SER F 239 -0.33 5.20 16.40
N VAL F 240 -0.04 5.41 17.68
CA VAL F 240 0.69 4.44 18.44
C VAL F 240 -0.22 3.30 18.81
N ALA F 241 -1.49 3.58 19.09
CA ALA F 241 -2.45 2.51 19.33
C ALA F 241 -2.66 1.62 18.09
N VAL F 242 -2.77 2.24 16.92
CA VAL F 242 -2.85 1.54 15.62
C VAL F 242 -1.53 0.76 15.29
N ALA F 243 -0.36 1.40 15.43
CA ALA F 243 0.89 0.66 15.30
C ALA F 243 0.89 -0.62 16.13
N LEU F 244 0.49 -0.53 17.40
CA LEU F 244 0.43 -1.72 18.24
C LEU F 244 -0.53 -2.81 17.77
N ALA F 245 -1.77 -2.45 17.41
CA ALA F 245 -2.67 -3.43 16.80
C ALA F 245 -2.05 -4.16 15.60
N ALA F 246 -1.40 -3.43 14.71
CA ALA F 246 -0.69 -3.99 13.54
C ALA F 246 0.41 -4.98 13.96
N TYR F 247 1.27 -4.54 14.88
CA TYR F 247 2.32 -5.38 15.44
C TYR F 247 1.78 -6.71 15.95
N LYS F 248 0.70 -6.62 16.73
CA LYS F 248 0.14 -7.74 17.44
C LYS F 248 -0.57 -8.72 16.53
N THR F 249 -1.37 -8.21 15.61
CA THR F 249 -2.17 -9.10 14.75
C THR F 249 -1.33 -9.54 13.54
N GLY F 250 -0.41 -8.66 13.11
CA GLY F 250 0.34 -8.90 11.89
C GLY F 250 -0.44 -8.49 10.65
N HIS F 251 -1.62 -7.88 10.85
CA HIS F 251 -2.46 -7.35 9.78
C HIS F 251 -2.29 -5.82 9.66
N PRO F 252 -2.62 -5.25 8.48
CA PRO F 252 -2.87 -3.81 8.40
C PRO F 252 -4.01 -3.42 9.36
N VAL F 253 -3.85 -2.26 10.03
CA VAL F 253 -4.88 -1.75 10.92
C VAL F 253 -5.11 -0.24 10.70
N ARG F 254 -6.38 0.16 10.70
CA ARG F 254 -6.76 1.57 10.64
C ARG F 254 -7.77 2.01 11.70
N CYS F 255 -7.72 3.30 11.99
CA CYS F 255 -8.68 3.95 12.84
C CYS F 255 -8.84 5.40 12.37
N MET F 256 -10.09 5.82 12.22
CA MET F 256 -10.41 7.22 12.11
C MET F 256 -11.37 7.56 13.26
N LEU F 257 -11.09 8.61 14.01
CA LEU F 257 -11.94 8.96 15.17
C LEU F 257 -13.27 9.52 14.70
N ASP F 258 -14.34 9.11 15.35
CA ASP F 258 -15.61 9.77 15.19
C ASP F 258 -15.39 11.12 15.89
N ARG F 259 -16.20 12.11 15.52
CA ARG F 259 -16.13 13.50 16.05
C ARG F 259 -16.15 13.60 17.58
N ASN F 260 -17.06 12.84 18.19
CA ASN F 260 -17.27 12.89 19.63
C ASN F 260 -16.04 12.35 20.39
N GLU F 261 -15.41 11.31 19.85
CA GLU F 261 -14.15 10.75 20.39
C GLU F 261 -13.01 11.74 20.26
N ASP F 262 -12.87 12.34 19.09
CA ASP F 262 -11.85 13.36 18.80
C ASP F 262 -11.87 14.56 19.76
N MET F 263 -13.06 15.12 19.97
CA MET F 263 -13.25 16.26 20.88
C MET F 263 -12.91 15.97 22.32
N LEU F 264 -13.22 14.74 22.79
CA LEU F 264 -13.02 14.37 24.16
C LEU F 264 -11.55 14.07 24.38
N ILE F 265 -10.96 13.33 23.44
CA ILE F 265 -9.62 12.74 23.60
C ILE F 265 -8.41 13.60 23.22
N THR F 266 -8.52 14.38 22.13
CA THR F 266 -7.30 14.92 21.51
C THR F 266 -6.85 16.31 22.00
N GLY F 267 -7.66 16.92 22.88
CA GLY F 267 -7.29 18.16 23.55
C GLY F 267 -7.45 19.33 22.58
N GLY F 268 -7.40 20.53 23.12
CA GLY F 268 -7.67 21.72 22.35
C GLY F 268 -6.80 22.85 22.79
N ARG F 269 -7.31 24.05 22.54
CA ARG F 269 -6.61 25.28 22.92
C ARG F 269 -6.69 25.50 24.44
N HIS F 270 -5.59 25.98 25.01
CA HIS F 270 -5.52 26.23 26.45
C HIS F 270 -6.41 27.35 26.88
N PRO F 271 -7.29 27.06 27.87
CA PRO F 271 -7.96 28.10 28.64
C PRO F 271 -6.94 28.93 29.43
N PHE F 272 -7.12 30.25 29.41
CA PHE F 272 -6.24 31.14 30.19
C PHE F 272 -7.05 31.92 31.22
N LEU F 273 -6.50 31.98 32.42
CA LEU F 273 -6.94 32.90 33.45
C LEU F 273 -5.84 33.94 33.66
N ALA F 274 -6.21 35.21 33.68
CA ALA F 274 -5.25 36.28 33.93
C ALA F 274 -5.62 37.15 35.14
N ARG F 275 -4.62 37.48 35.96
CA ARG F 275 -4.76 38.52 36.97
C ARG F 275 -3.80 39.65 36.64
N TYR F 276 -4.34 40.85 36.45
CA TYR F 276 -3.55 41.97 35.91
C TYR F 276 -3.72 43.27 36.72
N LYS F 277 -2.75 44.16 36.56
CA LYS F 277 -2.71 45.48 37.20
C LYS F 277 -1.91 46.42 36.31
N VAL F 278 -2.57 47.44 35.78
CA VAL F 278 -1.94 48.42 34.90
C VAL F 278 -1.92 49.77 35.60
N GLY F 279 -0.79 50.47 35.50
CA GLY F 279 -0.70 51.84 35.94
C GLY F 279 -0.54 52.74 34.74
N PHE F 280 -1.38 53.78 34.68
CA PHE F 280 -1.37 54.75 33.61
C PHE F 280 -1.54 56.18 34.11
N MET F 281 -1.40 57.13 33.17
CA MET F 281 -1.57 58.56 33.40
C MET F 281 -2.97 58.97 32.97
N LYS F 282 -3.43 60.17 33.37
CA LYS F 282 -4.74 60.72 32.95
C LYS F 282 -4.86 60.86 31.43
N THR F 283 -3.71 60.93 30.75
CA THR F 283 -3.63 60.99 29.28
C THR F 283 -3.89 59.64 28.61
N GLY F 284 -3.71 58.54 29.34
CA GLY F 284 -3.89 57.22 28.75
C GLY F 284 -2.59 56.44 28.52
N THR F 285 -1.45 57.10 28.73
CA THR F 285 -0.13 56.51 28.53
C THR F 285 0.16 55.50 29.65
N ILE F 286 0.57 54.28 29.27
CA ILE F 286 0.87 53.19 30.20
C ILE F 286 2.27 53.36 30.80
N VAL F 287 2.36 53.16 32.11
CA VAL F 287 3.61 53.39 32.85
C VAL F 287 4.06 52.11 33.60
N ALA F 288 3.13 51.21 33.88
CA ALA F 288 3.45 49.97 34.60
C ALA F 288 2.40 48.93 34.28
N LEU F 289 2.82 47.67 34.14
CA LEU F 289 1.91 46.58 33.83
C LEU F 289 2.39 45.35 34.53
N GLU F 290 1.48 44.65 35.18
CA GLU F 290 1.77 43.39 35.85
C GLU F 290 0.72 42.34 35.52
N VAL F 291 1.12 41.21 34.92
CA VAL F 291 0.16 40.15 34.57
C VAL F 291 0.68 38.78 35.01
N ASP F 292 -0.11 38.08 35.82
CA ASP F 292 0.06 36.65 36.04
C ASP F 292 -0.96 35.87 35.18
N HIS F 293 -0.44 34.99 34.31
CA HIS F 293 -1.25 34.12 33.46
C HIS F 293 -1.27 32.70 34.06
N TYR F 294 -2.40 32.02 33.87
CA TYR F 294 -2.53 30.62 34.23
C TYR F 294 -3.21 29.91 33.07
N SER F 295 -2.60 28.81 32.64
CA SER F 295 -3.17 28.00 31.55
C SER F 295 -3.64 26.68 32.13
N ASN F 296 -4.78 26.23 31.63
CA ASN F 296 -5.27 24.87 31.88
C ASN F 296 -4.59 23.90 30.90
N ALA F 297 -3.52 23.26 31.39
CA ALA F 297 -2.73 22.36 30.57
C ALA F 297 -3.38 20.98 30.42
N GLY F 298 -4.13 20.56 31.43
CA GLY F 298 -4.67 19.19 31.41
C GLY F 298 -3.65 18.21 31.93
N ASN F 299 -3.75 16.96 31.50
CA ASN F 299 -3.09 15.86 32.21
C ASN F 299 -1.70 15.44 31.74
N SER F 300 -1.07 16.24 30.88
CA SER F 300 0.36 16.12 30.60
C SER F 300 0.87 17.47 30.14
N ARG F 301 2.19 17.56 30.08
CA ARG F 301 2.91 18.72 29.61
C ARG F 301 2.60 19.06 28.15
N ASP F 302 2.89 18.14 27.23
CA ASP F 302 2.76 18.37 25.78
C ASP F 302 3.48 19.68 25.42
N LEU F 303 2.82 20.54 24.65
CA LEU F 303 3.40 21.83 24.23
C LEU F 303 3.10 23.04 25.15
N SER F 304 2.58 22.79 26.35
CA SER F 304 2.08 23.85 27.26
C SER F 304 3.09 24.92 27.67
N HIS F 305 4.34 24.52 27.88
CA HIS F 305 5.40 25.44 28.24
C HIS F 305 5.70 26.46 27.11
N SER F 306 5.86 25.93 25.89
CA SER F 306 6.13 26.76 24.74
C SER F 306 4.97 27.68 24.47
N ILE F 307 3.75 27.20 24.73
CA ILE F 307 2.53 28.01 24.55
C ILE F 307 2.57 29.19 25.52
N MET F 308 2.91 28.93 26.80
CA MET F 308 3.11 30.00 27.79
C MET F 308 4.25 30.96 27.42
N GLU F 309 5.36 30.45 26.90
CA GLU F 309 6.41 31.33 26.37
C GLU F 309 5.85 32.30 25.34
N ARG F 310 5.14 31.80 24.35
CA ARG F 310 4.62 32.67 23.30
C ARG F 310 3.61 33.69 23.86
N ALA F 311 2.86 33.30 24.90
CA ALA F 311 1.95 34.20 25.59
C ALA F 311 2.68 35.38 26.27
N LEU F 312 3.71 35.07 27.06
CA LEU F 312 4.59 36.09 27.65
C LEU F 312 5.20 37.03 26.60
N PHE F 313 5.56 36.51 25.43
CA PHE F 313 6.15 37.33 24.35
C PHE F 313 5.14 38.25 23.69
N HIS F 314 3.85 38.02 23.95
CA HIS F 314 2.77 38.75 23.27
C HIS F 314 1.89 39.62 24.18
N MET F 315 2.25 39.66 25.45
CA MET F 315 1.53 40.41 26.49
C MET F 315 1.64 41.94 26.34
N ASP F 316 2.56 42.40 25.47
CA ASP F 316 2.66 43.79 25.01
C ASP F 316 1.70 44.19 23.86
N ASN F 317 1.28 43.21 23.05
CA ASN F 317 0.66 43.47 21.73
C ASN F 317 1.47 44.50 20.92
N CYS F 318 0.90 45.65 20.58
CA CYS F 318 1.68 46.62 19.83
C CYS F 318 2.05 47.85 20.67
N TYR F 319 2.21 47.65 21.99
CA TYR F 319 2.30 48.77 22.96
C TYR F 319 3.64 48.81 23.71
N LYS F 320 4.23 50.00 23.72
CA LYS F 320 5.44 50.30 24.50
C LYS F 320 5.12 50.54 25.97
N ILE F 321 5.55 49.61 26.81
CA ILE F 321 5.25 49.65 28.25
C ILE F 321 6.60 49.62 28.93
N PRO F 322 7.08 50.79 29.46
CA PRO F 322 8.45 50.88 30.06
C PRO F 322 8.72 49.99 31.26
N ASN F 323 7.69 49.68 32.03
CA ASN F 323 7.83 48.83 33.23
C ASN F 323 6.79 47.73 33.23
N ILE F 324 7.27 46.49 33.24
CA ILE F 324 6.40 45.38 32.87
C ILE F 324 6.84 44.09 33.51
N ARG F 325 5.88 43.34 34.01
CA ARG F 325 6.16 42.05 34.61
C ARG F 325 5.09 41.09 34.16
N GLY F 326 5.51 40.00 33.53
CA GLY F 326 4.57 38.96 33.11
C GLY F 326 5.04 37.68 33.68
N THR F 327 4.12 36.91 34.24
CA THR F 327 4.46 35.60 34.71
C THR F 327 3.44 34.59 34.13
N GLY F 328 3.83 33.33 34.09
CA GLY F 328 2.91 32.27 33.67
C GLY F 328 3.15 30.99 34.44
N ARG F 329 2.05 30.30 34.71
CA ARG F 329 2.06 29.01 35.35
C ARG F 329 1.18 28.10 34.51
N LEU F 330 1.53 26.82 34.52
CA LEU F 330 0.82 25.79 33.75
C LEU F 330 0.08 24.88 34.71
N CYS F 331 -1.23 24.87 34.63
CA CYS F 331 -2.02 24.14 35.61
C CYS F 331 -2.14 22.66 35.27
N LYS F 332 -1.63 21.81 36.17
CA LYS F 332 -1.78 20.36 36.08
C LYS F 332 -3.22 20.00 36.54
N THR F 333 -4.07 19.62 35.59
CA THR F 333 -5.48 19.26 35.87
C THR F 333 -5.91 17.90 35.32
N ASN F 334 -7.02 17.39 35.84
CA ASN F 334 -7.55 16.13 35.35
C ASN F 334 -8.44 16.29 34.12
N LEU F 335 -7.90 16.96 33.12
CA LEU F 335 -8.54 17.13 31.82
C LEU F 335 -7.64 16.60 30.69
N SER F 336 -8.23 16.27 29.54
CA SER F 336 -7.45 15.86 28.37
C SER F 336 -6.39 16.91 28.20
N SER F 337 -5.16 16.46 27.97
CA SER F 337 -4.04 17.36 27.75
C SER F 337 -4.30 18.36 26.61
N ASN F 338 -4.15 19.65 26.91
CA ASN F 338 -4.27 20.68 25.90
C ASN F 338 -2.99 20.86 25.06
N THR F 339 -3.12 21.49 23.91
CA THR F 339 -2.05 21.41 22.91
C THR F 339 -1.95 22.69 22.08
N ALA F 340 -1.18 22.64 20.99
CA ALA F 340 -1.13 23.71 20.00
C ALA F 340 -2.49 23.96 19.33
N PHE F 341 -2.81 25.23 19.11
CA PHE F 341 -3.97 25.62 18.33
C PHE F 341 -3.56 26.95 17.74
N ARG F 342 -3.65 27.08 16.41
CA ARG F 342 -3.39 28.31 15.65
C ARG F 342 -3.27 29.56 16.51
N GLY F 343 -2.05 30.06 16.70
CA GLY F 343 -1.84 31.16 17.60
C GLY F 343 -0.92 30.78 18.78
N PHE F 344 -1.04 29.53 19.29
CA PHE F 344 -0.06 28.94 20.24
C PHE F 344 0.13 29.86 21.46
N GLY F 345 -0.97 30.25 22.11
CA GLY F 345 -0.92 31.07 23.31
C GLY F 345 -0.88 32.56 23.03
N GLY F 346 -0.62 32.94 21.78
CA GLY F 346 -0.57 34.33 21.41
C GLY F 346 -1.90 35.05 21.52
N PRO F 347 -2.98 34.47 20.97
CA PRO F 347 -4.29 35.12 21.07
C PRO F 347 -4.78 35.36 22.52
N GLN F 348 -4.65 34.36 23.39
CA GLN F 348 -4.89 34.53 24.82
C GLN F 348 -4.21 35.78 25.42
N ALA F 349 -2.91 35.94 25.20
CA ALA F 349 -2.14 37.03 25.82
C ALA F 349 -2.47 38.39 25.20
N LEU F 350 -2.58 38.41 23.87
CA LEU F 350 -3.07 39.56 23.11
C LEU F 350 -4.49 40.00 23.54
N PHE F 351 -5.39 39.04 23.74
CA PHE F 351 -6.74 39.31 24.28
C PHE F 351 -6.70 40.00 25.65
N ILE F 352 -5.79 39.54 26.51
CA ILE F 352 -5.59 40.11 27.83
C ILE F 352 -5.07 41.54 27.77
N ALA F 353 -4.14 41.80 26.86
CA ALA F 353 -3.58 43.15 26.65
C ALA F 353 -4.66 44.10 26.15
N GLU F 354 -5.46 43.67 25.19
CA GLU F 354 -6.46 44.56 24.61
C GLU F 354 -7.60 44.84 25.62
N ASN F 355 -7.87 43.88 26.48
CA ASN F 355 -8.81 44.06 27.57
C ASN F 355 -8.43 45.22 28.50
N TRP F 356 -7.27 45.15 29.14
CA TRP F 356 -6.89 46.22 30.02
C TRP F 356 -6.72 47.51 29.24
N MET F 357 -6.31 47.43 27.98
CA MET F 357 -6.17 48.62 27.17
C MET F 357 -7.56 49.25 26.98
N SER F 358 -8.59 48.43 26.77
CA SER F 358 -9.94 48.95 26.63
C SER F 358 -10.41 49.63 27.93
N GLU F 359 -10.00 49.10 29.07
CA GLU F 359 -10.34 49.69 30.35
C GLU F 359 -9.56 50.96 30.72
N VAL F 360 -8.33 51.08 30.22
CA VAL F 360 -7.52 52.32 30.32
C VAL F 360 -8.25 53.51 29.70
N ALA F 361 -8.75 53.33 28.48
CA ALA F 361 -9.49 54.39 27.76
C ALA F 361 -10.84 54.77 28.40
N VAL F 362 -11.57 53.77 28.88
CA VAL F 362 -12.83 54.01 29.57
C VAL F 362 -12.60 54.78 30.89
N THR F 363 -11.56 54.40 31.62
CA THR F 363 -11.16 55.09 32.86
C THR F 363 -10.70 56.54 32.62
N CYS F 364 -10.02 56.79 31.49
CA CYS F 364 -9.54 58.14 31.12
C CYS F 364 -10.58 58.98 30.40
N GLY F 365 -11.73 58.38 30.12
CA GLY F 365 -12.75 59.00 29.28
C GLY F 365 -12.23 59.43 27.93
N LEU F 366 -11.30 58.67 27.36
CA LEU F 366 -10.71 59.00 26.05
C LEU F 366 -11.20 58.05 24.96
N PRO F 367 -11.17 58.51 23.68
CA PRO F 367 -11.56 57.60 22.59
C PRO F 367 -10.52 56.48 22.46
N ALA F 368 -11.00 55.25 22.31
CA ALA F 368 -10.13 54.06 22.29
C ALA F 368 -8.99 54.13 21.29
N GLU F 369 -9.26 54.60 20.07
CA GLU F 369 -8.26 54.70 19.01
C GLU F 369 -7.13 55.59 19.44
N GLU F 370 -7.45 56.63 20.21
CA GLU F 370 -6.47 57.63 20.61
C GLU F 370 -5.47 57.07 21.64
N VAL F 371 -6.00 56.34 22.62
CA VAL F 371 -5.22 55.69 23.66
C VAL F 371 -4.30 54.57 23.11
N ARG F 372 -4.85 53.74 22.21
CA ARG F 372 -4.07 52.76 21.45
C ARG F 372 -2.95 53.40 20.63
N TRP F 373 -3.29 54.34 19.74
CA TRP F 373 -2.30 54.94 18.84
C TRP F 373 -1.15 55.66 19.62
N LYS F 374 -1.47 56.19 20.80
CA LYS F 374 -0.51 56.94 21.59
C LYS F 374 0.42 56.04 22.40
N ASN F 375 -0.01 54.81 22.66
CA ASN F 375 0.80 53.86 23.39
C ASN F 375 1.56 52.92 22.47
N MET F 376 1.37 53.09 21.16
CA MET F 376 1.93 52.22 20.13
C MET F 376 3.46 52.33 20.07
N TYR F 377 4.13 51.20 19.82
CA TYR F 377 5.55 51.17 19.50
C TYR F 377 5.85 52.09 18.30
N LYS F 378 7.09 52.54 18.22
CA LYS F 378 7.60 53.20 17.00
C LYS F 378 8.65 52.30 16.36
N GLU F 379 8.93 52.55 15.09
CA GLU F 379 10.02 51.89 14.41
C GLU F 379 11.31 52.03 15.24
N GLY F 380 11.98 50.90 15.48
CA GLY F 380 13.24 50.89 16.20
C GLY F 380 13.09 50.61 17.69
N ASP F 381 11.85 50.62 18.18
CA ASP F 381 11.60 50.37 19.58
C ASP F 381 11.97 48.93 19.95
N LEU F 382 12.37 48.73 21.20
CA LEU F 382 12.55 47.38 21.75
C LEU F 382 11.27 46.94 22.45
N THR F 383 11.03 45.63 22.41
CA THR F 383 9.93 45.00 23.14
C THR F 383 10.32 44.71 24.61
N HIS F 384 9.38 44.26 25.43
CA HIS F 384 9.69 43.84 26.82
C HIS F 384 10.71 42.72 26.90
N PHE F 385 10.89 42.02 25.79
CA PHE F 385 11.90 40.96 25.71
C PHE F 385 13.13 41.42 24.94
N ASN F 386 13.19 42.73 24.70
CA ASN F 386 14.39 43.42 24.23
C ASN F 386 14.77 43.13 22.80
N GLN F 387 13.75 42.89 21.96
CA GLN F 387 14.00 42.73 20.55
C GLN F 387 13.57 43.98 19.79
N ARG F 388 14.46 44.47 18.93
CA ARG F 388 14.25 45.68 18.19
C ARG F 388 13.19 45.43 17.11
N LEU F 389 12.26 46.37 16.98
CA LEU F 389 11.20 46.25 15.98
C LEU F 389 11.64 46.97 14.71
N GLU F 390 12.10 46.19 13.72
CA GLU F 390 12.56 46.71 12.45
C GLU F 390 11.45 46.50 11.44
N GLY F 391 11.09 47.57 10.74
CA GLY F 391 10.02 47.47 9.76
C GLY F 391 8.68 47.21 10.42
N PHE F 392 8.44 47.91 11.55
CA PHE F 392 7.16 47.96 12.26
C PHE F 392 6.12 48.67 11.38
N SER F 393 5.12 47.94 10.94
CA SER F 393 4.20 48.53 9.95
C SER F 393 2.77 48.72 10.40
N VAL F 394 2.53 48.51 11.69
CA VAL F 394 1.22 48.74 12.28
C VAL F 394 0.68 50.16 12.01
N PRO F 395 1.53 51.21 12.15
CA PRO F 395 1.03 52.55 11.83
C PRO F 395 0.46 52.72 10.41
N ARG F 396 1.13 52.11 9.43
CA ARG F 396 0.64 52.06 8.03
C ARG F 396 -0.65 51.29 7.90
N CYS F 397 -0.71 50.12 8.56
CA CYS F 397 -1.92 49.27 8.59
C CYS F 397 -3.10 49.97 9.25
N TRP F 398 -2.79 50.63 10.37
CA TRP F 398 -3.73 51.44 11.15
C TRP F 398 -4.39 52.55 10.31
N ASP F 399 -3.56 53.48 9.79
CA ASP F 399 -4.03 54.57 8.94
C ASP F 399 -4.77 54.10 7.69
N GLU F 400 -4.32 52.96 7.17
CA GLU F 400 -4.93 52.44 5.97
C GLU F 400 -6.28 51.82 6.29
N CYS F 401 -6.36 51.17 7.45
CA CYS F 401 -7.59 50.59 7.92
C CYS F 401 -8.62 51.68 8.28
N LEU F 402 -8.18 52.71 8.98
CA LEU F 402 -9.04 53.85 9.33
C LEU F 402 -9.65 54.48 8.08
N LYS F 403 -8.82 54.65 7.05
CA LYS F 403 -9.25 55.26 5.79
C LYS F 403 -10.24 54.39 5.03
N SER F 404 -9.95 53.08 4.95
CA SER F 404 -10.74 52.16 4.15
C SER F 404 -12.06 51.75 4.79
N SER F 405 -12.04 51.62 6.12
CA SER F 405 -13.24 51.31 6.89
C SER F 405 -14.12 52.54 7.10
N GLN F 406 -13.55 53.71 6.81
CA GLN F 406 -14.14 55.03 7.12
C GLN F 406 -14.55 55.14 8.57
N TYR F 407 -13.58 54.88 9.45
CA TYR F 407 -13.82 54.65 10.86
C TYR F 407 -14.56 55.80 11.55
N TYR F 408 -14.00 57.00 11.42
CA TYR F 408 -14.54 58.18 12.07
C TYR F 408 -16.01 58.50 11.67
N ALA F 409 -16.35 58.29 10.40
CA ALA F 409 -17.73 58.48 9.91
C ALA F 409 -18.70 57.38 10.35
N ARG F 410 -18.19 56.19 10.56
CA ARG F 410 -19.07 55.15 11.05
C ARG F 410 -19.18 55.21 12.59
N LYS F 411 -18.20 55.83 13.26
CA LYS F 411 -18.28 56.07 14.70
C LYS F 411 -19.45 57.01 15.03
N SER F 412 -19.66 58.01 14.17
CA SER F 412 -20.80 58.92 14.25
C SER F 412 -22.12 58.18 14.04
N GLU F 413 -22.21 57.39 12.98
CA GLU F 413 -23.45 56.67 12.69
C GLU F 413 -23.75 55.57 13.71
N VAL F 414 -22.73 55.04 14.38
CA VAL F 414 -22.94 54.12 15.53
C VAL F 414 -23.61 54.87 16.68
N ASP F 415 -23.07 56.06 16.99
CA ASP F 415 -23.64 56.91 18.05
C ASP F 415 -25.05 57.42 17.71
N LYS F 416 -25.29 57.76 16.45
CA LYS F 416 -26.63 58.06 15.98
C LYS F 416 -27.59 56.89 16.19
N PHE F 417 -27.16 55.67 15.84
CA PHE F 417 -27.98 54.47 16.02
C PHE F 417 -28.35 54.27 17.48
N ASN F 418 -27.38 54.49 18.36
CA ASN F 418 -27.55 54.27 19.77
C ASN F 418 -28.45 55.31 20.46
N LYS F 419 -28.41 56.54 19.99
CA LYS F 419 -29.31 57.58 20.50
C LYS F 419 -30.77 57.30 20.06
N GLU F 420 -30.92 56.66 18.89
CA GLU F 420 -32.24 56.39 18.29
C GLU F 420 -32.87 55.02 18.57
N ASN F 421 -32.13 54.18 19.29
CA ASN F 421 -32.56 52.81 19.63
C ASN F 421 -32.35 52.46 21.08
N CYS F 422 -33.30 51.68 21.59
CA CYS F 422 -33.40 51.38 23.00
C CYS F 422 -32.92 49.96 23.28
N TRP F 423 -33.41 48.98 22.50
CA TRP F 423 -33.21 47.55 22.79
C TRP F 423 -32.27 46.84 21.77
N LYS F 424 -31.68 47.65 20.90
CA LYS F 424 -30.61 47.25 19.99
C LYS F 424 -29.49 48.28 20.09
N LYS F 425 -28.25 47.83 20.14
CA LYS F 425 -27.10 48.73 20.18
C LYS F 425 -26.02 48.33 19.20
N ARG F 426 -25.29 49.32 18.67
CA ARG F 426 -24.15 49.09 17.83
C ARG F 426 -22.83 49.37 18.54
N GLY F 427 -21.78 48.68 18.12
CA GLY F 427 -20.44 48.81 18.68
C GLY F 427 -19.43 48.87 17.56
N LEU F 428 -18.27 49.46 17.84
CA LEU F 428 -17.27 49.64 16.81
C LEU F 428 -15.93 49.61 17.47
N CYS F 429 -14.97 48.90 16.88
CA CYS F 429 -13.64 48.84 17.46
C CYS F 429 -12.58 48.66 16.37
N ILE F 430 -11.45 49.35 16.53
CA ILE F 430 -10.28 49.10 15.69
C ILE F 430 -9.16 48.54 16.56
N ILE F 431 -8.59 47.42 16.10
CA ILE F 431 -7.58 46.71 16.87
C ILE F 431 -6.30 46.37 16.06
N PRO F 432 -5.11 46.56 16.67
CA PRO F 432 -3.85 46.14 16.06
C PRO F 432 -3.42 44.74 16.51
N THR F 433 -2.60 44.07 15.71
CA THR F 433 -1.93 42.87 16.16
C THR F 433 -0.50 42.85 15.63
N LYS F 434 0.38 42.29 16.43
CA LYS F 434 1.70 41.89 15.97
C LYS F 434 1.91 40.47 16.42
N PHE F 435 2.58 39.69 15.57
CA PHE F 435 2.78 38.28 15.86
C PHE F 435 4.20 37.87 15.47
N GLY F 436 4.95 37.35 16.43
CA GLY F 436 6.34 36.99 16.23
C GLY F 436 6.54 35.66 15.54
N ILE F 437 7.50 35.63 14.60
CA ILE F 437 7.62 34.49 13.67
C ILE F 437 8.89 33.69 13.88
N SER F 438 8.69 32.47 14.36
CA SER F 438 9.73 31.45 14.64
C SER F 438 9.18 30.47 15.66
N PHE F 439 9.79 29.29 15.72
CA PHE F 439 9.62 28.42 16.87
C PHE F 439 10.41 29.07 17.97
N THR F 440 9.93 28.98 19.21
CA THR F 440 10.61 29.64 20.34
C THR F 440 11.71 28.76 20.88
N VAL F 441 11.60 27.47 20.54
CA VAL F 441 12.67 26.51 20.71
C VAL F 441 13.50 26.65 19.44
N PRO F 442 14.74 27.18 19.58
CA PRO F 442 15.46 27.56 18.37
C PRO F 442 15.76 26.38 17.44
N PHE F 443 16.01 25.19 18.02
CA PHE F 443 16.39 24.02 17.22
C PHE F 443 15.34 23.51 16.22
N LEU F 444 14.07 23.87 16.42
CA LEU F 444 13.03 23.49 15.46
C LEU F 444 13.08 24.27 14.15
N ASN F 445 13.81 25.38 14.19
CA ASN F 445 13.92 26.25 13.03
C ASN F 445 14.93 25.77 12.01
N GLN F 446 14.71 24.56 11.52
CA GLN F 446 15.53 23.92 10.50
C GLN F 446 14.54 23.29 9.52
N ALA F 447 14.93 23.21 8.25
CA ALA F 447 14.10 22.65 7.19
C ALA F 447 14.97 21.96 6.13
N GLY F 448 14.55 20.76 5.71
CA GLY F 448 15.20 20.06 4.61
C GLY F 448 14.32 19.83 3.40
N ALA F 449 14.96 19.52 2.28
CA ALA F 449 14.24 19.29 1.03
C ALA F 449 15.07 18.29 0.23
N LEU F 450 14.40 17.60 -0.68
CA LEU F 450 15.07 16.74 -1.64
C LEU F 450 14.41 16.91 -3.02
N ILE F 451 15.24 17.14 -4.03
CA ILE F 451 14.72 17.33 -5.40
C ILE F 451 15.45 16.35 -6.35
N HIS F 452 14.66 15.79 -7.24
CA HIS F 452 15.09 14.93 -8.29
C HIS F 452 14.59 15.52 -9.58
N VAL F 453 15.47 15.60 -10.58
CA VAL F 453 15.04 15.83 -11.95
C VAL F 453 15.16 14.49 -12.66
N TYR F 454 14.06 14.02 -13.23
CA TYR F 454 14.10 12.81 -14.05
C TYR F 454 14.56 13.14 -15.48
N THR F 455 14.77 12.11 -16.31
CA THR F 455 15.42 12.32 -17.60
C THR F 455 14.51 12.95 -18.65
N ASP F 456 13.21 13.01 -18.34
CA ASP F 456 12.24 13.66 -19.23
C ASP F 456 12.14 15.15 -18.94
N GLY F 457 12.98 15.64 -18.01
CA GLY F 457 12.91 17.02 -17.51
C GLY F 457 11.90 17.25 -16.41
N SER F 458 11.11 16.22 -16.03
CA SER F 458 10.12 16.38 -14.95
C SER F 458 10.77 16.34 -13.57
N VAL F 459 10.30 17.22 -12.68
CA VAL F 459 10.95 17.46 -11.39
C VAL F 459 10.06 16.92 -10.23
N LEU F 460 10.67 16.28 -9.24
CA LEU F 460 9.90 15.85 -8.09
C LEU F 460 10.49 16.50 -6.86
N VAL F 461 9.61 17.22 -6.16
CA VAL F 461 10.00 17.92 -4.95
C VAL F 461 9.47 17.25 -3.71
N SER F 462 10.34 17.12 -2.72
CA SER F 462 9.97 16.66 -1.41
C SER F 462 10.66 17.58 -0.40
N HIS F 463 9.90 18.03 0.62
CA HIS F 463 10.39 18.84 1.72
C HIS F 463 9.68 18.32 3.00
N GLY F 464 10.12 18.78 4.16
CA GLY F 464 9.53 18.36 5.42
C GLY F 464 8.13 18.86 5.76
N GLY F 465 7.64 19.87 5.06
CA GLY F 465 6.34 20.42 5.31
C GLY F 465 5.23 19.48 4.91
N THR F 466 4.14 19.52 5.66
CA THR F 466 2.91 18.85 5.31
C THR F 466 1.88 19.85 4.82
N GLU F 467 0.98 19.37 3.96
CA GLU F 467 -0.20 20.06 3.44
C GLU F 467 -1.43 19.77 4.31
N MET F 468 -2.06 20.85 4.79
CA MET F 468 -3.26 20.73 5.63
C MET F 468 -4.37 21.71 5.16
N GLY F 469 -4.16 22.25 3.97
CA GLY F 469 -5.13 23.16 3.31
C GLY F 469 -4.59 24.57 3.12
N GLN F 470 -3.42 24.83 3.68
CA GLN F 470 -2.89 26.18 3.75
C GLN F 470 -2.12 26.56 2.47
N GLY F 471 -1.95 25.58 1.57
CA GLY F 471 -1.32 25.77 0.30
C GLY F 471 0.20 25.84 0.35
N LEU F 472 0.80 25.15 1.30
CA LEU F 472 2.27 25.00 1.34
C LEU F 472 2.85 24.39 0.04
N HIS F 473 2.36 23.22 -0.38
CA HIS F 473 2.84 22.61 -1.63
C HIS F 473 2.68 23.51 -2.85
N THR F 474 1.51 24.15 -3.02
CA THR F 474 1.33 25.17 -4.05
C THR F 474 2.48 26.20 -4.01
N LYS F 475 2.71 26.78 -2.82
CA LYS F 475 3.74 27.80 -2.69
C LYS F 475 5.13 27.27 -2.96
N MET F 476 5.37 26.02 -2.59
CA MET F 476 6.68 25.42 -2.81
C MET F 476 6.92 25.17 -4.31
N VAL F 477 5.88 24.75 -5.00
CA VAL F 477 5.95 24.58 -6.45
C VAL F 477 6.20 25.91 -7.14
N GLN F 478 5.55 26.97 -6.69
CA GLN F 478 5.80 28.35 -7.20
C GLN F 478 7.28 28.77 -7.00
N VAL F 479 7.83 28.53 -5.82
CA VAL F 479 9.22 28.87 -5.50
C VAL F 479 10.24 28.15 -6.39
N ALA F 480 10.04 26.84 -6.59
CA ALA F 480 10.89 25.99 -7.43
C ALA F 480 10.77 26.34 -8.92
N SER F 481 9.56 26.62 -9.39
CA SER F 481 9.37 27.16 -10.73
C SER F 481 10.16 28.44 -10.92
N LYS F 482 10.05 29.39 -9.99
CA LYS F 482 10.86 30.60 -10.05
C LYS F 482 12.37 30.33 -10.02
N ALA F 483 12.86 29.61 -9.00
CA ALA F 483 14.31 29.33 -8.86
C ALA F 483 14.90 28.57 -10.05
N LEU F 484 14.19 27.53 -10.52
CA LEU F 484 14.62 26.70 -11.65
C LEU F 484 14.40 27.35 -13.02
N LYS F 485 13.51 28.33 -13.08
CA LYS F 485 13.12 29.00 -14.34
C LYS F 485 12.46 28.06 -15.38
N ILE F 486 11.53 27.26 -14.89
CA ILE F 486 10.72 26.36 -15.69
C ILE F 486 9.24 26.50 -15.30
N PRO F 487 8.30 26.14 -16.19
CA PRO F 487 6.88 26.29 -15.86
C PRO F 487 6.49 25.40 -14.69
N ILE F 488 5.51 25.83 -13.90
CA ILE F 488 5.01 25.04 -12.76
C ILE F 488 4.51 23.64 -13.18
N SER F 489 4.13 23.48 -14.45
CA SER F 489 3.59 22.21 -14.92
C SER F 489 4.66 21.11 -14.95
N LYS F 490 5.92 21.50 -14.77
CA LYS F 490 7.03 20.53 -14.81
C LYS F 490 7.40 19.98 -13.45
N ILE F 491 6.87 20.60 -12.38
CA ILE F 491 7.22 20.27 -11.01
C ILE F 491 6.04 19.64 -10.30
N TYR F 492 6.34 18.68 -9.42
CA TYR F 492 5.33 17.98 -8.67
C TYR F 492 5.80 17.75 -7.25
N ILE F 493 4.87 17.92 -6.31
CA ILE F 493 4.97 17.43 -4.93
C ILE F 493 3.90 16.37 -4.67
N SER F 494 4.36 15.15 -4.35
CA SER F 494 3.52 13.99 -4.07
C SER F 494 2.97 13.89 -2.62
N GLU F 495 3.88 14.00 -1.65
CA GLU F 495 3.59 13.68 -0.27
C GLU F 495 4.81 14.06 0.57
N THR F 496 4.62 14.00 1.89
CA THR F 496 5.68 14.19 2.85
C THR F 496 5.98 12.82 3.45
N SER F 497 7.27 12.48 3.61
CA SER F 497 7.66 11.17 4.10
C SER F 497 9.01 11.16 4.76
N THR F 498 9.15 10.34 5.79
CA THR F 498 10.36 10.34 6.61
C THR F 498 11.55 9.64 5.93
N ASN F 499 11.32 8.97 4.81
CA ASN F 499 12.38 8.34 4.06
C ASN F 499 12.92 9.22 2.94
N THR F 500 12.32 10.40 2.77
CA THR F 500 12.83 11.35 1.79
C THR F 500 13.47 12.51 2.55
N VAL F 501 12.76 13.04 3.53
CA VAL F 501 13.30 14.07 4.42
C VAL F 501 13.18 13.66 5.90
N PRO F 502 14.33 13.38 6.55
CA PRO F 502 14.36 12.95 7.93
C PRO F 502 14.27 14.09 8.97
N ASN F 503 13.90 13.76 10.21
CA ASN F 503 14.10 14.68 11.33
C ASN F 503 13.44 16.04 11.16
N SER F 504 12.35 16.08 10.41
CA SER F 504 11.69 17.35 10.17
C SER F 504 10.96 17.84 11.43
N SER F 505 10.94 19.15 11.59
CA SER F 505 10.14 19.78 12.59
C SER F 505 8.68 19.69 12.18
N PRO F 506 7.75 19.81 13.15
CA PRO F 506 6.34 19.82 12.82
C PRO F 506 5.99 20.95 11.87
N THR F 507 4.96 20.73 11.04
CA THR F 507 4.45 21.79 10.19
C THR F 507 3.63 22.74 11.04
N ALA F 508 4.27 23.81 11.49
CA ALA F 508 3.76 24.63 12.57
C ALA F 508 4.46 25.97 12.63
N ALA F 509 4.03 26.81 13.58
CA ALA F 509 4.60 28.14 13.85
C ALA F 509 4.54 29.14 12.67
N SER F 510 3.80 28.82 11.60
CA SER F 510 3.59 29.74 10.46
C SER F 510 4.88 29.92 9.66
N VAL F 511 5.90 29.10 9.95
CA VAL F 511 7.22 29.31 9.33
C VAL F 511 7.53 28.40 8.15
N SER F 512 6.59 27.53 7.77
CA SER F 512 6.84 26.49 6.77
C SER F 512 7.20 27.03 5.40
N THR F 513 6.44 28.01 4.92
CA THR F 513 6.72 28.67 3.65
C THR F 513 8.13 29.27 3.71
N ASP F 514 8.51 29.75 4.90
CA ASP F 514 9.77 30.45 5.10
C ASP F 514 10.95 29.49 5.04
N ILE F 515 10.85 28.41 5.80
CA ILE F 515 11.99 27.53 5.97
C ILE F 515 12.11 26.52 4.84
N TYR F 516 10.99 25.88 4.45
CA TYR F 516 11.03 24.96 3.34
C TYR F 516 11.16 25.68 2.01
N GLY F 517 10.67 26.91 1.95
CA GLY F 517 10.92 27.78 0.78
C GLY F 517 12.40 27.93 0.55
N GLN F 518 13.14 28.25 1.59
CA GLN F 518 14.60 28.36 1.52
C GLN F 518 15.30 27.04 1.12
N ALA F 519 14.96 25.95 1.80
CA ALA F 519 15.56 24.63 1.53
C ALA F 519 15.33 24.19 0.10
N VAL F 520 14.13 24.43 -0.42
CA VAL F 520 13.80 24.11 -1.79
C VAL F 520 14.60 24.99 -2.75
N TYR F 521 14.66 26.28 -2.44
CA TYR F 521 15.42 27.24 -3.19
C TYR F 521 16.87 26.82 -3.32
N GLU F 522 17.49 26.46 -2.19
CA GLU F 522 18.86 25.96 -2.15
C GLU F 522 19.07 24.69 -2.97
N ALA F 523 18.14 23.74 -2.90
CA ALA F 523 18.28 22.54 -3.70
C ALA F 523 18.20 22.91 -5.19
N CYS F 524 17.32 23.84 -5.54
CA CYS F 524 17.24 24.34 -6.92
C CYS F 524 18.55 25.01 -7.39
N GLN F 525 19.26 25.68 -6.48
CA GLN F 525 20.51 26.37 -6.88
C GLN F 525 21.59 25.33 -7.24
N THR F 526 21.68 24.28 -6.44
CA THR F 526 22.53 23.12 -6.72
C THR F 526 22.23 22.48 -8.11
N ILE F 527 20.95 22.34 -8.47
CA ILE F 527 20.59 21.78 -9.76
C ILE F 527 21.03 22.72 -10.89
N LEU F 528 20.74 24.01 -10.72
CA LEU F 528 21.19 25.05 -11.64
C LEU F 528 22.69 25.11 -11.87
N LYS F 529 23.50 25.03 -10.80
CA LYS F 529 24.98 24.97 -10.96
C LYS F 529 25.41 23.74 -11.82
N ARG F 530 24.86 22.58 -11.49
CA ARG F 530 25.21 21.35 -12.18
C ARG F 530 24.79 21.37 -13.64
N LEU F 531 23.66 22.01 -13.92
CA LEU F 531 23.18 22.13 -15.29
C LEU F 531 23.83 23.25 -16.10
N GLU F 532 24.56 24.16 -15.44
CA GLU F 532 25.13 25.34 -16.10
C GLU F 532 26.07 25.01 -17.28
N PRO F 533 26.99 24.01 -17.13
CA PRO F 533 27.89 23.71 -18.25
C PRO F 533 27.16 23.31 -19.55
N PHE F 534 26.02 22.63 -19.40
CA PHE F 534 25.26 22.07 -20.52
C PHE F 534 24.38 23.12 -21.12
N LYS F 535 23.93 24.06 -20.29
CA LYS F 535 23.29 25.29 -20.72
C LYS F 535 24.24 26.14 -21.60
N LYS F 536 25.53 26.17 -21.25
CA LYS F 536 26.50 26.94 -22.03
C LYS F 536 26.78 26.23 -23.37
N LYS F 537 26.87 24.90 -23.33
CA LYS F 537 27.15 24.11 -24.52
C LYS F 537 26.00 24.17 -25.50
N ASN F 538 24.80 24.45 -24.99
CA ASN F 538 23.59 24.50 -25.80
C ASN F 538 22.66 25.63 -25.35
N PRO F 539 23.08 26.91 -25.56
CA PRO F 539 22.42 28.10 -24.96
C PRO F 539 21.00 28.32 -25.47
N ASP F 540 20.74 27.78 -26.66
CA ASP F 540 19.43 27.91 -27.30
C ASP F 540 18.67 26.57 -27.31
N GLY F 541 19.13 25.59 -26.53
CA GLY F 541 18.38 24.34 -26.36
C GLY F 541 17.26 24.47 -25.34
N SER F 542 16.64 23.35 -24.97
CA SER F 542 15.57 23.38 -23.98
C SER F 542 16.00 22.71 -22.70
N TRP F 543 15.27 23.03 -21.61
CA TRP F 543 15.45 22.40 -20.27
C TRP F 543 15.65 20.88 -20.39
N GLU F 544 14.74 20.25 -21.13
CA GLU F 544 14.79 18.82 -21.42
C GLU F 544 16.13 18.35 -21.96
N ASP F 545 16.71 19.12 -22.90
CA ASP F 545 17.99 18.76 -23.53
C ASP F 545 19.16 18.91 -22.56
N TRP F 546 19.11 19.95 -21.72
CA TRP F 546 20.18 20.23 -20.76
C TRP F 546 20.21 19.11 -19.73
N VAL F 547 19.03 18.67 -19.31
CA VAL F 547 18.86 17.60 -18.33
C VAL F 547 19.36 16.24 -18.85
N MET F 548 18.98 15.91 -20.09
CA MET F 548 19.45 14.70 -20.76
C MET F 548 20.98 14.68 -21.02
N ALA F 549 21.52 15.82 -21.43
CA ALA F 549 22.95 15.98 -21.59
C ALA F 549 23.68 15.81 -20.25
N ALA F 550 23.06 16.31 -19.18
CA ALA F 550 23.60 16.17 -17.82
C ALA F 550 23.62 14.68 -17.38
N TYR F 551 22.51 13.99 -17.60
CA TYR F 551 22.40 12.56 -17.30
C TYR F 551 23.45 11.76 -18.04
N GLN F 552 23.59 12.02 -19.35
CA GLN F 552 24.55 11.30 -20.20
C GLN F 552 26.04 11.58 -19.90
N ASP F 553 26.33 12.73 -19.31
CA ASP F 553 27.68 13.06 -18.80
C ASP F 553 27.86 12.59 -17.36
N ARG F 554 26.88 11.84 -16.86
CA ARG F 554 26.90 11.34 -15.48
C ARG F 554 27.06 12.45 -14.46
N VAL F 555 26.17 13.44 -14.58
CA VAL F 555 25.95 14.44 -13.55
C VAL F 555 24.71 14.06 -12.77
N SER F 556 24.82 14.07 -11.44
CA SER F 556 23.70 13.74 -10.56
C SER F 556 22.59 14.79 -10.60
N LEU F 557 21.36 14.34 -10.82
CA LEU F 557 20.23 15.26 -10.94
C LEU F 557 19.35 15.13 -9.68
N SER F 558 20.02 14.89 -8.56
CA SER F 558 19.39 14.70 -7.26
C SER F 558 20.18 15.47 -6.21
N THR F 559 19.47 16.20 -5.36
CA THR F 559 20.11 17.00 -4.32
C THR F 559 19.22 17.24 -3.12
N THR F 560 19.85 17.29 -1.95
CA THR F 560 19.24 17.85 -0.75
C THR F 560 19.38 19.38 -0.74
N GLY F 561 18.61 20.02 0.11
CA GLY F 561 18.63 21.45 0.35
C GLY F 561 18.33 21.53 1.82
N PHE F 562 18.91 22.51 2.51
CA PHE F 562 18.74 22.65 3.94
C PHE F 562 18.78 24.12 4.33
N TYR F 563 17.98 24.48 5.33
CA TYR F 563 17.93 25.84 5.82
C TYR F 563 17.82 25.83 7.31
N ARG F 564 18.47 26.82 7.89
CA ARG F 564 18.61 26.92 9.32
C ARG F 564 18.43 28.41 9.59
N THR F 565 17.39 28.76 10.36
CA THR F 565 17.08 30.17 10.61
C THR F 565 18.19 30.84 11.45
N PRO F 566 18.79 31.92 10.93
CA PRO F 566 19.97 32.48 11.62
C PRO F 566 19.59 33.42 12.78
N ASN F 567 20.50 33.56 13.75
CA ASN F 567 20.42 34.64 14.74
C ASN F 567 19.26 34.51 15.75
N LEU F 568 18.87 33.28 16.06
CA LEU F 568 17.81 33.04 17.04
C LEU F 568 18.40 32.43 18.27
N GLY F 569 17.88 32.81 19.42
CA GLY F 569 18.33 32.27 20.70
C GLY F 569 18.07 33.26 21.80
N TYR F 570 16.84 33.25 22.33
CA TYR F 570 16.42 34.13 23.43
C TYR F 570 16.63 33.50 24.80
N SER F 571 17.15 34.28 25.74
CA SER F 571 17.39 33.77 27.08
C SER F 571 16.44 34.39 28.11
N PHE F 572 15.74 33.54 28.86
CA PHE F 572 14.92 34.01 29.98
C PHE F 572 15.72 34.55 31.18
N GLU F 573 17.04 34.34 31.15
CA GLU F 573 17.99 34.99 32.05
C GLU F 573 18.88 35.85 31.17
N THR F 574 19.02 37.13 31.52
CA THR F 574 19.59 38.16 30.62
C THR F 574 18.48 38.93 29.86
N ASN F 575 17.36 38.25 29.60
CA ASN F 575 16.23 38.81 28.82
C ASN F 575 16.72 39.41 27.49
N SER F 576 17.46 38.61 26.72
CA SER F 576 18.12 39.08 25.49
C SER F 576 18.30 37.95 24.47
N GLY F 577 18.70 38.30 23.26
CA GLY F 577 18.80 37.34 22.15
C GLY F 577 17.45 37.30 21.45
N ASN F 578 17.45 37.25 20.13
CA ASN F 578 16.21 37.25 19.38
C ASN F 578 15.34 36.01 19.59
N ALA F 579 14.06 36.25 19.87
CA ALA F 579 13.07 35.20 19.95
C ALA F 579 12.43 34.90 18.60
N PHE F 580 12.30 35.92 17.76
CA PHE F 580 11.64 35.75 16.46
C PHE F 580 12.49 36.31 15.35
N HIS F 581 12.29 35.82 14.14
CA HIS F 581 13.09 36.31 13.03
C HIS F 581 12.57 37.69 12.58
N TYR F 582 11.27 37.90 12.80
CA TYR F 582 10.52 39.08 12.32
C TYR F 582 9.06 38.98 12.84
N PHE F 583 8.26 40.03 12.67
CA PHE F 583 6.89 40.02 13.14
C PHE F 583 5.97 40.24 11.97
N THR F 584 4.82 39.58 12.00
CA THR F 584 3.77 39.88 11.06
C THR F 584 2.83 40.84 11.78
N TYR F 585 2.28 41.80 11.04
CA TYR F 585 1.48 42.89 11.61
C TYR F 585 0.13 42.96 10.89
N GLY F 586 -0.89 43.49 11.58
CA GLY F 586 -2.19 43.77 10.93
C GLY F 586 -3.13 44.57 11.80
N VAL F 587 -4.28 44.94 11.23
CA VAL F 587 -5.28 45.76 11.90
C VAL F 587 -6.67 45.40 11.37
N ALA F 588 -7.63 45.20 12.27
CA ALA F 588 -9.02 45.02 11.84
C ALA F 588 -9.98 45.99 12.54
N CYS F 589 -10.98 46.42 11.80
CA CYS F 589 -12.05 47.24 12.32
C CYS F 589 -13.34 46.44 12.16
N SER F 590 -14.08 46.28 13.26
CA SER F 590 -15.38 45.61 13.18
C SER F 590 -16.53 46.43 13.77
N GLU F 591 -17.71 46.25 13.19
CA GLU F 591 -18.95 46.83 13.69
C GLU F 591 -19.98 45.72 13.88
N VAL F 592 -20.64 45.72 15.02
CA VAL F 592 -21.66 44.72 15.32
C VAL F 592 -22.95 45.41 15.76
N GLU F 593 -24.05 44.69 15.74
CA GLU F 593 -25.29 45.16 16.33
C GLU F 593 -25.73 44.09 17.32
N ILE F 594 -25.97 44.47 18.56
CA ILE F 594 -26.49 43.52 19.55
C ILE F 594 -28.02 43.67 19.75
N ASP F 595 -28.68 42.56 20.05
CA ASP F 595 -30.08 42.57 20.48
C ASP F 595 -29.98 42.48 21.99
N CYS F 596 -30.22 43.58 22.67
CA CYS F 596 -30.09 43.67 24.13
C CYS F 596 -31.11 42.83 24.90
N LEU F 597 -32.19 42.44 24.22
CA LEU F 597 -33.18 41.60 24.86
C LEU F 597 -32.91 40.11 24.72
N THR F 598 -32.02 39.74 23.79
CA THR F 598 -31.72 38.32 23.56
C THR F 598 -30.27 37.89 23.73
N GLY F 599 -29.33 38.81 23.55
CA GLY F 599 -27.90 38.50 23.66
C GLY F 599 -27.34 38.15 22.30
N ASP F 600 -28.24 38.01 21.36
CA ASP F 600 -27.94 37.78 19.96
C ASP F 600 -27.23 39.00 19.35
N HIS F 601 -26.44 38.79 18.29
CA HIS F 601 -25.77 39.89 17.59
C HIS F 601 -25.61 39.62 16.09
N LYS F 602 -25.41 40.71 15.34
CA LYS F 602 -25.09 40.70 13.90
C LYS F 602 -23.70 41.26 13.70
N ASN F 603 -22.86 40.53 12.96
CA ASN F 603 -21.58 41.06 12.45
C ASN F 603 -21.83 41.87 11.20
N LEU F 604 -21.59 43.16 11.29
CA LEU F 604 -22.06 44.05 10.26
C LEU F 604 -20.99 44.29 9.22
N ARG F 605 -19.78 44.57 9.69
CA ARG F 605 -18.68 44.89 8.82
C ARG F 605 -17.33 44.71 9.48
N THR F 606 -16.37 44.18 8.72
CA THR F 606 -14.99 44.02 9.16
C THR F 606 -14.10 44.46 8.02
N ASP F 607 -13.12 45.30 8.32
CA ASP F 607 -12.06 45.66 7.40
C ASP F 607 -10.74 45.17 8.00
N ILE F 608 -9.96 44.44 7.21
CA ILE F 608 -8.65 43.97 7.67
C ILE F 608 -7.58 44.53 6.72
N VAL F 609 -6.46 44.96 7.31
CA VAL F 609 -5.28 45.29 6.56
C VAL F 609 -4.13 44.56 7.23
N MET F 610 -3.50 43.62 6.50
CA MET F 610 -2.40 42.80 7.01
C MET F 610 -1.14 43.07 6.23
N ASP F 611 -0.05 43.13 6.96
CA ASP F 611 1.27 43.20 6.38
C ASP F 611 1.81 41.78 6.25
N VAL F 612 1.90 41.30 5.01
CA VAL F 612 2.40 39.94 4.74
C VAL F 612 3.57 40.01 3.76
N GLY F 613 4.28 41.15 3.79
CA GLY F 613 5.41 41.42 2.91
C GLY F 613 4.95 41.37 1.48
N SER F 614 5.83 40.91 0.60
CA SER F 614 5.42 40.58 -0.78
C SER F 614 4.93 39.14 -0.84
N SER F 615 3.62 39.03 -0.94
CA SER F 615 2.92 37.76 -0.90
C SER F 615 3.45 36.85 -2.02
N LEU F 616 3.74 35.59 -1.70
CA LEU F 616 4.07 34.61 -2.74
C LEU F 616 2.83 34.27 -3.58
N ASN F 617 1.68 34.29 -2.93
CA ASN F 617 0.42 33.99 -3.59
C ASN F 617 -0.65 34.80 -2.86
N PRO F 618 -1.05 35.95 -3.43
CA PRO F 618 -2.13 36.83 -2.93
C PRO F 618 -3.43 36.12 -2.58
N ALA F 619 -3.91 35.26 -3.47
CA ALA F 619 -5.12 34.46 -3.27
C ALA F 619 -5.07 33.57 -2.02
N ILE F 620 -3.93 32.94 -1.81
CA ILE F 620 -3.75 31.99 -0.75
C ILE F 620 -3.67 32.78 0.55
N ASP F 621 -2.85 33.83 0.56
CA ASP F 621 -2.66 34.66 1.75
C ASP F 621 -3.91 35.38 2.23
N ILE F 622 -4.70 35.91 1.29
CA ILE F 622 -5.99 36.51 1.63
C ILE F 622 -6.91 35.42 2.25
N GLY F 623 -6.88 34.21 1.72
CA GLY F 623 -7.66 33.10 2.31
C GLY F 623 -7.17 32.66 3.67
N GLN F 624 -5.88 32.90 3.96
CA GLN F 624 -5.36 32.60 5.27
C GLN F 624 -5.84 33.62 6.28
N VAL F 625 -5.71 34.88 5.92
CA VAL F 625 -6.24 35.99 6.68
C VAL F 625 -7.72 35.83 7.02
N GLU F 626 -8.56 35.54 6.03
CA GLU F 626 -10.01 35.35 6.27
C GLU F 626 -10.34 34.14 7.13
N GLY F 627 -9.56 33.07 6.95
CA GLY F 627 -9.90 31.82 7.59
C GLY F 627 -9.47 31.93 9.02
N ALA F 628 -8.30 32.51 9.24
CA ALA F 628 -7.81 32.76 10.59
C ALA F 628 -8.79 33.67 11.33
N PHE F 629 -9.10 34.84 10.74
CA PHE F 629 -10.03 35.79 11.33
C PHE F 629 -11.36 35.15 11.72
N VAL F 630 -11.86 34.25 10.88
CA VAL F 630 -13.10 33.55 11.23
C VAL F 630 -12.90 32.54 12.38
N GLN F 631 -11.72 31.92 12.45
CA GLN F 631 -11.48 31.03 13.58
C GLN F 631 -11.37 31.79 14.89
N GLY F 632 -10.87 33.03 14.80
CA GLY F 632 -10.84 34.02 15.89
C GLY F 632 -12.20 34.49 16.34
N LEU F 633 -13.04 34.95 15.41
CA LEU F 633 -14.40 35.24 15.80
C LEU F 633 -15.01 34.04 16.55
N GLY F 634 -14.81 32.82 16.07
CA GLY F 634 -15.29 31.63 16.74
C GLY F 634 -14.80 31.56 18.17
N LEU F 635 -13.49 31.66 18.34
CA LEU F 635 -12.84 31.71 19.66
C LEU F 635 -13.47 32.72 20.64
N PHE F 636 -13.70 33.92 20.14
CA PHE F 636 -14.08 35.04 20.96
C PHE F 636 -15.60 35.24 21.10
N THR F 637 -16.39 34.68 20.19
CA THR F 637 -17.81 34.98 20.19
C THR F 637 -18.79 33.80 20.21
N LEU F 638 -18.34 32.60 19.85
CA LEU F 638 -19.32 31.54 19.51
C LEU F 638 -19.04 30.17 20.16
N GLU F 639 -17.78 29.78 20.16
CA GLU F 639 -17.42 28.44 20.48
C GLU F 639 -17.19 28.34 21.98
N GLU F 640 -17.88 27.40 22.61
CA GLU F 640 -17.78 27.25 24.06
C GLU F 640 -17.78 25.77 24.42
N LEU F 641 -16.70 25.30 25.04
CA LEU F 641 -16.67 23.95 25.53
C LEU F 641 -17.22 23.97 26.93
N HIS F 642 -18.01 22.95 27.27
CA HIS F 642 -18.66 22.85 28.55
C HIS F 642 -18.51 21.47 29.18
N TYR F 643 -18.15 21.46 30.47
CA TYR F 643 -17.84 20.24 31.23
C TYR F 643 -18.79 20.09 32.39
N SER F 644 -19.04 18.86 32.82
CA SER F 644 -19.80 18.60 34.02
C SER F 644 -18.94 18.94 35.24
N PRO F 645 -19.56 19.07 36.44
CA PRO F 645 -18.73 19.38 37.61
C PRO F 645 -17.69 18.28 37.87
N GLU F 646 -17.97 17.09 37.35
CA GLU F 646 -17.09 15.93 37.45
C GLU F 646 -15.96 15.90 36.39
N GLY F 647 -15.94 16.89 35.50
CA GLY F 647 -14.86 17.07 34.51
C GLY F 647 -15.07 16.35 33.18
N SER F 648 -16.33 16.04 32.88
CA SER F 648 -16.69 15.34 31.65
C SER F 648 -17.32 16.29 30.63
N LEU F 649 -16.77 16.28 29.42
CA LEU F 649 -17.16 17.20 28.35
C LEU F 649 -18.56 16.90 27.88
N HIS F 650 -19.40 17.94 27.81
CA HIS F 650 -20.79 17.80 27.36
C HIS F 650 -20.91 18.07 25.87
N THR F 651 -20.06 18.98 25.40
CA THR F 651 -20.16 19.53 24.05
C THR F 651 -19.23 18.77 23.13
N ARG F 652 -19.81 17.77 22.45
CA ARG F 652 -19.01 16.78 21.72
C ARG F 652 -19.39 16.64 20.23
N GLY F 653 -20.11 17.58 19.68
CA GLY F 653 -20.43 17.55 18.25
C GLY F 653 -20.85 18.92 17.77
N PRO F 654 -21.15 19.07 16.46
CA PRO F 654 -21.63 20.37 15.99
C PRO F 654 -23.01 20.84 16.53
N SER F 655 -23.80 19.94 17.12
CA SER F 655 -25.10 20.34 17.72
C SER F 655 -24.91 21.09 19.03
N THR F 656 -23.79 20.83 19.72
CA THR F 656 -23.53 21.44 21.03
C THR F 656 -22.33 22.37 21.01
N TYR F 657 -21.54 22.31 19.94
CA TYR F 657 -20.35 23.14 19.78
C TYR F 657 -20.43 23.90 18.47
N LYS F 658 -20.63 25.20 18.51
CA LYS F 658 -20.94 25.92 17.28
C LYS F 658 -19.71 26.64 16.78
N ILE F 659 -19.14 26.14 15.69
CA ILE F 659 -18.12 26.90 14.97
C ILE F 659 -18.86 27.82 13.98
N PRO F 660 -18.18 28.90 13.53
CA PRO F 660 -18.81 29.83 12.56
C PRO F 660 -19.45 29.15 11.35
N ALA F 661 -20.66 29.62 11.01
CA ALA F 661 -21.41 29.09 9.89
C ALA F 661 -21.29 30.08 8.73
N PHE F 662 -21.76 29.68 7.53
CA PHE F 662 -21.83 30.60 6.38
C PHE F 662 -22.43 31.91 6.81
N GLY F 663 -23.52 31.86 7.59
CA GLY F 663 -24.21 33.05 8.07
C GLY F 663 -23.59 33.71 9.29
N SER F 664 -22.43 33.27 9.74
CA SER F 664 -21.84 33.91 10.90
C SER F 664 -21.01 35.06 10.48
N ILE F 665 -20.56 35.08 9.23
CA ILE F 665 -19.54 36.05 8.84
C ILE F 665 -20.08 37.48 8.64
N PRO F 666 -19.20 38.49 8.80
CA PRO F 666 -19.58 39.88 8.62
C PRO F 666 -20.21 40.09 7.26
N THR F 667 -21.36 40.77 7.25
CA THR F 667 -22.10 41.09 6.01
C THR F 667 -21.20 41.75 4.95
N GLU F 668 -20.41 42.72 5.37
CA GLU F 668 -19.39 43.29 4.50
C GLU F 668 -18.06 42.93 5.11
N PHE F 669 -17.17 42.34 4.30
CA PHE F 669 -15.99 41.64 4.78
C PHE F 669 -14.85 41.97 3.82
N ARG F 670 -14.03 42.96 4.19
CA ARG F 670 -12.94 43.42 3.32
C ARG F 670 -11.58 43.06 3.89
N VAL F 671 -10.77 42.34 3.12
CA VAL F 671 -9.37 42.08 3.46
C VAL F 671 -8.48 42.72 2.38
N SER F 672 -7.50 43.51 2.79
CA SER F 672 -6.49 44.05 1.89
C SER F 672 -5.13 43.67 2.42
N LEU F 673 -4.22 43.42 1.48
CA LEU F 673 -2.81 43.19 1.80
C LEU F 673 -2.05 44.49 1.58
N LEU F 674 -1.26 44.88 2.57
CA LEU F 674 -0.50 46.13 2.53
C LEU F 674 0.49 46.17 1.36
N ARG F 675 0.46 47.27 0.59
CA ARG F 675 1.33 47.43 -0.58
C ARG F 675 2.72 47.95 -0.22
N ASP F 676 3.66 47.76 -1.13
CA ASP F 676 5.09 48.11 -0.97
C ASP F 676 5.72 47.92 0.43
N CYS F 677 5.68 46.70 0.97
CA CYS F 677 6.42 46.41 2.20
C CYS F 677 7.19 45.09 2.18
N PRO F 678 8.26 44.99 1.34
CA PRO F 678 9.03 43.74 1.20
C PRO F 678 9.76 43.36 2.49
N ASN F 679 9.72 42.07 2.84
CA ASN F 679 10.41 41.57 4.03
C ASN F 679 11.77 41.04 3.65
N LYS F 680 12.83 41.68 4.12
CA LYS F 680 14.20 41.24 3.87
C LYS F 680 14.52 39.85 4.44
N LYS F 681 13.76 39.43 5.43
CA LYS F 681 14.12 38.28 6.25
C LYS F 681 13.61 36.91 5.75
N ALA F 682 12.76 36.90 4.72
CA ALA F 682 12.15 35.66 4.26
C ALA F 682 12.14 35.55 2.74
N ILE F 683 11.87 34.35 2.24
CA ILE F 683 11.95 33.98 0.84
C ILE F 683 11.14 34.91 -0.06
N TYR F 684 11.81 35.46 -1.07
CA TYR F 684 11.23 36.41 -2.03
C TYR F 684 10.42 37.51 -1.34
N ALA F 685 10.99 38.03 -0.26
CA ALA F 685 10.47 39.15 0.53
C ALA F 685 9.08 39.00 1.14
N SER F 686 8.56 37.77 1.20
CA SER F 686 7.25 37.43 1.83
C SER F 686 7.26 37.38 3.37
N LYS F 687 6.06 37.28 3.96
CA LYS F 687 5.89 37.03 5.40
C LYS F 687 4.95 35.84 5.70
N ALA F 688 5.22 35.16 6.82
CA ALA F 688 4.29 34.20 7.45
C ALA F 688 2.90 34.78 7.61
N VAL F 689 1.89 34.02 7.21
CA VAL F 689 0.52 34.51 7.29
C VAL F 689 -0.50 33.58 8.06
N GLY F 690 -0.11 32.34 8.38
CA GLY F 690 -1.10 31.34 8.87
C GLY F 690 -1.80 31.67 10.20
N GLU F 691 -1.00 31.94 11.23
CA GLU F 691 -1.50 32.27 12.57
C GLU F 691 -1.78 33.76 12.87
N PRO F 692 -0.95 34.71 12.33
CA PRO F 692 -1.09 36.10 12.78
C PRO F 692 -2.48 36.76 12.69
N PRO F 693 -3.29 36.42 11.67
CA PRO F 693 -4.59 37.13 11.64
C PRO F 693 -5.66 36.63 12.62
N LEU F 694 -5.50 35.45 13.21
CA LEU F 694 -6.56 34.88 14.03
C LEU F 694 -7.07 35.86 15.10
N PHE F 695 -6.13 36.47 15.84
CA PHE F 695 -6.43 37.39 16.93
C PHE F 695 -7.26 38.62 16.52
N LEU F 696 -7.08 39.08 15.30
CA LEU F 696 -7.87 40.17 14.79
C LEU F 696 -9.37 39.88 14.86
N GLY F 697 -9.77 38.61 15.04
CA GLY F 697 -11.16 38.27 15.37
C GLY F 697 -11.67 38.93 16.66
N ALA F 698 -10.73 39.32 17.54
CA ALA F 698 -11.06 40.01 18.79
C ALA F 698 -11.70 41.38 18.57
N SER F 699 -11.46 42.00 17.41
CA SER F 699 -12.11 43.23 17.05
C SER F 699 -13.65 43.09 17.10
N VAL F 700 -14.15 41.87 16.91
CA VAL F 700 -15.61 41.59 17.08
C VAL F 700 -15.95 41.51 18.56
N PHE F 701 -14.99 41.07 19.39
CA PHE F 701 -15.28 40.96 20.82
C PHE F 701 -15.39 42.36 21.41
N PHE F 702 -14.48 43.23 21.04
CA PHE F 702 -14.42 44.58 21.62
C PHE F 702 -15.41 45.53 20.97
N ALA F 703 -15.91 45.18 19.78
CA ALA F 703 -17.04 45.89 19.19
C ALA F 703 -18.34 45.54 19.95
N ILE F 704 -18.51 44.27 20.30
CA ILE F 704 -19.62 43.81 21.15
C ILE F 704 -19.58 44.46 22.54
N LYS F 705 -18.38 44.53 23.11
CA LYS F 705 -18.15 45.15 24.43
C LYS F 705 -18.53 46.63 24.47
N ASP F 706 -18.18 47.35 23.41
CA ASP F 706 -18.57 48.76 23.19
C ASP F 706 -20.12 48.90 23.13
N ALA F 707 -20.75 47.99 22.38
CA ALA F 707 -22.20 47.94 22.28
C ALA F 707 -22.88 47.63 23.64
N ILE F 708 -22.35 46.69 24.41
CA ILE F 708 -22.86 46.42 25.77
C ILE F 708 -22.71 47.68 26.66
N ARG F 709 -21.63 48.44 26.45
CA ARG F 709 -21.42 49.67 27.20
C ARG F 709 -22.52 50.67 26.89
N ALA F 710 -22.97 50.66 25.65
CA ALA F 710 -24.05 51.54 25.22
C ALA F 710 -25.38 51.12 25.81
N ALA F 711 -25.63 49.81 25.87
CA ALA F 711 -26.83 49.25 26.50
C ALA F 711 -26.80 49.48 28.01
N ARG F 712 -25.63 49.44 28.61
CA ARG F 712 -25.54 49.67 30.04
C ARG F 712 -25.85 51.13 30.41
N ALA F 713 -25.37 52.06 29.59
CA ALA F 713 -25.66 53.48 29.73
C ALA F 713 -27.16 53.76 29.58
N GLN F 714 -27.80 53.01 28.69
CA GLN F 714 -29.23 53.14 28.44
C GLN F 714 -30.06 52.65 29.61
N HIS F 715 -29.66 51.53 30.24
CA HIS F 715 -30.54 50.86 31.22
C HIS F 715 -29.97 50.58 32.64
N THR F 716 -28.65 50.70 32.86
CA THR F 716 -28.07 50.29 34.17
C THR F 716 -27.50 51.43 35.05
N ASN F 717 -26.40 52.04 34.60
CA ASN F 717 -25.68 53.07 35.36
C ASN F 717 -25.54 54.36 34.55
N ASN F 718 -25.23 55.46 35.23
CA ASN F 718 -24.86 56.72 34.57
C ASN F 718 -23.33 56.87 34.52
N ASN F 719 -22.65 55.97 35.24
CA ASN F 719 -21.21 55.98 35.33
C ASN F 719 -20.61 55.51 34.00
N THR F 720 -20.11 56.49 33.23
CA THR F 720 -19.37 56.21 31.99
C THR F 720 -18.11 55.39 32.29
N LYS F 721 -17.33 55.87 33.26
CA LYS F 721 -16.02 55.32 33.58
C LYS F 721 -16.16 54.05 34.42
N GLU F 722 -17.27 53.36 34.18
CA GLU F 722 -17.56 52.04 34.76
C GLU F 722 -16.79 50.97 34.03
N LEU F 723 -16.26 50.02 34.80
CA LEU F 723 -15.68 48.81 34.21
C LEU F 723 -16.60 47.65 34.56
N PHE F 724 -16.75 46.69 33.64
CA PHE F 724 -17.47 45.45 33.97
C PHE F 724 -16.73 44.30 33.36
N ARG F 725 -16.86 43.12 33.95
CA ARG F 725 -16.08 41.99 33.47
C ARG F 725 -16.83 41.24 32.38
N LEU F 726 -16.17 41.12 31.22
CA LEU F 726 -16.69 40.30 30.14
C LEU F 726 -15.61 39.29 29.71
N ASP F 727 -15.87 38.03 30.05
CA ASP F 727 -14.96 36.94 29.69
C ASP F 727 -15.15 36.52 28.20
N SER F 728 -14.14 35.82 27.66
CA SER F 728 -14.27 35.17 26.35
C SER F 728 -14.65 33.69 26.54
N PRO F 729 -15.57 33.14 25.70
CA PRO F 729 -16.28 33.75 24.57
C PRO F 729 -17.49 34.61 24.99
N ALA F 730 -17.64 35.79 24.39
CA ALA F 730 -18.82 36.58 24.67
C ALA F 730 -20.00 35.98 23.90
N THR F 731 -20.59 34.91 24.45
CA THR F 731 -21.76 34.22 23.84
C THR F 731 -23.08 34.94 24.12
N PRO F 732 -24.20 34.53 23.51
CA PRO F 732 -25.44 35.21 23.86
C PRO F 732 -25.76 35.30 25.37
N GLU F 733 -25.45 34.23 26.12
CA GLU F 733 -25.58 34.21 27.61
C GLU F 733 -24.81 35.35 28.27
N LYS F 734 -23.54 35.48 27.92
CA LYS F 734 -22.68 36.50 28.50
C LYS F 734 -23.11 37.89 28.06
N ILE F 735 -23.45 38.04 26.80
CA ILE F 735 -23.90 39.35 26.31
C ILE F 735 -25.18 39.81 27.01
N ARG F 736 -26.18 38.93 27.03
CA ARG F 736 -27.46 39.25 27.66
C ARG F 736 -27.36 39.57 29.16
N ASN F 737 -26.62 38.77 29.89
CA ASN F 737 -26.42 38.99 31.34
C ASN F 737 -25.72 40.32 31.63
N ALA F 738 -24.95 40.81 30.66
CA ALA F 738 -24.14 42.04 30.84
C ALA F 738 -24.96 43.28 30.50
N CYS F 739 -26.04 43.06 29.75
CA CYS F 739 -27.03 44.11 29.47
C CYS F 739 -28.07 44.18 30.59
N VAL F 740 -27.62 44.64 31.77
CA VAL F 740 -28.43 44.73 32.99
C VAL F 740 -29.65 45.63 32.74
N ASP F 741 -30.85 45.14 33.04
CA ASP F 741 -32.06 45.96 32.85
C ASP F 741 -33.18 45.53 33.77
N LYS F 742 -34.41 46.03 33.49
CA LYS F 742 -35.59 45.69 34.30
C LYS F 742 -35.94 44.20 34.24
N PHE F 743 -35.39 43.50 33.25
CA PHE F 743 -35.62 42.06 33.18
C PHE F 743 -34.57 41.24 33.92
N THR F 744 -33.29 41.57 33.76
CA THR F 744 -32.23 40.83 34.47
C THR F 744 -32.36 40.98 35.99
N THR F 745 -32.91 42.15 36.38
CA THR F 745 -33.41 42.42 37.71
C THR F 745 -34.97 42.35 37.68
FE1 FES G . 17.44 -18.29 -5.08
FE2 FES G . 17.50 -20.93 -4.19
S1 FES G . 18.29 -19.09 -3.18
S2 FES G . 16.46 -20.08 -5.88
FE1 FES H . 4.70 -26.62 -7.10
FE2 FES H . 6.95 -25.74 -8.69
S1 FES H . 6.41 -27.70 -7.87
S2 FES H . 5.21 -24.62 -7.92
PA FAD I . -4.09 -38.56 -11.57
O1A FAD I . -3.57 -37.28 -12.18
O2A FAD I . -5.11 -38.29 -10.49
O5B FAD I . -4.80 -39.41 -12.74
C5B FAD I . -4.08 -39.90 -13.87
C4B FAD I . -4.97 -40.64 -14.85
O4B FAD I . -5.27 -41.95 -14.39
C3B FAD I . -6.28 -39.91 -14.97
O3B FAD I . -6.66 -39.90 -16.33
C2B FAD I . -7.24 -40.71 -14.12
O2B FAD I . -8.51 -40.60 -14.70
C1B FAD I . -6.67 -42.10 -14.23
N9A FAD I . -6.81 -43.04 -13.10
C8A FAD I . -6.25 -42.94 -11.86
N7A FAD I . -6.56 -44.06 -11.16
C5A FAD I . -7.30 -44.87 -11.95
C6A FAD I . -7.87 -46.11 -11.72
N6A FAD I . -7.35 -46.85 -10.77
N1A FAD I . -8.57 -46.73 -12.73
C2A FAD I . -8.72 -46.12 -13.96
N3A FAD I . -8.15 -44.88 -14.18
C4A FAD I . -7.45 -44.25 -13.18
N1 FAD I . 6.15 -40.59 -15.01
C2 FAD I . 7.12 -41.44 -15.51
O2 FAD I . 6.78 -42.49 -16.01
N3 FAD I . 8.46 -41.12 -15.44
C4 FAD I . 8.85 -39.93 -14.85
O4 FAD I . 10.06 -39.60 -14.79
C4X FAD I . 7.89 -39.09 -14.33
N5 FAD I . 8.29 -37.93 -13.74
C5X FAD I . 7.37 -37.06 -13.23
C6 FAD I . 7.83 -35.87 -12.67
C7 FAD I . 6.91 -34.97 -12.15
C7M FAD I . 7.38 -33.67 -11.56
C8 FAD I . 5.54 -35.27 -12.21
C8M FAD I . 4.51 -34.25 -11.79
C9 FAD I . 5.11 -36.46 -12.78
C9A FAD I . 6.01 -37.38 -13.30
N10 FAD I . 5.58 -38.56 -13.87
C10 FAD I . 6.53 -39.42 -14.40
C1' FAD I . 4.12 -38.91 -14.09
C2' FAD I . 3.53 -39.37 -12.75
O2' FAD I . 4.26 -40.47 -12.23
C3' FAD I . 2.06 -39.68 -12.97
O3' FAD I . 1.45 -38.43 -13.28
C4' FAD I . 1.34 -40.23 -11.73
O4' FAD I . 1.73 -41.53 -11.28
C5' FAD I . -0.15 -40.27 -12.05
O5' FAD I . -0.75 -40.63 -10.85
P FAD I . -1.74 -39.65 -10.08
O1P FAD I . -2.11 -40.42 -8.87
O2P FAD I . -1.24 -38.27 -9.84
O3P FAD I . -2.98 -39.64 -11.12
N1 MTE J . 22.99 -13.94 -7.60
C2 MTE J . 21.68 -14.12 -7.21
N2 MTE J . 21.38 -14.76 -6.07
N3 MTE J . 20.65 -13.69 -7.92
C4 MTE J . 20.77 -13.04 -9.10
O4 MTE J . 19.73 -12.69 -9.72
N5 MTE J . 22.43 -12.13 -10.79
C6 MTE J . 23.80 -12.18 -11.29
C7 MTE J . 24.78 -11.98 -10.16
N8 MTE J . 24.52 -13.02 -9.16
C9 MTE J . 22.15 -12.78 -9.61
C10 MTE J . 23.26 -13.27 -8.75
C1' MTE J . 24.03 -11.13 -12.33
S1' MTE J . 23.35 -11.42 -13.84
C2' MTE J . 24.69 -9.97 -12.06
S2' MTE J . 24.95 -8.82 -13.28
C3' MTE J . 25.16 -9.67 -10.66
O3' MTE J . 24.64 -10.60 -9.69
C4' MTE J . 24.75 -8.21 -10.41
O4' MTE J . 24.72 -7.77 -9.07
P MTE J . 26.11 -7.18 -8.40
O1P MTE J . 26.47 -6.03 -9.34
O2P MTE J . 26.92 -8.42 -8.50
O3P MTE J . 25.69 -6.69 -7.06
S1 RMO K . 23.85 -9.37 -17.05
AS1 RMO K . 24.58 -7.89 -17.67
MO1 RMO K . 23.39 -9.31 -14.94
O1 RMO K . 24.62 -7.79 -15.48
O2 RMO K . 22.00 -8.39 -15.04
O3 RMO K . 25.56 -6.47 -18.12
FE1 FES L . -11.08 22.96 4.90
FE2 FES L . -13.53 23.62 4.13
S1 FES L . -11.65 23.84 3.02
S2 FES L . -12.94 22.54 5.97
FE1 FES M . -22.90 13.73 7.93
FE2 FES M . -21.37 15.65 9.42
S1 FES M . -23.39 15.76 8.54
S2 FES M . -20.76 13.70 8.60
PA FAD N . -37.09 9.64 13.22
O1A FAD N . -35.64 9.74 13.67
O2A FAD N . -37.33 8.72 12.07
O5B FAD N . -38.04 9.28 14.45
C5B FAD N . -38.19 10.20 15.49
C4B FAD N . -39.00 9.60 16.63
O4B FAD N . -40.36 9.83 16.37
C3B FAD N . -38.83 8.11 16.78
O3B FAD N . -39.11 7.84 18.13
C2B FAD N . -39.99 7.55 15.97
O2B FAD N . -40.45 6.31 16.45
C1B FAD N . -41.06 8.60 16.17
N9A FAD N . -42.05 8.79 15.11
C8A FAD N . -41.84 9.31 13.85
N7A FAD N . -43.04 9.32 13.21
C5A FAD N . -44.00 8.86 14.03
C6A FAD N . -45.38 8.68 13.86
N6A FAD N . -45.99 9.08 12.73
N1A FAD N . -46.10 8.14 14.92
C2A FAD N . -45.47 7.81 16.10
N3A FAD N . -44.11 7.97 16.26
C4A FAD N . -43.39 8.51 15.24
N1 FAD N . -35.28 20.12 16.24
C2 FAD N . -35.73 21.33 16.69
O2 FAD N . -36.82 21.40 17.25
N3 FAD N . -34.96 22.47 16.51
C4 FAD N . -33.75 22.41 15.87
O4 FAD N . -33.08 23.43 15.73
C4X FAD N . -33.29 21.20 15.40
N5 FAD N . -32.07 21.11 14.76
C5X FAD N . -31.62 19.89 14.28
C6 FAD N . -30.39 19.84 13.64
C7 FAD N . -29.88 18.64 13.16
C7M FAD N . -28.39 18.52 13.13
C8 FAD N . -30.66 17.48 13.33
C8M FAD N . -30.27 16.24 12.59
C9 FAD N . -31.90 17.51 13.98
C9A FAD N . -32.39 18.72 14.46
N10 FAD N . -33.64 18.82 15.10
C10 FAD N . -34.08 20.05 15.57
C1' FAD N . -34.52 17.62 15.35
C2' FAD N . -35.31 17.23 14.10
O2' FAD N . -36.38 18.14 13.89
C3' FAD N . -35.83 15.82 14.33
O3' FAD N . -34.74 14.93 14.38
C4' FAD N . -36.76 15.33 13.24
O4' FAD N . -37.85 16.19 13.02
C5' FAD N . -37.27 13.94 13.61
O5' FAD N . -37.89 13.45 12.45
P FAD N . -37.36 12.09 11.80
O1P FAD N . -38.31 11.85 10.66
O2P FAD N . -35.90 12.18 11.36
O3P FAD N . -37.67 11.10 12.99
N1 MTE O . -5.01 26.60 6.97
C2 MTE O . -5.70 25.48 6.71
N2 MTE O . -6.51 25.46 5.62
N3 MTE O . -5.62 24.39 7.49
C4 MTE O . -4.86 24.38 8.59
O4 MTE O . -4.76 23.38 9.32
N5 MTE O . -3.27 25.59 10.02
C6 MTE O . -2.85 26.91 10.49
C7 MTE O . -2.45 27.82 9.32
N8 MTE O . -3.47 27.82 8.30
C9 MTE O . -4.04 25.54 8.93
C10 MTE O . -4.17 26.70 8.04
C1' MTE O . -1.71 26.80 11.45
S1' MTE O . -2.10 26.24 13.00
C2' MTE O . -0.44 27.08 11.06
S2' MTE O . 0.88 26.91 12.08
C3' MTE O . -0.13 27.53 9.66
O3' MTE O . -1.25 27.27 8.77
C4' MTE O . 1.10 26.73 9.29
O4' MTE O . 1.35 26.65 7.90
P MTE O . 2.51 27.51 7.21
O1P MTE O . 3.69 27.47 8.16
O2P MTE O . 1.77 28.84 7.13
O3P MTE O . 2.73 26.75 5.92
S1 RMO P . -0.74 26.13 15.93
AS1 RMO P . 1.54 26.39 16.57
MO1 RMO P . 0.02 25.79 13.98
O1 RMO P . 1.92 25.85 14.75
O2 RMO P . -0.05 24.14 14.10
O3 RMO P . 2.44 27.90 16.88
#